data_2OO9
# 
_entry.id   2OO9 
# 
_audit_conform.dict_name       mmcif_pdbx.dic 
_audit_conform.dict_version    5.398 
_audit_conform.dict_location   http://mmcif.pdb.org/dictionaries/ascii/mmcif_pdbx.dic 
# 
loop_
_database_2.database_id 
_database_2.database_code 
_database_2.pdbx_database_accession 
_database_2.pdbx_DOI 
PDB   2OO9         pdb_00002oo9 10.2210/pdb2oo9/pdb 
RCSB  RCSB041381   ?            ?                   
WWPDB D_1000041381 ?            ?                   
# 
loop_
_pdbx_audit_revision_history.ordinal 
_pdbx_audit_revision_history.data_content_type 
_pdbx_audit_revision_history.major_revision 
_pdbx_audit_revision_history.minor_revision 
_pdbx_audit_revision_history.revision_date 
1 'Structure model' 1 0 2007-02-06 
2 'Structure model' 1 1 2008-05-01 
3 'Structure model' 1 2 2011-07-13 
4 'Structure model' 1 3 2023-12-27 
5 'Structure model' 1 4 2024-10-30 
# 
_pdbx_audit_revision_details.ordinal             1 
_pdbx_audit_revision_details.revision_ordinal    1 
_pdbx_audit_revision_details.data_content_type   'Structure model' 
_pdbx_audit_revision_details.provider            repository 
_pdbx_audit_revision_details.type                'Initial release' 
_pdbx_audit_revision_details.description         ? 
_pdbx_audit_revision_details.details             ? 
# 
loop_
_pdbx_audit_revision_group.ordinal 
_pdbx_audit_revision_group.revision_ordinal 
_pdbx_audit_revision_group.data_content_type 
_pdbx_audit_revision_group.group 
1 2 'Structure model' 'Version format compliance' 
2 3 'Structure model' Advisory                    
3 3 'Structure model' 'Version format compliance' 
4 4 'Structure model' 'Data collection'           
5 4 'Structure model' 'Database references'       
6 4 'Structure model' 'Derived calculations'      
7 5 'Structure model' 'Structure summary'         
# 
loop_
_pdbx_audit_revision_category.ordinal 
_pdbx_audit_revision_category.revision_ordinal 
_pdbx_audit_revision_category.data_content_type 
_pdbx_audit_revision_category.category 
1 4 'Structure model' chem_comp_atom            
2 4 'Structure model' chem_comp_bond            
3 4 'Structure model' database_2                
4 4 'Structure model' struct_conn               
5 4 'Structure model' struct_ref_seq_dif        
6 5 'Structure model' pdbx_entry_details        
7 5 'Structure model' pdbx_modification_feature 
# 
loop_
_pdbx_audit_revision_item.ordinal 
_pdbx_audit_revision_item.revision_ordinal 
_pdbx_audit_revision_item.data_content_type 
_pdbx_audit_revision_item.item 
1 4 'Structure model' '_database_2.pdbx_DOI'                
2 4 'Structure model' '_database_2.pdbx_database_accession' 
3 4 'Structure model' '_struct_conn.pdbx_leaving_atom_flag' 
4 4 'Structure model' '_struct_ref_seq_dif.details'         
# 
_pdbx_database_status.status_code                     REL 
_pdbx_database_status.entry_id                        2OO9 
_pdbx_database_status.recvd_initial_deposition_date   2007-01-25 
_pdbx_database_status.deposit_site                    RCSB 
_pdbx_database_status.process_site                    RCSB 
_pdbx_database_status.status_code_sf                  REL 
_pdbx_database_status.status_code_mr                  ? 
_pdbx_database_status.SG_entry                        ? 
_pdbx_database_status.pdb_format_compatible           Y 
_pdbx_database_status.status_code_cs                  ? 
_pdbx_database_status.status_code_nmr_data            ? 
_pdbx_database_status.methods_development_category    ? 
# 
loop_
_pdbx_database_related.db_name 
_pdbx_database_related.db_id 
_pdbx_database_related.details 
_pdbx_database_related.content_type 
PDB 2OOA . unspecified 
PDB 2OOB . unspecified 
# 
loop_
_audit_author.name 
_audit_author.pdbx_ordinal 
'Kozlov, G.'  1 
'Gehring, K.' 2 
# 
_citation.id                        primary 
_citation.title                     'Structural basis for UBA-mediated dimerization of c-Cbl ubiquitin ligase.' 
_citation.journal_abbrev            J.Biol.Chem. 
_citation.journal_volume            282 
_citation.page_first                27547 
_citation.page_last                 27555 
_citation.year                      2007 
_citation.journal_id_ASTM           JBCHA3 
_citation.country                   US 
_citation.journal_id_ISSN           0021-9258 
_citation.journal_id_CSD            0071 
_citation.book_publisher            ? 
_citation.pdbx_database_id_PubMed   17635922 
_citation.pdbx_database_id_DOI      10.1074/jbc.M703333200 
# 
loop_
_citation_author.citation_id 
_citation_author.name 
_citation_author.ordinal 
_citation_author.identifier_ORCID 
primary 'Kozlov, G.'       1 ? 
primary 'Peschard, P.'     2 ? 
primary 'Zimmerman, B.'    3 ? 
primary 'Lin, T.'          4 ? 
primary 'Moldoveanu, T.'   5 ? 
primary 'Mansur-Azzam, N.' 6 ? 
primary 'Gehring, K.'      7 ? 
primary 'Park, M.'         8 ? 
# 
loop_
_entity.id 
_entity.type 
_entity.src_method 
_entity.pdbx_description 
_entity.formula_weight 
_entity.pdbx_number_of_molecules 
_entity.pdbx_ec 
_entity.pdbx_mutation 
_entity.pdbx_fragment 
_entity.details 
1 polymer man 'E3 ubiquitin-protein ligase CBL' 5172.457 3  6.3.2.- ? 'UBA domain' ? 
2 water   nat water                             18.015   73 ?       ? ?            ? 
# 
_entity_name_com.entity_id   1 
_entity_name_com.name        
'Signal transduction protein CBL, Proto-oncogene c-CBL, Casitas B-lineage lymphoma proto-oncogene, RING finger protein 55' 
# 
_entity_poly.entity_id                      1 
_entity_poly.type                           'polypeptide(L)' 
_entity_poly.nstd_linkage                   no 
_entity_poly.nstd_monomer                   yes 
_entity_poly.pdbx_seq_one_letter_code       'GSQLSSEIENL(MSE)SQGYSYQDIQKALVIAQNNIE(MSE)AKNILREFAAAS' 
_entity_poly.pdbx_seq_one_letter_code_can   GSQLSSEIENLMSQGYSYQDIQKALVIAQNNIEMAKNILREFAAAS 
_entity_poly.pdbx_strand_id                 A,B,C 
_entity_poly.pdbx_target_identifier         ? 
# 
_pdbx_entity_nonpoly.entity_id   2 
_pdbx_entity_nonpoly.name        water 
_pdbx_entity_nonpoly.comp_id     HOH 
# 
loop_
_entity_poly_seq.entity_id 
_entity_poly_seq.num 
_entity_poly_seq.mon_id 
_entity_poly_seq.hetero 
1 1  GLY n 
1 2  SER n 
1 3  GLN n 
1 4  LEU n 
1 5  SER n 
1 6  SER n 
1 7  GLU n 
1 8  ILE n 
1 9  GLU n 
1 10 ASN n 
1 11 LEU n 
1 12 MSE n 
1 13 SER n 
1 14 GLN n 
1 15 GLY n 
1 16 TYR n 
1 17 SER n 
1 18 TYR n 
1 19 GLN n 
1 20 ASP n 
1 21 ILE n 
1 22 GLN n 
1 23 LYS n 
1 24 ALA n 
1 25 LEU n 
1 26 VAL n 
1 27 ILE n 
1 28 ALA n 
1 29 GLN n 
1 30 ASN n 
1 31 ASN n 
1 32 ILE n 
1 33 GLU n 
1 34 MSE n 
1 35 ALA n 
1 36 LYS n 
1 37 ASN n 
1 38 ILE n 
1 39 LEU n 
1 40 ARG n 
1 41 GLU n 
1 42 PHE n 
1 43 ALA n 
1 44 ALA n 
1 45 ALA n 
1 46 SER n 
# 
_entity_src_gen.entity_id                          1 
_entity_src_gen.pdbx_src_id                        1 
_entity_src_gen.pdbx_alt_source_flag               sample 
_entity_src_gen.pdbx_seq_type                      ? 
_entity_src_gen.pdbx_beg_seq_num                   ? 
_entity_src_gen.pdbx_end_seq_num                   ? 
_entity_src_gen.gene_src_common_name               human 
_entity_src_gen.gene_src_genus                     Homo 
_entity_src_gen.pdbx_gene_src_gene                 'CBL, CBL2, RNF55' 
_entity_src_gen.gene_src_species                   ? 
_entity_src_gen.gene_src_strain                    ? 
_entity_src_gen.gene_src_tissue                    ? 
_entity_src_gen.gene_src_tissue_fraction           ? 
_entity_src_gen.gene_src_details                   ? 
_entity_src_gen.pdbx_gene_src_fragment             ? 
_entity_src_gen.pdbx_gene_src_scientific_name      'Homo sapiens' 
_entity_src_gen.pdbx_gene_src_ncbi_taxonomy_id     9606 
_entity_src_gen.pdbx_gene_src_variant              ? 
_entity_src_gen.pdbx_gene_src_cell_line            ? 
_entity_src_gen.pdbx_gene_src_atcc                 ? 
_entity_src_gen.pdbx_gene_src_organ                ? 
_entity_src_gen.pdbx_gene_src_organelle            ? 
_entity_src_gen.pdbx_gene_src_cell                 ? 
_entity_src_gen.pdbx_gene_src_cellular_location    ? 
_entity_src_gen.host_org_common_name               ? 
_entity_src_gen.pdbx_host_org_scientific_name      'Escherichia coli BL21' 
_entity_src_gen.pdbx_host_org_ncbi_taxonomy_id     511693 
_entity_src_gen.host_org_genus                     Escherichia 
_entity_src_gen.pdbx_host_org_gene                 ? 
_entity_src_gen.pdbx_host_org_organ                ? 
_entity_src_gen.host_org_species                   'Escherichia coli' 
_entity_src_gen.pdbx_host_org_tissue               ? 
_entity_src_gen.pdbx_host_org_tissue_fraction      ? 
_entity_src_gen.pdbx_host_org_strain               BL21 
_entity_src_gen.pdbx_host_org_variant              ? 
_entity_src_gen.pdbx_host_org_cell_line            ? 
_entity_src_gen.pdbx_host_org_atcc                 ? 
_entity_src_gen.pdbx_host_org_culture_collection   ? 
_entity_src_gen.pdbx_host_org_cell                 ? 
_entity_src_gen.pdbx_host_org_organelle            ? 
_entity_src_gen.pdbx_host_org_cellular_location    ? 
_entity_src_gen.pdbx_host_org_vector_type          plasmid 
_entity_src_gen.pdbx_host_org_vector               ? 
_entity_src_gen.host_org_details                   ? 
_entity_src_gen.expression_system_id               ? 
_entity_src_gen.plasmid_name                       pGEX-4T-1 
_entity_src_gen.plasmid_details                    ? 
_entity_src_gen.pdbx_description                   ? 
# 
loop_
_chem_comp.id 
_chem_comp.type 
_chem_comp.mon_nstd_flag 
_chem_comp.name 
_chem_comp.pdbx_synonyms 
_chem_comp.formula 
_chem_comp.formula_weight 
ALA 'L-peptide linking' y ALANINE          ? 'C3 H7 N O2'     89.093  
ARG 'L-peptide linking' y ARGININE         ? 'C6 H15 N4 O2 1' 175.209 
ASN 'L-peptide linking' y ASPARAGINE       ? 'C4 H8 N2 O3'    132.118 
ASP 'L-peptide linking' y 'ASPARTIC ACID'  ? 'C4 H7 N O4'     133.103 
GLN 'L-peptide linking' y GLUTAMINE        ? 'C5 H10 N2 O3'   146.144 
GLU 'L-peptide linking' y 'GLUTAMIC ACID'  ? 'C5 H9 N O4'     147.129 
GLY 'peptide linking'   y GLYCINE          ? 'C2 H5 N O2'     75.067  
HOH non-polymer         . WATER            ? 'H2 O'           18.015  
ILE 'L-peptide linking' y ISOLEUCINE       ? 'C6 H13 N O2'    131.173 
LEU 'L-peptide linking' y LEUCINE          ? 'C6 H13 N O2'    131.173 
LYS 'L-peptide linking' y LYSINE           ? 'C6 H15 N2 O2 1' 147.195 
MET 'L-peptide linking' y METHIONINE       ? 'C5 H11 N O2 S'  149.211 
MSE 'L-peptide linking' n SELENOMETHIONINE ? 'C5 H11 N O2 Se' 196.106 
PHE 'L-peptide linking' y PHENYLALANINE    ? 'C9 H11 N O2'    165.189 
SER 'L-peptide linking' y SERINE           ? 'C3 H7 N O3'     105.093 
TYR 'L-peptide linking' y TYROSINE         ? 'C9 H11 N O3'    181.189 
VAL 'L-peptide linking' y VALINE           ? 'C5 H11 N O2'    117.146 
# 
loop_
_pdbx_poly_seq_scheme.asym_id 
_pdbx_poly_seq_scheme.entity_id 
_pdbx_poly_seq_scheme.seq_id 
_pdbx_poly_seq_scheme.mon_id 
_pdbx_poly_seq_scheme.ndb_seq_num 
_pdbx_poly_seq_scheme.pdb_seq_num 
_pdbx_poly_seq_scheme.auth_seq_num 
_pdbx_poly_seq_scheme.pdb_mon_id 
_pdbx_poly_seq_scheme.auth_mon_id 
_pdbx_poly_seq_scheme.pdb_strand_id 
_pdbx_poly_seq_scheme.pdb_ins_code 
_pdbx_poly_seq_scheme.hetero 
A 1 1  GLY 1  854 854 GLY GLY A . n 
A 1 2  SER 2  855 855 SER SER A . n 
A 1 3  GLN 3  856 856 GLN GLN A . n 
A 1 4  LEU 4  857 857 LEU LEU A . n 
A 1 5  SER 5  858 858 SER SER A . n 
A 1 6  SER 6  859 859 SER SER A . n 
A 1 7  GLU 7  860 860 GLU GLU A . n 
A 1 8  ILE 8  861 861 ILE ILE A . n 
A 1 9  GLU 9  862 862 GLU GLU A . n 
A 1 10 ASN 10 863 863 ASN ASN A . n 
A 1 11 LEU 11 864 864 LEU LEU A . n 
A 1 12 MSE 12 865 865 MSE MSE A . n 
A 1 13 SER 13 866 866 SER SER A . n 
A 1 14 GLN 14 867 867 GLN GLN A . n 
A 1 15 GLY 15 868 868 GLY GLY A . n 
A 1 16 TYR 16 869 869 TYR TYR A . n 
A 1 17 SER 17 870 870 SER SER A . n 
A 1 18 TYR 18 871 871 TYR TYR A . n 
A 1 19 GLN 19 872 872 GLN GLN A . n 
A 1 20 ASP 20 873 873 ASP ASP A . n 
A 1 21 ILE 21 874 874 ILE ILE A . n 
A 1 22 GLN 22 875 875 GLN GLN A . n 
A 1 23 LYS 23 876 876 LYS LYS A . n 
A 1 24 ALA 24 877 877 ALA ALA A . n 
A 1 25 LEU 25 878 878 LEU LEU A . n 
A 1 26 VAL 26 879 879 VAL VAL A . n 
A 1 27 ILE 27 880 880 ILE ILE A . n 
A 1 28 ALA 28 881 881 ALA ALA A . n 
A 1 29 GLN 29 882 882 GLN GLN A . n 
A 1 30 ASN 30 883 883 ASN ASN A . n 
A 1 31 ASN 31 884 884 ASN ASN A . n 
A 1 32 ILE 32 885 885 ILE ILE A . n 
A 1 33 GLU 33 886 886 GLU GLU A . n 
A 1 34 MSE 34 887 887 MSE MSE A . n 
A 1 35 ALA 35 888 888 ALA ALA A . n 
A 1 36 LYS 36 889 889 LYS LYS A . n 
A 1 37 ASN 37 890 890 ASN ASN A . n 
A 1 38 ILE 38 891 891 ILE ILE A . n 
A 1 39 LEU 39 892 892 LEU LEU A . n 
A 1 40 ARG 40 893 893 ARG ARG A . n 
A 1 41 GLU 41 894 894 GLU GLU A . n 
A 1 42 PHE 42 895 895 PHE PHE A . n 
A 1 43 ALA 43 896 896 ALA ALA A . n 
A 1 44 ALA 44 897 897 ALA ALA A . n 
A 1 45 ALA 45 898 898 ALA ALA A . n 
A 1 46 SER 46 899 899 SER SER A . n 
B 1 1  GLY 1  854 ?   ?   ?   B . n 
B 1 2  SER 2  855 855 SER SER B . n 
B 1 3  GLN 3  856 856 GLN GLN B . n 
B 1 4  LEU 4  857 857 LEU LEU B . n 
B 1 5  SER 5  858 858 SER SER B . n 
B 1 6  SER 6  859 859 SER SER B . n 
B 1 7  GLU 7  860 860 GLU GLU B . n 
B 1 8  ILE 8  861 861 ILE ILE B . n 
B 1 9  GLU 9  862 862 GLU GLU B . n 
B 1 10 ASN 10 863 863 ASN ASN B . n 
B 1 11 LEU 11 864 864 LEU LEU B . n 
B 1 12 MSE 12 865 865 MSE MSE B . n 
B 1 13 SER 13 866 866 SER SER B . n 
B 1 14 GLN 14 867 867 GLN GLN B . n 
B 1 15 GLY 15 868 868 GLY GLY B . n 
B 1 16 TYR 16 869 869 TYR TYR B . n 
B 1 17 SER 17 870 870 SER SER B . n 
B 1 18 TYR 18 871 871 TYR TYR B . n 
B 1 19 GLN 19 872 872 GLN GLN B . n 
B 1 20 ASP 20 873 873 ASP ASP B . n 
B 1 21 ILE 21 874 874 ILE ILE B . n 
B 1 22 GLN 22 875 875 GLN GLN B . n 
B 1 23 LYS 23 876 876 LYS LYS B . n 
B 1 24 ALA 24 877 877 ALA ALA B . n 
B 1 25 LEU 25 878 878 LEU LEU B . n 
B 1 26 VAL 26 879 879 VAL VAL B . n 
B 1 27 ILE 27 880 880 ILE ILE B . n 
B 1 28 ALA 28 881 881 ALA ALA B . n 
B 1 29 GLN 29 882 882 GLN GLN B . n 
B 1 30 ASN 30 883 883 ASN ASN B . n 
B 1 31 ASN 31 884 884 ASN ASN B . n 
B 1 32 ILE 32 885 885 ILE ILE B . n 
B 1 33 GLU 33 886 886 GLU GLU B . n 
B 1 34 MSE 34 887 887 MSE MSE B . n 
B 1 35 ALA 35 888 888 ALA ALA B . n 
B 1 36 LYS 36 889 889 LYS LYS B . n 
B 1 37 ASN 37 890 890 ASN ASN B . n 
B 1 38 ILE 38 891 891 ILE ILE B . n 
B 1 39 LEU 39 892 892 LEU LEU B . n 
B 1 40 ARG 40 893 893 ARG ARG B . n 
B 1 41 GLU 41 894 894 GLU GLU B . n 
B 1 42 PHE 42 895 895 PHE PHE B . n 
B 1 43 ALA 43 896 896 ALA ALA B . n 
B 1 44 ALA 44 897 897 ALA ALA B . n 
B 1 45 ALA 45 898 898 ALA ALA B . n 
B 1 46 SER 46 899 ?   ?   ?   B . n 
C 1 1  GLY 1  854 ?   ?   ?   C . n 
C 1 2  SER 2  855 ?   ?   ?   C . n 
C 1 3  GLN 3  856 ?   ?   ?   C . n 
C 1 4  LEU 4  857 ?   ?   ?   C . n 
C 1 5  SER 5  858 858 SER SER C . n 
C 1 6  SER 6  859 859 SER SER C . n 
C 1 7  GLU 7  860 860 GLU GLU C . n 
C 1 8  ILE 8  861 861 ILE ILE C . n 
C 1 9  GLU 9  862 862 GLU GLU C . n 
C 1 10 ASN 10 863 863 ASN ASN C . n 
C 1 11 LEU 11 864 864 LEU LEU C . n 
C 1 12 MSE 12 865 865 MSE MSE C . n 
C 1 13 SER 13 866 866 SER SER C . n 
C 1 14 GLN 14 867 867 GLN GLN C . n 
C 1 15 GLY 15 868 868 GLY GLY C . n 
C 1 16 TYR 16 869 869 TYR TYR C . n 
C 1 17 SER 17 870 870 SER SER C . n 
C 1 18 TYR 18 871 871 TYR TYR C . n 
C 1 19 GLN 19 872 872 GLN GLN C . n 
C 1 20 ASP 20 873 873 ASP ASP C . n 
C 1 21 ILE 21 874 874 ILE ILE C . n 
C 1 22 GLN 22 875 875 GLN GLN C . n 
C 1 23 LYS 23 876 876 LYS LYS C . n 
C 1 24 ALA 24 877 877 ALA ALA C . n 
C 1 25 LEU 25 878 878 LEU LEU C . n 
C 1 26 VAL 26 879 879 VAL VAL C . n 
C 1 27 ILE 27 880 880 ILE ILE C . n 
C 1 28 ALA 28 881 881 ALA ALA C . n 
C 1 29 GLN 29 882 882 GLN GLN C . n 
C 1 30 ASN 30 883 883 ASN ASN C . n 
C 1 31 ASN 31 884 884 ASN ASN C . n 
C 1 32 ILE 32 885 885 ILE ILE C . n 
C 1 33 GLU 33 886 886 GLU GLU C . n 
C 1 34 MSE 34 887 887 MSE MSE C . n 
C 1 35 ALA 35 888 888 ALA ALA C . n 
C 1 36 LYS 36 889 889 LYS LYS C . n 
C 1 37 ASN 37 890 890 ASN ASN C . n 
C 1 38 ILE 38 891 891 ILE ILE C . n 
C 1 39 LEU 39 892 892 LEU LEU C . n 
C 1 40 ARG 40 893 893 ARG ARG C . n 
C 1 41 GLU 41 894 894 GLU GLU C . n 
C 1 42 PHE 42 895 895 PHE PHE C . n 
C 1 43 ALA 43 896 896 ALA ALA C . n 
C 1 44 ALA 44 897 897 ALA ALA C . n 
C 1 45 ALA 45 898 898 ALA ALA C . n 
C 1 46 SER 46 899 ?   ?   ?   C . n 
# 
loop_
_pdbx_nonpoly_scheme.asym_id 
_pdbx_nonpoly_scheme.entity_id 
_pdbx_nonpoly_scheme.mon_id 
_pdbx_nonpoly_scheme.ndb_seq_num 
_pdbx_nonpoly_scheme.pdb_seq_num 
_pdbx_nonpoly_scheme.auth_seq_num 
_pdbx_nonpoly_scheme.pdb_mon_id 
_pdbx_nonpoly_scheme.auth_mon_id 
_pdbx_nonpoly_scheme.pdb_strand_id 
_pdbx_nonpoly_scheme.pdb_ins_code 
D 2 HOH 1  4  4  HOH HOH A . 
D 2 HOH 2  5  5  HOH HOH A . 
D 2 HOH 3  6  6  HOH HOH A . 
D 2 HOH 4  8  8  HOH HOH A . 
D 2 HOH 5  9  9  HOH HOH A . 
D 2 HOH 6  12 12 HOH HOH A . 
D 2 HOH 7  16 16 HOH HOH A . 
D 2 HOH 8  19 19 HOH HOH A . 
D 2 HOH 9  20 20 HOH HOH A . 
D 2 HOH 10 30 30 HOH HOH A . 
D 2 HOH 11 32 32 HOH HOH A . 
D 2 HOH 12 35 35 HOH HOH A . 
D 2 HOH 13 36 36 HOH HOH A . 
D 2 HOH 14 39 39 HOH HOH A . 
D 2 HOH 15 41 41 HOH HOH A . 
D 2 HOH 16 43 43 HOH HOH A . 
D 2 HOH 17 45 45 HOH HOH A . 
D 2 HOH 18 46 46 HOH HOH A . 
D 2 HOH 19 49 49 HOH HOH A . 
D 2 HOH 20 56 56 HOH HOH A . 
D 2 HOH 21 58 58 HOH HOH A . 
D 2 HOH 22 63 63 HOH HOH A . 
D 2 HOH 23 64 64 HOH HOH A . 
D 2 HOH 24 67 67 HOH HOH A . 
D 2 HOH 25 70 70 HOH HOH A . 
D 2 HOH 26 71 71 HOH HOH A . 
D 2 HOH 27 72 72 HOH HOH A . 
E 2 HOH 1  1  1  HOH HOH B . 
E 2 HOH 2  2  2  HOH HOH B . 
E 2 HOH 3  3  3  HOH HOH B . 
E 2 HOH 4  10 10 HOH HOH B . 
E 2 HOH 5  11 11 HOH HOH B . 
E 2 HOH 6  14 14 HOH HOH B . 
E 2 HOH 7  15 15 HOH HOH B . 
E 2 HOH 8  17 17 HOH HOH B . 
E 2 HOH 9  18 18 HOH HOH B . 
E 2 HOH 10 21 21 HOH HOH B . 
E 2 HOH 11 23 23 HOH HOH B . 
E 2 HOH 12 24 24 HOH HOH B . 
E 2 HOH 13 26 26 HOH HOH B . 
E 2 HOH 14 28 28 HOH HOH B . 
E 2 HOH 15 31 31 HOH HOH B . 
E 2 HOH 16 33 33 HOH HOH B . 
E 2 HOH 17 37 37 HOH HOH B . 
E 2 HOH 18 38 38 HOH HOH B . 
E 2 HOH 19 40 40 HOH HOH B . 
E 2 HOH 20 42 42 HOH HOH B . 
E 2 HOH 21 44 44 HOH HOH B . 
E 2 HOH 22 48 48 HOH HOH B . 
E 2 HOH 23 51 51 HOH HOH B . 
E 2 HOH 24 52 52 HOH HOH B . 
E 2 HOH 25 54 54 HOH HOH B . 
E 2 HOH 26 55 55 HOH HOH B . 
E 2 HOH 27 57 57 HOH HOH B . 
E 2 HOH 28 59 59 HOH HOH B . 
E 2 HOH 29 61 61 HOH HOH B . 
E 2 HOH 30 66 66 HOH HOH B . 
E 2 HOH 31 68 68 HOH HOH B . 
E 2 HOH 32 73 73 HOH HOH B . 
E 2 HOH 33 74 74 HOH HOH B . 
E 2 HOH 34 75 75 HOH HOH B . 
E 2 HOH 35 76 76 HOH HOH B . 
E 2 HOH 36 77 77 HOH HOH B . 
F 2 HOH 1  7  7  HOH HOH C . 
F 2 HOH 2  13 13 HOH HOH C . 
F 2 HOH 3  22 22 HOH HOH C . 
F 2 HOH 4  25 25 HOH HOH C . 
F 2 HOH 5  27 27 HOH HOH C . 
F 2 HOH 6  47 47 HOH HOH C . 
F 2 HOH 7  53 53 HOH HOH C . 
F 2 HOH 8  62 62 HOH HOH C . 
F 2 HOH 9  65 65 HOH HOH C . 
F 2 HOH 10 78 78 HOH HOH C . 
# 
loop_
_software.name 
_software.classification 
_software.version 
_software.citation_id 
_software.pdbx_ordinal 
REFMAC   refinement        5.2.0005 ? 1 
HKL-2000 'data collection' .        ? 2 
HKL-2000 'data reduction'  .        ? 3 
HKL-2000 'data scaling'    .        ? 4 
SOLVE    phasing           .        ? 5 
# 
_cell.entry_id           2OO9 
_cell.length_a           82.025 
_cell.length_b           82.025 
_cell.length_c           56.194 
_cell.angle_alpha        90.00 
_cell.angle_beta         90.00 
_cell.angle_gamma        90.00 
_cell.Z_PDB              24 
_cell.pdbx_unique_axis   ? 
_cell.length_a_esd       ? 
_cell.length_b_esd       ? 
_cell.length_c_esd       ? 
_cell.angle_alpha_esd    ? 
_cell.angle_beta_esd     ? 
_cell.angle_gamma_esd    ? 
# 
_symmetry.entry_id                         2OO9 
_symmetry.space_group_name_H-M             'P 41 21 2' 
_symmetry.pdbx_full_space_group_name_H-M   ? 
_symmetry.cell_setting                     ? 
_symmetry.Int_Tables_number                92 
_symmetry.space_group_name_Hall            ? 
# 
_exptl.entry_id          2OO9 
_exptl.method            'X-RAY DIFFRACTION' 
_exptl.crystals_number   1 
# 
_exptl_crystal.id                    1 
_exptl_crystal.density_meas          ? 
_exptl_crystal.density_Matthews      3.05 
_exptl_crystal.density_percent_sol   59.61 
_exptl_crystal.description           ? 
_exptl_crystal.F_000                 ? 
_exptl_crystal.preparation           ? 
# 
_exptl_crystal_grow.crystal_id      1 
_exptl_crystal_grow.method          'VAPOR DIFFUSION, HANGING DROP' 
_exptl_crystal_grow.temp            293 
_exptl_crystal_grow.temp_details    ? 
_exptl_crystal_grow.pH              8.5 
_exptl_crystal_grow.pdbx_details    
'3.8M sodium formate, 0.1M Tris, 4% (v/v) glycerol, pH 8.5, VAPOR DIFFUSION, HANGING DROP, temperature 293K' 
_exptl_crystal_grow.pdbx_pH_range   . 
# 
_diffrn.id                     1 
_diffrn.ambient_temp           ? 
_diffrn.ambient_temp_details   ? 
_diffrn.crystal_id             1 
# 
_diffrn_detector.diffrn_id              1 
_diffrn_detector.detector               CCD 
_diffrn_detector.type                   'ADSC QUANTUM 4' 
_diffrn_detector.pdbx_collection_date   2006-02-13 
_diffrn_detector.details                ? 
# 
_diffrn_radiation.diffrn_id                        1 
_diffrn_radiation.wavelength_id                    1 
_diffrn_radiation.pdbx_monochromatic_or_laue_m_l   M 
_diffrn_radiation.monochromator                    'Si (111) monochromator' 
_diffrn_radiation.pdbx_diffrn_protocol             MAD 
_diffrn_radiation.pdbx_scattering_type             x-ray 
# 
_diffrn_radiation_wavelength.id           1 
_diffrn_radiation_wavelength.wavelength   0.9790 
_diffrn_radiation_wavelength.wt           1.0 
# 
_diffrn_source.diffrn_id                   1 
_diffrn_source.source                      SYNCHROTRON 
_diffrn_source.type                        'CHESS BEAMLINE F2' 
_diffrn_source.pdbx_synchrotron_site       CHESS 
_diffrn_source.pdbx_synchrotron_beamline   F2 
_diffrn_source.pdbx_wavelength             0.9790 
_diffrn_source.pdbx_wavelength_list        ? 
# 
_reflns.entry_id                     2OO9 
_reflns.observed_criterion_sigma_F   1.0 
_reflns.observed_criterion_sigma_I   1.0 
_reflns.d_resolution_high            2.1 
_reflns.d_resolution_low             58.0 
_reflns.number_all                   11674 
_reflns.number_obs                   11572 
_reflns.percent_possible_obs         99.1 
_reflns.pdbx_Rmerge_I_obs            0.061 
_reflns.pdbx_Rsym_value              ? 
_reflns.pdbx_netI_over_sigmaI        18.2 
_reflns.B_iso_Wilson_estimate        ? 
_reflns.pdbx_redundancy              7.3 
_reflns.R_free_details               ? 
_reflns.limit_h_max                  ? 
_reflns.limit_h_min                  ? 
_reflns.limit_k_max                  ? 
_reflns.limit_k_min                  ? 
_reflns.limit_l_max                  ? 
_reflns.limit_l_min                  ? 
_reflns.observed_criterion_F_max     ? 
_reflns.observed_criterion_F_min     ? 
_reflns.pdbx_chi_squared             ? 
_reflns.pdbx_scaling_rejects         ? 
_reflns.pdbx_ordinal                 1 
_reflns.pdbx_diffrn_id               1 
# 
_reflns_shell.d_res_high             2.1 
_reflns_shell.d_res_low              2.18 
_reflns_shell.percent_possible_all   95.9 
_reflns_shell.Rmerge_I_obs           0.313 
_reflns_shell.pdbx_Rsym_value        ? 
_reflns_shell.meanI_over_sigI_obs    4.9 
_reflns_shell.pdbx_redundancy        5.7 
_reflns_shell.percent_possible_obs   ? 
_reflns_shell.number_unique_all      756 
_reflns_shell.number_measured_all    ? 
_reflns_shell.number_measured_obs    ? 
_reflns_shell.number_unique_obs      ? 
_reflns_shell.pdbx_chi_squared       ? 
_reflns_shell.pdbx_ordinal           1 
_reflns_shell.pdbx_diffrn_id         1 
# 
_refine.entry_id                                 2OO9 
_refine.ls_number_reflns_obs                     11010 
_refine.ls_number_reflns_all                     11652 
_refine.pdbx_ls_sigma_I                          ? 
_refine.pdbx_ls_sigma_F                          0 
_refine.pdbx_data_cutoff_high_absF               ? 
_refine.pdbx_data_cutoff_low_absF                ? 
_refine.pdbx_data_cutoff_high_rms_absF           ? 
_refine.ls_d_res_low                             19.60 
_refine.ls_d_res_high                            2.10 
_refine.ls_percent_reflns_obs                    99.20 
_refine.ls_R_factor_obs                          0.21838 
_refine.ls_R_factor_all                          ? 
_refine.ls_R_factor_R_work                       0.2163 
_refine.ls_R_factor_R_free                       0.26009 
_refine.ls_R_factor_R_free_error                 ? 
_refine.ls_R_factor_R_free_error_details         ? 
_refine.ls_percent_reflns_R_free                 4.7 
_refine.ls_number_reflns_R_free                  549 
_refine.ls_number_parameters                     ? 
_refine.ls_number_restraints                     ? 
_refine.occupancy_min                            ? 
_refine.occupancy_max                            ? 
_refine.correlation_coeff_Fo_to_Fc               0.942 
_refine.correlation_coeff_Fo_to_Fc_free          0.909 
_refine.B_iso_mean                               33.206 
_refine.aniso_B[1][1]                            0.04 
_refine.aniso_B[2][2]                            0.04 
_refine.aniso_B[3][3]                            -0.09 
_refine.aniso_B[1][2]                            0.00 
_refine.aniso_B[1][3]                            0.00 
_refine.aniso_B[2][3]                            0.00 
_refine.solvent_model_details                    MASK 
_refine.solvent_model_param_ksol                 ? 
_refine.solvent_model_param_bsol                 ? 
_refine.pdbx_solvent_vdw_probe_radii             1.20 
_refine.pdbx_solvent_ion_probe_radii             0.80 
_refine.pdbx_solvent_shrinkage_radii             0.80 
_refine.pdbx_ls_cross_valid_method               THROUGHOUT 
_refine.details                                  ? 
_refine.pdbx_starting_model                      ? 
_refine.pdbx_method_to_determine_struct          SAD 
_refine.pdbx_isotropic_thermal_model             ? 
_refine.pdbx_stereochemistry_target_values       'MAXIMUM LIKELIHOOD' 
_refine.pdbx_stereochem_target_val_spec_case     ? 
_refine.pdbx_R_Free_selection_details            RANDOM 
_refine.pdbx_overall_ESU_R                       0.188 
_refine.pdbx_overall_ESU_R_Free                  0.175 
_refine.overall_SU_ML                            0.123 
_refine.overall_SU_B                             8.835 
_refine.ls_redundancy_reflns_obs                 ? 
_refine.B_iso_min                                ? 
_refine.B_iso_max                                ? 
_refine.overall_SU_R_Cruickshank_DPI             ? 
_refine.overall_SU_R_free                        ? 
_refine.ls_wR_factor_R_free                      ? 
_refine.ls_wR_factor_R_work                      ? 
_refine.overall_FOM_free_R_set                   ? 
_refine.overall_FOM_work_R_set                   ? 
_refine.pdbx_overall_phase_error                 ? 
_refine.pdbx_refine_id                           'X-RAY DIFFRACTION' 
_refine.pdbx_TLS_residual_ADP_flag               'LIKELY RESIDUAL' 
_refine.pdbx_diffrn_id                           1 
_refine.pdbx_overall_SU_R_free_Cruickshank_DPI   ? 
_refine.pdbx_overall_SU_R_Blow_DPI               ? 
_refine.pdbx_overall_SU_R_free_Blow_DPI          ? 
# 
_refine_hist.pdbx_refine_id                   'X-RAY DIFFRACTION' 
_refine_hist.cycle_id                         LAST 
_refine_hist.pdbx_number_atoms_protein        1019 
_refine_hist.pdbx_number_atoms_nucleic_acid   0 
_refine_hist.pdbx_number_atoms_ligand         0 
_refine_hist.number_atoms_solvent             73 
_refine_hist.number_atoms_total               1092 
_refine_hist.d_res_high                       2.10 
_refine_hist.d_res_low                        19.60 
# 
loop_
_refine_ls_restr.type 
_refine_ls_restr.dev_ideal 
_refine_ls_restr.dev_ideal_target 
_refine_ls_restr.weight 
_refine_ls_restr.number 
_refine_ls_restr.pdbx_refine_id 
_refine_ls_restr.pdbx_restraint_function 
r_bond_refined_d         0.023  0.022  ? 1025 'X-RAY DIFFRACTION' ? 
r_angle_refined_deg      1.629  1.952  ? 1374 'X-RAY DIFFRACTION' ? 
r_dihedral_angle_1_deg   5.994  5.000  ? 128  'X-RAY DIFFRACTION' ? 
r_dihedral_angle_2_deg   46.971 27.170 ? 53   'X-RAY DIFFRACTION' ? 
r_dihedral_angle_3_deg   16.050 15.000 ? 197  'X-RAY DIFFRACTION' ? 
r_dihedral_angle_4_deg   14.416 15.000 ? 3    'X-RAY DIFFRACTION' ? 
r_chiral_restr           0.115  0.200  ? 156  'X-RAY DIFFRACTION' ? 
r_gen_planes_refined     0.008  0.020  ? 760  'X-RAY DIFFRACTION' ? 
r_nbd_refined            0.226  0.200  ? 480  'X-RAY DIFFRACTION' ? 
r_nbtor_refined          0.296  0.200  ? 732  'X-RAY DIFFRACTION' ? 
r_xyhbond_nbd_refined    0.196  0.200  ? 69   'X-RAY DIFFRACTION' ? 
r_symmetry_vdw_refined   0.276  0.200  ? 31   'X-RAY DIFFRACTION' ? 
r_symmetry_hbond_refined 0.133  0.200  ? 8    'X-RAY DIFFRACTION' ? 
r_mcbond_it              1.438  1.500  ? 682  'X-RAY DIFFRACTION' ? 
r_mcangle_it             1.628  2.000  ? 1027 'X-RAY DIFFRACTION' ? 
r_scbond_it              3.246  3.000  ? 400  'X-RAY DIFFRACTION' ? 
r_scangle_it             4.460  4.500  ? 347  'X-RAY DIFFRACTION' ? 
# 
_refine_ls_shell.pdbx_total_number_of_bins_used   20 
_refine_ls_shell.d_res_high                       2.100 
_refine_ls_shell.d_res_low                        2.154 
_refine_ls_shell.number_reflns_R_work             756 
_refine_ls_shell.R_factor_R_work                  0.237 
_refine_ls_shell.percent_reflns_obs               95.26 
_refine_ls_shell.R_factor_R_free                  0.214 
_refine_ls_shell.R_factor_R_free_error            ? 
_refine_ls_shell.percent_reflns_R_free            ? 
_refine_ls_shell.number_reflns_R_free             47 
_refine_ls_shell.number_reflns_all                ? 
_refine_ls_shell.R_factor_all                     ? 
_refine_ls_shell.number_reflns_obs                ? 
_refine_ls_shell.redundancy_reflns_obs            ? 
_refine_ls_shell.pdbx_refine_id                   'X-RAY DIFFRACTION' 
# 
_struct.entry_id                  2OO9 
_struct.title                     'crystal structure of the UBA domain from human c-Cbl ubiquitin ligase' 
_struct.pdbx_model_details        ? 
_struct.pdbx_CASP_flag            ? 
_struct.pdbx_model_type_details   ? 
# 
_struct_keywords.entry_id        2OO9 
_struct_keywords.pdbx_keywords   LIGASE 
_struct_keywords.text            'alpha-helical domain, homodimer, LIGASE' 
# 
loop_
_struct_asym.id 
_struct_asym.pdbx_blank_PDB_chainid_flag 
_struct_asym.pdbx_modified 
_struct_asym.entity_id 
_struct_asym.details 
A N N 1 ? 
B N N 1 ? 
C N N 1 ? 
D N N 2 ? 
E N N 2 ? 
F N N 2 ? 
# 
_struct_ref.id                         1 
_struct_ref.db_name                    UNP 
_struct_ref.db_code                    CBL_HUMAN 
_struct_ref.pdbx_db_accession          P22681 
_struct_ref.entity_id                  1 
_struct_ref.pdbx_seq_one_letter_code   QLSSEIENLMSQGYSYQDIQKALVIAQNNIEMAKNILREF 
_struct_ref.pdbx_align_begin           856 
_struct_ref.pdbx_db_isoform            ? 
# 
loop_
_struct_ref_seq.align_id 
_struct_ref_seq.ref_id 
_struct_ref_seq.pdbx_PDB_id_code 
_struct_ref_seq.pdbx_strand_id 
_struct_ref_seq.seq_align_beg 
_struct_ref_seq.pdbx_seq_align_beg_ins_code 
_struct_ref_seq.seq_align_end 
_struct_ref_seq.pdbx_seq_align_end_ins_code 
_struct_ref_seq.pdbx_db_accession 
_struct_ref_seq.db_align_beg 
_struct_ref_seq.pdbx_db_align_beg_ins_code 
_struct_ref_seq.db_align_end 
_struct_ref_seq.pdbx_db_align_end_ins_code 
_struct_ref_seq.pdbx_auth_seq_align_beg 
_struct_ref_seq.pdbx_auth_seq_align_end 
1 1 2OO9 A 3 ? 42 ? P22681 856 ? 895 ? 856 895 
2 1 2OO9 B 3 ? 42 ? P22681 856 ? 895 ? 856 895 
3 1 2OO9 C 3 ? 42 ? P22681 856 ? 895 ? 856 895 
# 
loop_
_struct_ref_seq_dif.align_id 
_struct_ref_seq_dif.pdbx_pdb_id_code 
_struct_ref_seq_dif.mon_id 
_struct_ref_seq_dif.pdbx_pdb_strand_id 
_struct_ref_seq_dif.seq_num 
_struct_ref_seq_dif.pdbx_pdb_ins_code 
_struct_ref_seq_dif.pdbx_seq_db_name 
_struct_ref_seq_dif.pdbx_seq_db_accession_code 
_struct_ref_seq_dif.db_mon_id 
_struct_ref_seq_dif.pdbx_seq_db_seq_num 
_struct_ref_seq_dif.details 
_struct_ref_seq_dif.pdbx_auth_seq_num 
_struct_ref_seq_dif.pdbx_ordinal 
1 2OO9 GLY A 1  ? UNP P22681 ?   ?   'cloning artifact' 854 1  
1 2OO9 SER A 2  ? UNP P22681 ?   ?   'cloning artifact' 855 2  
1 2OO9 MSE A 12 ? UNP P22681 MET 865 'modified residue' 865 3  
1 2OO9 MSE A 34 ? UNP P22681 MET 887 'modified residue' 887 4  
1 2OO9 ALA A 43 ? UNP P22681 ?   ?   'cloning artifact' 896 5  
1 2OO9 ALA A 44 ? UNP P22681 ?   ?   'cloning artifact' 897 6  
1 2OO9 ALA A 45 ? UNP P22681 ?   ?   'cloning artifact' 898 7  
1 2OO9 SER A 46 ? UNP P22681 ?   ?   'cloning artifact' 899 8  
2 2OO9 GLY B 1  ? UNP P22681 ?   ?   'cloning artifact' 854 9  
2 2OO9 SER B 2  ? UNP P22681 ?   ?   'cloning artifact' 855 10 
2 2OO9 MSE B 12 ? UNP P22681 MET 865 'modified residue' 865 11 
2 2OO9 MSE B 34 ? UNP P22681 MET 887 'modified residue' 887 12 
2 2OO9 ALA B 43 ? UNP P22681 ?   ?   'cloning artifact' 896 13 
2 2OO9 ALA B 44 ? UNP P22681 ?   ?   'cloning artifact' 897 14 
2 2OO9 ALA B 45 ? UNP P22681 ?   ?   'cloning artifact' 898 15 
2 2OO9 SER B 46 ? UNP P22681 ?   ?   'cloning artifact' 899 16 
3 2OO9 GLY C 1  ? UNP P22681 ?   ?   'cloning artifact' 854 17 
3 2OO9 SER C 2  ? UNP P22681 ?   ?   'cloning artifact' 855 18 
3 2OO9 MSE C 12 ? UNP P22681 MET 865 'modified residue' 865 19 
3 2OO9 MSE C 34 ? UNP P22681 MET 887 'modified residue' 887 20 
3 2OO9 ALA C 43 ? UNP P22681 ?   ?   'cloning artifact' 896 21 
3 2OO9 ALA C 44 ? UNP P22681 ?   ?   'cloning artifact' 897 22 
3 2OO9 ALA C 45 ? UNP P22681 ?   ?   'cloning artifact' 898 23 
3 2OO9 SER C 46 ? UNP P22681 ?   ?   'cloning artifact' 899 24 
# 
loop_
_pdbx_struct_assembly.id 
_pdbx_struct_assembly.details 
_pdbx_struct_assembly.method_details 
_pdbx_struct_assembly.oligomeric_details 
_pdbx_struct_assembly.oligomeric_count 
1 author_and_software_defined_assembly PISA dimeric 2 
2 author_defined_assembly              ?    dimeric 2 
# 
loop_
_pdbx_struct_assembly_prop.biol_id 
_pdbx_struct_assembly_prop.type 
_pdbx_struct_assembly_prop.value 
_pdbx_struct_assembly_prop.details 
1 'ABSA (A^2)' 1080 ? 
1 MORE         -11  ? 
1 'SSA (A^2)'  5640 ? 
# 
loop_
_pdbx_struct_assembly_gen.assembly_id 
_pdbx_struct_assembly_gen.oper_expression 
_pdbx_struct_assembly_gen.asym_id_list 
1 1   A,B,D,E 
2 1,2 C,F     
# 
loop_
_pdbx_struct_oper_list.id 
_pdbx_struct_oper_list.type 
_pdbx_struct_oper_list.name 
_pdbx_struct_oper_list.symmetry_operation 
_pdbx_struct_oper_list.matrix[1][1] 
_pdbx_struct_oper_list.matrix[1][2] 
_pdbx_struct_oper_list.matrix[1][3] 
_pdbx_struct_oper_list.vector[1] 
_pdbx_struct_oper_list.matrix[2][1] 
_pdbx_struct_oper_list.matrix[2][2] 
_pdbx_struct_oper_list.matrix[2][3] 
_pdbx_struct_oper_list.vector[2] 
_pdbx_struct_oper_list.matrix[3][1] 
_pdbx_struct_oper_list.matrix[3][2] 
_pdbx_struct_oper_list.matrix[3][3] 
_pdbx_struct_oper_list.vector[3] 
1 'identity operation'         1_555 x,y,z    1.0000000000  0.0000000000 0.0000000000 0.0000000000  0.0000000000 1.0000000000 0.0000000000 0.0000000000  0.0000000000 0.0000000000 1.0000000000  0.0000000000   
2 'crystal symmetry operation' 7_554 y,x,-z-1 -0.9974265085 0.0621557887 0.0357353884 -3.7443941237 0.0621557887 0.5012064868 0.8630925301 19.3182662002 0.0357353884 0.8630925301 -0.5037799782 -33.3312707019 
# 
_struct_biol.id   1 
# 
loop_
_struct_conf.conf_type_id 
_struct_conf.id 
_struct_conf.pdbx_PDB_helix_id 
_struct_conf.beg_label_comp_id 
_struct_conf.beg_label_asym_id 
_struct_conf.beg_label_seq_id 
_struct_conf.pdbx_beg_PDB_ins_code 
_struct_conf.end_label_comp_id 
_struct_conf.end_label_asym_id 
_struct_conf.end_label_seq_id 
_struct_conf.pdbx_end_PDB_ins_code 
_struct_conf.beg_auth_comp_id 
_struct_conf.beg_auth_asym_id 
_struct_conf.beg_auth_seq_id 
_struct_conf.end_auth_comp_id 
_struct_conf.end_auth_asym_id 
_struct_conf.end_auth_seq_id 
_struct_conf.pdbx_PDB_helix_class 
_struct_conf.details 
_struct_conf.pdbx_PDB_helix_length 
HELX_P HELX_P1 1 SER A 2  ? GLN A 14 ? SER A 855 GLN A 867 1 ? 13 
HELX_P HELX_P2 2 SER A 17 ? ALA A 28 ? SER A 870 ALA A 881 1 ? 12 
HELX_P HELX_P3 3 ASN A 31 ? ALA A 43 ? ASN A 884 ALA A 896 1 ? 13 
HELX_P HELX_P4 4 SER B 2  ? GLY B 15 ? SER B 855 GLY B 868 1 ? 14 
HELX_P HELX_P5 5 SER B 17 ? ALA B 28 ? SER B 870 ALA B 881 1 ? 12 
HELX_P HELX_P6 6 ASN B 31 ? ALA B 43 ? ASN B 884 ALA B 896 1 ? 13 
HELX_P HELX_P7 7 SER C 5  ? GLN C 14 ? SER C 858 GLN C 867 1 ? 10 
HELX_P HELX_P8 8 SER C 17 ? ALA C 28 ? SER C 870 ALA C 881 1 ? 12 
HELX_P HELX_P9 9 ASN C 31 ? ALA C 43 ? ASN C 884 ALA C 896 1 ? 13 
# 
_struct_conf_type.id          HELX_P 
_struct_conf_type.criteria    ? 
_struct_conf_type.reference   ? 
# 
loop_
_struct_conn.id 
_struct_conn.conn_type_id 
_struct_conn.pdbx_leaving_atom_flag 
_struct_conn.pdbx_PDB_id 
_struct_conn.ptnr1_label_asym_id 
_struct_conn.ptnr1_label_comp_id 
_struct_conn.ptnr1_label_seq_id 
_struct_conn.ptnr1_label_atom_id 
_struct_conn.pdbx_ptnr1_label_alt_id 
_struct_conn.pdbx_ptnr1_PDB_ins_code 
_struct_conn.pdbx_ptnr1_standard_comp_id 
_struct_conn.ptnr1_symmetry 
_struct_conn.ptnr2_label_asym_id 
_struct_conn.ptnr2_label_comp_id 
_struct_conn.ptnr2_label_seq_id 
_struct_conn.ptnr2_label_atom_id 
_struct_conn.pdbx_ptnr2_label_alt_id 
_struct_conn.pdbx_ptnr2_PDB_ins_code 
_struct_conn.ptnr1_auth_asym_id 
_struct_conn.ptnr1_auth_comp_id 
_struct_conn.ptnr1_auth_seq_id 
_struct_conn.ptnr2_auth_asym_id 
_struct_conn.ptnr2_auth_comp_id 
_struct_conn.ptnr2_auth_seq_id 
_struct_conn.ptnr2_symmetry 
_struct_conn.pdbx_ptnr3_label_atom_id 
_struct_conn.pdbx_ptnr3_label_seq_id 
_struct_conn.pdbx_ptnr3_label_comp_id 
_struct_conn.pdbx_ptnr3_label_asym_id 
_struct_conn.pdbx_ptnr3_label_alt_id 
_struct_conn.pdbx_ptnr3_PDB_ins_code 
_struct_conn.details 
_struct_conn.pdbx_dist_value 
_struct_conn.pdbx_value_order 
_struct_conn.pdbx_role 
covale1  covale both ? A LEU 11 C ? ? ? 1_555 A MSE 12 N ? ? A LEU 864 A MSE 865 1_555 ? ? ? ? ? ? ? 1.327 ? ? 
covale2  covale both ? A MSE 12 C ? ? ? 1_555 A SER 13 N ? ? A MSE 865 A SER 866 1_555 ? ? ? ? ? ? ? 1.345 ? ? 
covale3  covale both ? A GLU 33 C ? ? ? 1_555 A MSE 34 N ? ? A GLU 886 A MSE 887 1_555 ? ? ? ? ? ? ? 1.324 ? ? 
covale4  covale both ? A MSE 34 C ? ? ? 1_555 A ALA 35 N ? ? A MSE 887 A ALA 888 1_555 ? ? ? ? ? ? ? 1.331 ? ? 
covale5  covale both ? B LEU 11 C ? ? ? 1_555 B MSE 12 N ? ? B LEU 864 B MSE 865 1_555 ? ? ? ? ? ? ? 1.311 ? ? 
covale6  covale both ? B MSE 12 C ? ? ? 1_555 B SER 13 N ? ? B MSE 865 B SER 866 1_555 ? ? ? ? ? ? ? 1.327 ? ? 
covale7  covale both ? B GLU 33 C ? ? ? 1_555 B MSE 34 N ? ? B GLU 886 B MSE 887 1_555 ? ? ? ? ? ? ? 1.326 ? ? 
covale8  covale both ? B MSE 34 C ? ? ? 1_555 B ALA 35 N ? ? B MSE 887 B ALA 888 1_555 ? ? ? ? ? ? ? 1.337 ? ? 
covale9  covale both ? C LEU 11 C ? ? ? 1_555 C MSE 12 N ? ? C LEU 864 C MSE 865 1_555 ? ? ? ? ? ? ? 1.336 ? ? 
covale10 covale both ? C MSE 12 C ? ? ? 1_555 C SER 13 N ? ? C MSE 865 C SER 866 1_555 ? ? ? ? ? ? ? 1.326 ? ? 
covale11 covale both ? C GLU 33 C ? ? ? 1_555 C MSE 34 N ? ? C GLU 886 C MSE 887 1_555 ? ? ? ? ? ? ? 1.401 ? ? 
covale12 covale both ? C MSE 34 C ? ? ? 1_555 C ALA 35 N ? ? C MSE 887 C ALA 888 1_555 ? ? ? ? ? ? ? 1.339 ? ? 
# 
_struct_conn_type.id          covale 
_struct_conn_type.criteria    ? 
_struct_conn_type.reference   ? 
# 
loop_
_pdbx_modification_feature.ordinal 
_pdbx_modification_feature.label_comp_id 
_pdbx_modification_feature.label_asym_id 
_pdbx_modification_feature.label_seq_id 
_pdbx_modification_feature.label_alt_id 
_pdbx_modification_feature.modified_residue_label_comp_id 
_pdbx_modification_feature.modified_residue_label_asym_id 
_pdbx_modification_feature.modified_residue_label_seq_id 
_pdbx_modification_feature.modified_residue_label_alt_id 
_pdbx_modification_feature.auth_comp_id 
_pdbx_modification_feature.auth_asym_id 
_pdbx_modification_feature.auth_seq_id 
_pdbx_modification_feature.PDB_ins_code 
_pdbx_modification_feature.symmetry 
_pdbx_modification_feature.modified_residue_auth_comp_id 
_pdbx_modification_feature.modified_residue_auth_asym_id 
_pdbx_modification_feature.modified_residue_auth_seq_id 
_pdbx_modification_feature.modified_residue_PDB_ins_code 
_pdbx_modification_feature.modified_residue_symmetry 
_pdbx_modification_feature.comp_id_linking_atom 
_pdbx_modification_feature.modified_residue_id_linking_atom 
_pdbx_modification_feature.modified_residue_id 
_pdbx_modification_feature.ref_pcm_id 
_pdbx_modification_feature.ref_comp_id 
_pdbx_modification_feature.type 
_pdbx_modification_feature.category 
1 MSE A 12 ? . . . . MSE A 865 ? 1_555 . . . . . . . MET 1 MSE Selenomethionine 'Named protein modification' 
2 MSE A 34 ? . . . . MSE A 887 ? 1_555 . . . . . . . MET 1 MSE Selenomethionine 'Named protein modification' 
3 MSE B 12 ? . . . . MSE B 865 ? 1_555 . . . . . . . MET 1 MSE Selenomethionine 'Named protein modification' 
4 MSE B 34 ? . . . . MSE B 887 ? 1_555 . . . . . . . MET 1 MSE Selenomethionine 'Named protein modification' 
5 MSE C 12 ? . . . . MSE C 865 ? 1_555 . . . . . . . MET 1 MSE Selenomethionine 'Named protein modification' 
6 MSE C 34 ? . . . . MSE C 887 ? 1_555 . . . . . . . MET 1 MSE Selenomethionine 'Named protein modification' 
# 
_pdbx_entry_details.entry_id                   2OO9 
_pdbx_entry_details.compound_details           ? 
_pdbx_entry_details.source_details             ? 
_pdbx_entry_details.nonpolymer_details         ? 
_pdbx_entry_details.sequence_details           ? 
_pdbx_entry_details.has_ligand_of_interest     ? 
_pdbx_entry_details.has_protein_modification   Y 
# 
_pdbx_validate_close_contact.id               1 
_pdbx_validate_close_contact.PDB_model_num    1 
_pdbx_validate_close_contact.auth_atom_id_1   O 
_pdbx_validate_close_contact.auth_asym_id_1   B 
_pdbx_validate_close_contact.auth_comp_id_1   HOH 
_pdbx_validate_close_contact.auth_seq_id_1    1 
_pdbx_validate_close_contact.PDB_ins_code_1   ? 
_pdbx_validate_close_contact.label_alt_id_1   ? 
_pdbx_validate_close_contact.auth_atom_id_2   O 
_pdbx_validate_close_contact.auth_asym_id_2   B 
_pdbx_validate_close_contact.auth_comp_id_2   HOH 
_pdbx_validate_close_contact.auth_seq_id_2    66 
_pdbx_validate_close_contact.PDB_ins_code_2   ? 
_pdbx_validate_close_contact.label_alt_id_2   ? 
_pdbx_validate_close_contact.dist             1.90 
# 
_pdbx_validate_rmsd_bond.id                        1 
_pdbx_validate_rmsd_bond.PDB_model_num             1 
_pdbx_validate_rmsd_bond.auth_atom_id_1            C 
_pdbx_validate_rmsd_bond.auth_asym_id_1            C 
_pdbx_validate_rmsd_bond.auth_comp_id_1            GLU 
_pdbx_validate_rmsd_bond.auth_seq_id_1             886 
_pdbx_validate_rmsd_bond.PDB_ins_code_1            ? 
_pdbx_validate_rmsd_bond.label_alt_id_1            ? 
_pdbx_validate_rmsd_bond.auth_atom_id_2            O 
_pdbx_validate_rmsd_bond.auth_asym_id_2            C 
_pdbx_validate_rmsd_bond.auth_comp_id_2            GLU 
_pdbx_validate_rmsd_bond.auth_seq_id_2             886 
_pdbx_validate_rmsd_bond.PDB_ins_code_2            ? 
_pdbx_validate_rmsd_bond.label_alt_id_2            ? 
_pdbx_validate_rmsd_bond.bond_value                1.370 
_pdbx_validate_rmsd_bond.bond_target_value         1.229 
_pdbx_validate_rmsd_bond.bond_deviation            0.141 
_pdbx_validate_rmsd_bond.bond_standard_deviation   0.019 
_pdbx_validate_rmsd_bond.linker_flag               N 
# 
loop_
_pdbx_validate_torsion.id 
_pdbx_validate_torsion.PDB_model_num 
_pdbx_validate_torsion.auth_comp_id 
_pdbx_validate_torsion.auth_asym_id 
_pdbx_validate_torsion.auth_seq_id 
_pdbx_validate_torsion.PDB_ins_code 
_pdbx_validate_torsion.label_alt_id 
_pdbx_validate_torsion.phi 
_pdbx_validate_torsion.psi 
1 1 ASN A 883 ? ? 55.69   19.66  
2 1 PHE B 895 ? ? -130.97 -33.67 
3 1 ALA C 881 ? ? -66.63  8.26   
4 1 ASN C 883 ? ? 57.39   13.83  
# 
loop_
_pdbx_struct_mod_residue.id 
_pdbx_struct_mod_residue.label_asym_id 
_pdbx_struct_mod_residue.label_comp_id 
_pdbx_struct_mod_residue.label_seq_id 
_pdbx_struct_mod_residue.auth_asym_id 
_pdbx_struct_mod_residue.auth_comp_id 
_pdbx_struct_mod_residue.auth_seq_id 
_pdbx_struct_mod_residue.PDB_ins_code 
_pdbx_struct_mod_residue.parent_comp_id 
_pdbx_struct_mod_residue.details 
1 A MSE 12 A MSE 865 ? MET SELENOMETHIONINE 
2 A MSE 34 A MSE 887 ? MET SELENOMETHIONINE 
3 B MSE 12 B MSE 865 ? MET SELENOMETHIONINE 
4 B MSE 34 B MSE 887 ? MET SELENOMETHIONINE 
5 C MSE 12 C MSE 865 ? MET SELENOMETHIONINE 
6 C MSE 34 C MSE 887 ? MET SELENOMETHIONINE 
# 
_pdbx_struct_special_symmetry.id              1 
_pdbx_struct_special_symmetry.PDB_model_num   1 
_pdbx_struct_special_symmetry.auth_asym_id    B 
_pdbx_struct_special_symmetry.auth_comp_id    HOH 
_pdbx_struct_special_symmetry.auth_seq_id     2 
_pdbx_struct_special_symmetry.PDB_ins_code    ? 
_pdbx_struct_special_symmetry.label_asym_id   E 
_pdbx_struct_special_symmetry.label_comp_id   HOH 
_pdbx_struct_special_symmetry.label_seq_id    . 
# 
loop_
_pdbx_refine_tls.id 
_pdbx_refine_tls.details 
_pdbx_refine_tls.method 
_pdbx_refine_tls.origin_x 
_pdbx_refine_tls.origin_y 
_pdbx_refine_tls.origin_z 
_pdbx_refine_tls.T[1][1] 
_pdbx_refine_tls.T[2][2] 
_pdbx_refine_tls.T[3][3] 
_pdbx_refine_tls.T[1][2] 
_pdbx_refine_tls.T[1][3] 
_pdbx_refine_tls.T[2][3] 
_pdbx_refine_tls.L[1][1] 
_pdbx_refine_tls.L[2][2] 
_pdbx_refine_tls.L[3][3] 
_pdbx_refine_tls.L[1][2] 
_pdbx_refine_tls.L[1][3] 
_pdbx_refine_tls.L[2][3] 
_pdbx_refine_tls.S[1][1] 
_pdbx_refine_tls.S[1][2] 
_pdbx_refine_tls.S[1][3] 
_pdbx_refine_tls.S[2][1] 
_pdbx_refine_tls.S[2][2] 
_pdbx_refine_tls.S[2][3] 
_pdbx_refine_tls.S[3][1] 
_pdbx_refine_tls.S[3][2] 
_pdbx_refine_tls.S[3][3] 
_pdbx_refine_tls.pdbx_refine_id 
1 ? refined -10.3551 -11.8651 5.8450   0.0630 0.1732  0.0689  -0.0544 0.0013  0.0359  7.0955  6.6712  4.5073  0.5127  0.4453  3.3957  -0.0574 -0.4054 -0.8503 0.3537  0.0478  -0.1839 0.7459  -0.2717 0.0096  'X-RAY DIFFRACTION' 
2 ? refined -1.3027  -6.5552  3.4322   0.0898 0.1509  0.0743  -0.0025 0.0421  -0.0561 6.4773  5.1622  8.7557  0.5369  0.7891  -1.1755 -0.0482 0.2466  -0.2103 -0.1924 0.0870  -0.3146 0.4185  0.3459  -0.0388 'X-RAY DIFFRACTION' 
3 ? refined -6.6454  -0.7797  9.5484   0.0692 0.1554  0.0299  0.0363  0.0255  -0.0100 7.9002  8.4732  4.9529  1.7198  0.6675  0.4556  -0.0296 0.0888  0.0821  0.1593  0.0060  0.3978  -0.2543 -0.6484 0.0236  'X-RAY DIFFRACTION' 
4 ? refined 9.2370   14.5027  4.6347   0.1206 -0.0135 0.1402  0.0383  0.0710  0.0480  19.8131 4.7772  1.6911  -2.4419 0.2431  -1.8504 0.1149  0.5109  1.3150  0.0858  0.2391  -0.0579 -0.3882 -0.1147 -0.3539 'X-RAY DIFFRACTION' 
5 ? refined 5.5728   5.3549   9.7011   0.0944 0.1038  0.0942  0.0103  -0.0015 -0.0102 6.5251  6.4337  5.0241  -0.3187 -1.4830 -0.6666 0.0991  -0.0906 0.2060  0.2215  0.1632  -0.0776 -0.1230 -0.2335 -0.2622 'X-RAY DIFFRACTION' 
6 ? refined 0.3498   5.6120   1.8521   0.0631 0.1522  0.0378  0.0372  0.0376  0.0535  13.0852 3.0303  4.4610  2.1454  2.6721  0.7297  0.0980  0.8310  0.8434  -0.2354 0.0687  0.1692  -0.1466 -0.2594 -0.1667 'X-RAY DIFFRACTION' 
7 ? refined 5.5731   -4.3162  -6.3960  0.0783 0.3598  -0.1297 0.1577  0.1363  0.1092  9.8619  50.4232 6.2251  12.1258 3.4529  -0.1229 -0.5315 -0.7792 -0.6994 -0.9580 0.3108  -0.5793 0.6092  1.5579  0.2206  'X-RAY DIFFRACTION' 
8 ? refined -1.0201  -2.6517  -13.5229 0.4597 -0.0003 -0.1454 0.0292  0.1403  0.0474  26.4099 1.3888  11.8184 -4.6184 1.6328  -0.0741 -0.2325 0.1870  -1.8445 -0.7625 -0.1938 0.8159  1.6562  0.4327  0.4263  'X-RAY DIFFRACTION' 
9 ? refined 3.5782   2.6592   -17.9307 0.3195 0.0020  -0.1021 0.1374  0.2188  0.1096  16.0759 15.8608 22.6011 -6.0314 1.5339  -5.7031 -0.0618 0.1706  0.0404  -1.0299 -0.5186 -1.1239 1.4296  1.1895  0.5804  'X-RAY DIFFRACTION' 
# 
loop_
_pdbx_refine_tls_group.id 
_pdbx_refine_tls_group.refine_tls_id 
_pdbx_refine_tls_group.beg_auth_asym_id 
_pdbx_refine_tls_group.beg_auth_seq_id 
_pdbx_refine_tls_group.beg_label_asym_id 
_pdbx_refine_tls_group.beg_label_seq_id 
_pdbx_refine_tls_group.end_auth_asym_id 
_pdbx_refine_tls_group.end_auth_seq_id 
_pdbx_refine_tls_group.end_label_asym_id 
_pdbx_refine_tls_group.end_label_seq_id 
_pdbx_refine_tls_group.selection 
_pdbx_refine_tls_group.pdbx_refine_id 
_pdbx_refine_tls_group.selection_details 
1 1 A 854 A 1  A 871 A 18 ? 'X-RAY DIFFRACTION' ? 
2 2 A 872 A 19 A 888 A 35 ? 'X-RAY DIFFRACTION' ? 
3 3 A 889 A 36 A 899 A 46 ? 'X-RAY DIFFRACTION' ? 
4 4 B 855 B 2  B 869 B 16 ? 'X-RAY DIFFRACTION' ? 
5 5 B 870 B 17 B 887 B 34 ? 'X-RAY DIFFRACTION' ? 
6 6 B 888 B 35 B 898 B 45 ? 'X-RAY DIFFRACTION' ? 
7 7 C 858 C 5  C 866 C 13 ? 'X-RAY DIFFRACTION' ? 
8 8 C 867 C 14 C 886 C 33 ? 'X-RAY DIFFRACTION' ? 
9 9 C 887 C 34 C 898 C 45 ? 'X-RAY DIFFRACTION' ? 
# 
loop_
_pdbx_unobs_or_zero_occ_residues.id 
_pdbx_unobs_or_zero_occ_residues.PDB_model_num 
_pdbx_unobs_or_zero_occ_residues.polymer_flag 
_pdbx_unobs_or_zero_occ_residues.occupancy_flag 
_pdbx_unobs_or_zero_occ_residues.auth_asym_id 
_pdbx_unobs_or_zero_occ_residues.auth_comp_id 
_pdbx_unobs_or_zero_occ_residues.auth_seq_id 
_pdbx_unobs_or_zero_occ_residues.PDB_ins_code 
_pdbx_unobs_or_zero_occ_residues.label_asym_id 
_pdbx_unobs_or_zero_occ_residues.label_comp_id 
_pdbx_unobs_or_zero_occ_residues.label_seq_id 
1 1 Y 1 B GLY 854 ? B GLY 1  
2 1 Y 1 B SER 899 ? B SER 46 
3 1 Y 1 C GLY 854 ? C GLY 1  
4 1 Y 1 C SER 855 ? C SER 2  
5 1 Y 1 C GLN 856 ? C GLN 3  
6 1 Y 1 C LEU 857 ? C LEU 4  
7 1 Y 1 C SER 899 ? C SER 46 
# 
loop_
_chem_comp_atom.comp_id 
_chem_comp_atom.atom_id 
_chem_comp_atom.type_symbol 
_chem_comp_atom.pdbx_aromatic_flag 
_chem_comp_atom.pdbx_stereo_config 
_chem_comp_atom.pdbx_ordinal 
ALA N    N  N N 1   
ALA CA   C  N S 2   
ALA C    C  N N 3   
ALA O    O  N N 4   
ALA CB   C  N N 5   
ALA OXT  O  N N 6   
ALA H    H  N N 7   
ALA H2   H  N N 8   
ALA HA   H  N N 9   
ALA HB1  H  N N 10  
ALA HB2  H  N N 11  
ALA HB3  H  N N 12  
ALA HXT  H  N N 13  
ARG N    N  N N 14  
ARG CA   C  N S 15  
ARG C    C  N N 16  
ARG O    O  N N 17  
ARG CB   C  N N 18  
ARG CG   C  N N 19  
ARG CD   C  N N 20  
ARG NE   N  N N 21  
ARG CZ   C  N N 22  
ARG NH1  N  N N 23  
ARG NH2  N  N N 24  
ARG OXT  O  N N 25  
ARG H    H  N N 26  
ARG H2   H  N N 27  
ARG HA   H  N N 28  
ARG HB2  H  N N 29  
ARG HB3  H  N N 30  
ARG HG2  H  N N 31  
ARG HG3  H  N N 32  
ARG HD2  H  N N 33  
ARG HD3  H  N N 34  
ARG HE   H  N N 35  
ARG HH11 H  N N 36  
ARG HH12 H  N N 37  
ARG HH21 H  N N 38  
ARG HH22 H  N N 39  
ARG HXT  H  N N 40  
ASN N    N  N N 41  
ASN CA   C  N S 42  
ASN C    C  N N 43  
ASN O    O  N N 44  
ASN CB   C  N N 45  
ASN CG   C  N N 46  
ASN OD1  O  N N 47  
ASN ND2  N  N N 48  
ASN OXT  O  N N 49  
ASN H    H  N N 50  
ASN H2   H  N N 51  
ASN HA   H  N N 52  
ASN HB2  H  N N 53  
ASN HB3  H  N N 54  
ASN HD21 H  N N 55  
ASN HD22 H  N N 56  
ASN HXT  H  N N 57  
ASP N    N  N N 58  
ASP CA   C  N S 59  
ASP C    C  N N 60  
ASP O    O  N N 61  
ASP CB   C  N N 62  
ASP CG   C  N N 63  
ASP OD1  O  N N 64  
ASP OD2  O  N N 65  
ASP OXT  O  N N 66  
ASP H    H  N N 67  
ASP H2   H  N N 68  
ASP HA   H  N N 69  
ASP HB2  H  N N 70  
ASP HB3  H  N N 71  
ASP HD2  H  N N 72  
ASP HXT  H  N N 73  
GLN N    N  N N 74  
GLN CA   C  N S 75  
GLN C    C  N N 76  
GLN O    O  N N 77  
GLN CB   C  N N 78  
GLN CG   C  N N 79  
GLN CD   C  N N 80  
GLN OE1  O  N N 81  
GLN NE2  N  N N 82  
GLN OXT  O  N N 83  
GLN H    H  N N 84  
GLN H2   H  N N 85  
GLN HA   H  N N 86  
GLN HB2  H  N N 87  
GLN HB3  H  N N 88  
GLN HG2  H  N N 89  
GLN HG3  H  N N 90  
GLN HE21 H  N N 91  
GLN HE22 H  N N 92  
GLN HXT  H  N N 93  
GLU N    N  N N 94  
GLU CA   C  N S 95  
GLU C    C  N N 96  
GLU O    O  N N 97  
GLU CB   C  N N 98  
GLU CG   C  N N 99  
GLU CD   C  N N 100 
GLU OE1  O  N N 101 
GLU OE2  O  N N 102 
GLU OXT  O  N N 103 
GLU H    H  N N 104 
GLU H2   H  N N 105 
GLU HA   H  N N 106 
GLU HB2  H  N N 107 
GLU HB3  H  N N 108 
GLU HG2  H  N N 109 
GLU HG3  H  N N 110 
GLU HE2  H  N N 111 
GLU HXT  H  N N 112 
GLY N    N  N N 113 
GLY CA   C  N N 114 
GLY C    C  N N 115 
GLY O    O  N N 116 
GLY OXT  O  N N 117 
GLY H    H  N N 118 
GLY H2   H  N N 119 
GLY HA2  H  N N 120 
GLY HA3  H  N N 121 
GLY HXT  H  N N 122 
HOH O    O  N N 123 
HOH H1   H  N N 124 
HOH H2   H  N N 125 
ILE N    N  N N 126 
ILE CA   C  N S 127 
ILE C    C  N N 128 
ILE O    O  N N 129 
ILE CB   C  N S 130 
ILE CG1  C  N N 131 
ILE CG2  C  N N 132 
ILE CD1  C  N N 133 
ILE OXT  O  N N 134 
ILE H    H  N N 135 
ILE H2   H  N N 136 
ILE HA   H  N N 137 
ILE HB   H  N N 138 
ILE HG12 H  N N 139 
ILE HG13 H  N N 140 
ILE HG21 H  N N 141 
ILE HG22 H  N N 142 
ILE HG23 H  N N 143 
ILE HD11 H  N N 144 
ILE HD12 H  N N 145 
ILE HD13 H  N N 146 
ILE HXT  H  N N 147 
LEU N    N  N N 148 
LEU CA   C  N S 149 
LEU C    C  N N 150 
LEU O    O  N N 151 
LEU CB   C  N N 152 
LEU CG   C  N N 153 
LEU CD1  C  N N 154 
LEU CD2  C  N N 155 
LEU OXT  O  N N 156 
LEU H    H  N N 157 
LEU H2   H  N N 158 
LEU HA   H  N N 159 
LEU HB2  H  N N 160 
LEU HB3  H  N N 161 
LEU HG   H  N N 162 
LEU HD11 H  N N 163 
LEU HD12 H  N N 164 
LEU HD13 H  N N 165 
LEU HD21 H  N N 166 
LEU HD22 H  N N 167 
LEU HD23 H  N N 168 
LEU HXT  H  N N 169 
LYS N    N  N N 170 
LYS CA   C  N S 171 
LYS C    C  N N 172 
LYS O    O  N N 173 
LYS CB   C  N N 174 
LYS CG   C  N N 175 
LYS CD   C  N N 176 
LYS CE   C  N N 177 
LYS NZ   N  N N 178 
LYS OXT  O  N N 179 
LYS H    H  N N 180 
LYS H2   H  N N 181 
LYS HA   H  N N 182 
LYS HB2  H  N N 183 
LYS HB3  H  N N 184 
LYS HG2  H  N N 185 
LYS HG3  H  N N 186 
LYS HD2  H  N N 187 
LYS HD3  H  N N 188 
LYS HE2  H  N N 189 
LYS HE3  H  N N 190 
LYS HZ1  H  N N 191 
LYS HZ2  H  N N 192 
LYS HZ3  H  N N 193 
LYS HXT  H  N N 194 
MET N    N  N N 195 
MET CA   C  N S 196 
MET C    C  N N 197 
MET O    O  N N 198 
MET CB   C  N N 199 
MET CG   C  N N 200 
MET SD   S  N N 201 
MET CE   C  N N 202 
MET OXT  O  N N 203 
MET H    H  N N 204 
MET H2   H  N N 205 
MET HA   H  N N 206 
MET HB2  H  N N 207 
MET HB3  H  N N 208 
MET HG2  H  N N 209 
MET HG3  H  N N 210 
MET HE1  H  N N 211 
MET HE2  H  N N 212 
MET HE3  H  N N 213 
MET HXT  H  N N 214 
MSE N    N  N N 215 
MSE CA   C  N S 216 
MSE C    C  N N 217 
MSE O    O  N N 218 
MSE OXT  O  N N 219 
MSE CB   C  N N 220 
MSE CG   C  N N 221 
MSE SE   SE N N 222 
MSE CE   C  N N 223 
MSE H    H  N N 224 
MSE H2   H  N N 225 
MSE HA   H  N N 226 
MSE HXT  H  N N 227 
MSE HB2  H  N N 228 
MSE HB3  H  N N 229 
MSE HG2  H  N N 230 
MSE HG3  H  N N 231 
MSE HE1  H  N N 232 
MSE HE2  H  N N 233 
MSE HE3  H  N N 234 
PHE N    N  N N 235 
PHE CA   C  N S 236 
PHE C    C  N N 237 
PHE O    O  N N 238 
PHE CB   C  N N 239 
PHE CG   C  Y N 240 
PHE CD1  C  Y N 241 
PHE CD2  C  Y N 242 
PHE CE1  C  Y N 243 
PHE CE2  C  Y N 244 
PHE CZ   C  Y N 245 
PHE OXT  O  N N 246 
PHE H    H  N N 247 
PHE H2   H  N N 248 
PHE HA   H  N N 249 
PHE HB2  H  N N 250 
PHE HB3  H  N N 251 
PHE HD1  H  N N 252 
PHE HD2  H  N N 253 
PHE HE1  H  N N 254 
PHE HE2  H  N N 255 
PHE HZ   H  N N 256 
PHE HXT  H  N N 257 
SER N    N  N N 258 
SER CA   C  N S 259 
SER C    C  N N 260 
SER O    O  N N 261 
SER CB   C  N N 262 
SER OG   O  N N 263 
SER OXT  O  N N 264 
SER H    H  N N 265 
SER H2   H  N N 266 
SER HA   H  N N 267 
SER HB2  H  N N 268 
SER HB3  H  N N 269 
SER HG   H  N N 270 
SER HXT  H  N N 271 
TYR N    N  N N 272 
TYR CA   C  N S 273 
TYR C    C  N N 274 
TYR O    O  N N 275 
TYR CB   C  N N 276 
TYR CG   C  Y N 277 
TYR CD1  C  Y N 278 
TYR CD2  C  Y N 279 
TYR CE1  C  Y N 280 
TYR CE2  C  Y N 281 
TYR CZ   C  Y N 282 
TYR OH   O  N N 283 
TYR OXT  O  N N 284 
TYR H    H  N N 285 
TYR H2   H  N N 286 
TYR HA   H  N N 287 
TYR HB2  H  N N 288 
TYR HB3  H  N N 289 
TYR HD1  H  N N 290 
TYR HD2  H  N N 291 
TYR HE1  H  N N 292 
TYR HE2  H  N N 293 
TYR HH   H  N N 294 
TYR HXT  H  N N 295 
VAL N    N  N N 296 
VAL CA   C  N S 297 
VAL C    C  N N 298 
VAL O    O  N N 299 
VAL CB   C  N N 300 
VAL CG1  C  N N 301 
VAL CG2  C  N N 302 
VAL OXT  O  N N 303 
VAL H    H  N N 304 
VAL H2   H  N N 305 
VAL HA   H  N N 306 
VAL HB   H  N N 307 
VAL HG11 H  N N 308 
VAL HG12 H  N N 309 
VAL HG13 H  N N 310 
VAL HG21 H  N N 311 
VAL HG22 H  N N 312 
VAL HG23 H  N N 313 
VAL HXT  H  N N 314 
# 
loop_
_chem_comp_bond.comp_id 
_chem_comp_bond.atom_id_1 
_chem_comp_bond.atom_id_2 
_chem_comp_bond.value_order 
_chem_comp_bond.pdbx_aromatic_flag 
_chem_comp_bond.pdbx_stereo_config 
_chem_comp_bond.pdbx_ordinal 
ALA N   CA   sing N N 1   
ALA N   H    sing N N 2   
ALA N   H2   sing N N 3   
ALA CA  C    sing N N 4   
ALA CA  CB   sing N N 5   
ALA CA  HA   sing N N 6   
ALA C   O    doub N N 7   
ALA C   OXT  sing N N 8   
ALA CB  HB1  sing N N 9   
ALA CB  HB2  sing N N 10  
ALA CB  HB3  sing N N 11  
ALA OXT HXT  sing N N 12  
ARG N   CA   sing N N 13  
ARG N   H    sing N N 14  
ARG N   H2   sing N N 15  
ARG CA  C    sing N N 16  
ARG CA  CB   sing N N 17  
ARG CA  HA   sing N N 18  
ARG C   O    doub N N 19  
ARG C   OXT  sing N N 20  
ARG CB  CG   sing N N 21  
ARG CB  HB2  sing N N 22  
ARG CB  HB3  sing N N 23  
ARG CG  CD   sing N N 24  
ARG CG  HG2  sing N N 25  
ARG CG  HG3  sing N N 26  
ARG CD  NE   sing N N 27  
ARG CD  HD2  sing N N 28  
ARG CD  HD3  sing N N 29  
ARG NE  CZ   sing N N 30  
ARG NE  HE   sing N N 31  
ARG CZ  NH1  sing N N 32  
ARG CZ  NH2  doub N N 33  
ARG NH1 HH11 sing N N 34  
ARG NH1 HH12 sing N N 35  
ARG NH2 HH21 sing N N 36  
ARG NH2 HH22 sing N N 37  
ARG OXT HXT  sing N N 38  
ASN N   CA   sing N N 39  
ASN N   H    sing N N 40  
ASN N   H2   sing N N 41  
ASN CA  C    sing N N 42  
ASN CA  CB   sing N N 43  
ASN CA  HA   sing N N 44  
ASN C   O    doub N N 45  
ASN C   OXT  sing N N 46  
ASN CB  CG   sing N N 47  
ASN CB  HB2  sing N N 48  
ASN CB  HB3  sing N N 49  
ASN CG  OD1  doub N N 50  
ASN CG  ND2  sing N N 51  
ASN ND2 HD21 sing N N 52  
ASN ND2 HD22 sing N N 53  
ASN OXT HXT  sing N N 54  
ASP N   CA   sing N N 55  
ASP N   H    sing N N 56  
ASP N   H2   sing N N 57  
ASP CA  C    sing N N 58  
ASP CA  CB   sing N N 59  
ASP CA  HA   sing N N 60  
ASP C   O    doub N N 61  
ASP C   OXT  sing N N 62  
ASP CB  CG   sing N N 63  
ASP CB  HB2  sing N N 64  
ASP CB  HB3  sing N N 65  
ASP CG  OD1  doub N N 66  
ASP CG  OD2  sing N N 67  
ASP OD2 HD2  sing N N 68  
ASP OXT HXT  sing N N 69  
GLN N   CA   sing N N 70  
GLN N   H    sing N N 71  
GLN N   H2   sing N N 72  
GLN CA  C    sing N N 73  
GLN CA  CB   sing N N 74  
GLN CA  HA   sing N N 75  
GLN C   O    doub N N 76  
GLN C   OXT  sing N N 77  
GLN CB  CG   sing N N 78  
GLN CB  HB2  sing N N 79  
GLN CB  HB3  sing N N 80  
GLN CG  CD   sing N N 81  
GLN CG  HG2  sing N N 82  
GLN CG  HG3  sing N N 83  
GLN CD  OE1  doub N N 84  
GLN CD  NE2  sing N N 85  
GLN NE2 HE21 sing N N 86  
GLN NE2 HE22 sing N N 87  
GLN OXT HXT  sing N N 88  
GLU N   CA   sing N N 89  
GLU N   H    sing N N 90  
GLU N   H2   sing N N 91  
GLU CA  C    sing N N 92  
GLU CA  CB   sing N N 93  
GLU CA  HA   sing N N 94  
GLU C   O    doub N N 95  
GLU C   OXT  sing N N 96  
GLU CB  CG   sing N N 97  
GLU CB  HB2  sing N N 98  
GLU CB  HB3  sing N N 99  
GLU CG  CD   sing N N 100 
GLU CG  HG2  sing N N 101 
GLU CG  HG3  sing N N 102 
GLU CD  OE1  doub N N 103 
GLU CD  OE2  sing N N 104 
GLU OE2 HE2  sing N N 105 
GLU OXT HXT  sing N N 106 
GLY N   CA   sing N N 107 
GLY N   H    sing N N 108 
GLY N   H2   sing N N 109 
GLY CA  C    sing N N 110 
GLY CA  HA2  sing N N 111 
GLY CA  HA3  sing N N 112 
GLY C   O    doub N N 113 
GLY C   OXT  sing N N 114 
GLY OXT HXT  sing N N 115 
HOH O   H1   sing N N 116 
HOH O   H2   sing N N 117 
ILE N   CA   sing N N 118 
ILE N   H    sing N N 119 
ILE N   H2   sing N N 120 
ILE CA  C    sing N N 121 
ILE CA  CB   sing N N 122 
ILE CA  HA   sing N N 123 
ILE C   O    doub N N 124 
ILE C   OXT  sing N N 125 
ILE CB  CG1  sing N N 126 
ILE CB  CG2  sing N N 127 
ILE CB  HB   sing N N 128 
ILE CG1 CD1  sing N N 129 
ILE CG1 HG12 sing N N 130 
ILE CG1 HG13 sing N N 131 
ILE CG2 HG21 sing N N 132 
ILE CG2 HG22 sing N N 133 
ILE CG2 HG23 sing N N 134 
ILE CD1 HD11 sing N N 135 
ILE CD1 HD12 sing N N 136 
ILE CD1 HD13 sing N N 137 
ILE OXT HXT  sing N N 138 
LEU N   CA   sing N N 139 
LEU N   H    sing N N 140 
LEU N   H2   sing N N 141 
LEU CA  C    sing N N 142 
LEU CA  CB   sing N N 143 
LEU CA  HA   sing N N 144 
LEU C   O    doub N N 145 
LEU C   OXT  sing N N 146 
LEU CB  CG   sing N N 147 
LEU CB  HB2  sing N N 148 
LEU CB  HB3  sing N N 149 
LEU CG  CD1  sing N N 150 
LEU CG  CD2  sing N N 151 
LEU CG  HG   sing N N 152 
LEU CD1 HD11 sing N N 153 
LEU CD1 HD12 sing N N 154 
LEU CD1 HD13 sing N N 155 
LEU CD2 HD21 sing N N 156 
LEU CD2 HD22 sing N N 157 
LEU CD2 HD23 sing N N 158 
LEU OXT HXT  sing N N 159 
LYS N   CA   sing N N 160 
LYS N   H    sing N N 161 
LYS N   H2   sing N N 162 
LYS CA  C    sing N N 163 
LYS CA  CB   sing N N 164 
LYS CA  HA   sing N N 165 
LYS C   O    doub N N 166 
LYS C   OXT  sing N N 167 
LYS CB  CG   sing N N 168 
LYS CB  HB2  sing N N 169 
LYS CB  HB3  sing N N 170 
LYS CG  CD   sing N N 171 
LYS CG  HG2  sing N N 172 
LYS CG  HG3  sing N N 173 
LYS CD  CE   sing N N 174 
LYS CD  HD2  sing N N 175 
LYS CD  HD3  sing N N 176 
LYS CE  NZ   sing N N 177 
LYS CE  HE2  sing N N 178 
LYS CE  HE3  sing N N 179 
LYS NZ  HZ1  sing N N 180 
LYS NZ  HZ2  sing N N 181 
LYS NZ  HZ3  sing N N 182 
LYS OXT HXT  sing N N 183 
MET N   CA   sing N N 184 
MET N   H    sing N N 185 
MET N   H2   sing N N 186 
MET CA  C    sing N N 187 
MET CA  CB   sing N N 188 
MET CA  HA   sing N N 189 
MET C   O    doub N N 190 
MET C   OXT  sing N N 191 
MET CB  CG   sing N N 192 
MET CB  HB2  sing N N 193 
MET CB  HB3  sing N N 194 
MET CG  SD   sing N N 195 
MET CG  HG2  sing N N 196 
MET CG  HG3  sing N N 197 
MET SD  CE   sing N N 198 
MET CE  HE1  sing N N 199 
MET CE  HE2  sing N N 200 
MET CE  HE3  sing N N 201 
MET OXT HXT  sing N N 202 
MSE N   CA   sing N N 203 
MSE N   H    sing N N 204 
MSE N   H2   sing N N 205 
MSE CA  C    sing N N 206 
MSE CA  CB   sing N N 207 
MSE CA  HA   sing N N 208 
MSE C   O    doub N N 209 
MSE C   OXT  sing N N 210 
MSE OXT HXT  sing N N 211 
MSE CB  CG   sing N N 212 
MSE CB  HB2  sing N N 213 
MSE CB  HB3  sing N N 214 
MSE CG  SE   sing N N 215 
MSE CG  HG2  sing N N 216 
MSE CG  HG3  sing N N 217 
MSE SE  CE   sing N N 218 
MSE CE  HE1  sing N N 219 
MSE CE  HE2  sing N N 220 
MSE CE  HE3  sing N N 221 
PHE N   CA   sing N N 222 
PHE N   H    sing N N 223 
PHE N   H2   sing N N 224 
PHE CA  C    sing N N 225 
PHE CA  CB   sing N N 226 
PHE CA  HA   sing N N 227 
PHE C   O    doub N N 228 
PHE C   OXT  sing N N 229 
PHE CB  CG   sing N N 230 
PHE CB  HB2  sing N N 231 
PHE CB  HB3  sing N N 232 
PHE CG  CD1  doub Y N 233 
PHE CG  CD2  sing Y N 234 
PHE CD1 CE1  sing Y N 235 
PHE CD1 HD1  sing N N 236 
PHE CD2 CE2  doub Y N 237 
PHE CD2 HD2  sing N N 238 
PHE CE1 CZ   doub Y N 239 
PHE CE1 HE1  sing N N 240 
PHE CE2 CZ   sing Y N 241 
PHE CE2 HE2  sing N N 242 
PHE CZ  HZ   sing N N 243 
PHE OXT HXT  sing N N 244 
SER N   CA   sing N N 245 
SER N   H    sing N N 246 
SER N   H2   sing N N 247 
SER CA  C    sing N N 248 
SER CA  CB   sing N N 249 
SER CA  HA   sing N N 250 
SER C   O    doub N N 251 
SER C   OXT  sing N N 252 
SER CB  OG   sing N N 253 
SER CB  HB2  sing N N 254 
SER CB  HB3  sing N N 255 
SER OG  HG   sing N N 256 
SER OXT HXT  sing N N 257 
TYR N   CA   sing N N 258 
TYR N   H    sing N N 259 
TYR N   H2   sing N N 260 
TYR CA  C    sing N N 261 
TYR CA  CB   sing N N 262 
TYR CA  HA   sing N N 263 
TYR C   O    doub N N 264 
TYR C   OXT  sing N N 265 
TYR CB  CG   sing N N 266 
TYR CB  HB2  sing N N 267 
TYR CB  HB3  sing N N 268 
TYR CG  CD1  doub Y N 269 
TYR CG  CD2  sing Y N 270 
TYR CD1 CE1  sing Y N 271 
TYR CD1 HD1  sing N N 272 
TYR CD2 CE2  doub Y N 273 
TYR CD2 HD2  sing N N 274 
TYR CE1 CZ   doub Y N 275 
TYR CE1 HE1  sing N N 276 
TYR CE2 CZ   sing Y N 277 
TYR CE2 HE2  sing N N 278 
TYR CZ  OH   sing N N 279 
TYR OH  HH   sing N N 280 
TYR OXT HXT  sing N N 281 
VAL N   CA   sing N N 282 
VAL N   H    sing N N 283 
VAL N   H2   sing N N 284 
VAL CA  C    sing N N 285 
VAL CA  CB   sing N N 286 
VAL CA  HA   sing N N 287 
VAL C   O    doub N N 288 
VAL C   OXT  sing N N 289 
VAL CB  CG1  sing N N 290 
VAL CB  CG2  sing N N 291 
VAL CB  HB   sing N N 292 
VAL CG1 HG11 sing N N 293 
VAL CG1 HG12 sing N N 294 
VAL CG1 HG13 sing N N 295 
VAL CG2 HG21 sing N N 296 
VAL CG2 HG22 sing N N 297 
VAL CG2 HG23 sing N N 298 
VAL OXT HXT  sing N N 299 
# 
_atom_sites.entry_id                    2OO9 
_atom_sites.fract_transf_matrix[1][1]   -0.00741871 
_atom_sites.fract_transf_matrix[1][2]   -0.00967369 
_atom_sites.fract_transf_matrix[1][3]   0.00005382 
_atom_sites.fract_transf_matrix[2][1]   0.00680027 
_atom_sites.fract_transf_matrix[2][2]   -0.00526318 
_atom_sites.fract_transf_matrix[2][3]   -0.00864151 
_atom_sites.fract_transf_matrix[3][1]   0.01004316 
_atom_sites.fract_transf_matrix[3][2]   -0.00763223 
_atom_sites.fract_transf_matrix[3][3]   0.01255173 
_atom_sites.fract_transf_vector[1]      0.358393 
_atom_sites.fract_transf_vector[2]      0.197499 
_atom_sites.fract_transf_vector[3]      -0.198280 
# 
loop_
_atom_type.symbol 
C  
N  
O  
SE 
# 
loop_
_atom_site.group_PDB 
_atom_site.id 
_atom_site.type_symbol 
_atom_site.label_atom_id 
_atom_site.label_alt_id 
_atom_site.label_comp_id 
_atom_site.label_asym_id 
_atom_site.label_entity_id 
_atom_site.label_seq_id 
_atom_site.pdbx_PDB_ins_code 
_atom_site.Cartn_x 
_atom_site.Cartn_y 
_atom_site.Cartn_z 
_atom_site.occupancy 
_atom_site.B_iso_or_equiv 
_atom_site.pdbx_formal_charge 
_atom_site.auth_seq_id 
_atom_site.auth_comp_id 
_atom_site.auth_asym_id 
_atom_site.auth_atom_id 
_atom_site.pdbx_PDB_model_num 
ATOM   1    N  N   . GLY A 1 1  ? -10.189 -24.805 3.407   1.00 36.13 ? 854 GLY A N   1 
ATOM   2    C  CA  . GLY A 1 1  ? -9.554  -23.445 3.373   1.00 35.98 ? 854 GLY A CA  1 
ATOM   3    C  C   . GLY A 1 1  ? -8.170  -23.378 4.012   1.00 35.94 ? 854 GLY A C   1 
ATOM   4    O  O   . GLY A 1 1  ? -7.772  -24.292 4.744   1.00 36.67 ? 854 GLY A O   1 
ATOM   5    N  N   . SER A 1 2  ? -7.439  -22.297 3.723   1.00 36.13 ? 855 SER A N   1 
ATOM   6    C  CA  . SER A 1 2  ? -6.125  -21.996 4.344   1.00 35.63 ? 855 SER A CA  1 
ATOM   7    C  C   . SER A 1 2  ? -6.231  -20.983 5.506   1.00 34.96 ? 855 SER A C   1 
ATOM   8    O  O   . SER A 1 2  ? -7.291  -20.378 5.727   1.00 34.86 ? 855 SER A O   1 
ATOM   9    C  CB  . SER A 1 2  ? -5.137  -21.454 3.297   1.00 35.56 ? 855 SER A CB  1 
ATOM   10   O  OG  . SER A 1 2  ? -5.376  -20.070 3.031   1.00 35.17 ? 855 SER A OG  1 
ATOM   11   N  N   . GLN A 1 3  ? -5.124  -20.810 6.236   1.00 34.29 ? 856 GLN A N   1 
ATOM   12   C  CA  . GLN A 1 3  ? -5.059  -19.831 7.317   1.00 33.92 ? 856 GLN A CA  1 
ATOM   13   C  C   . GLN A 1 3  ? -5.236  -18.407 6.786   1.00 32.81 ? 856 GLN A C   1 
ATOM   14   O  O   . GLN A 1 3  ? -6.032  -17.644 7.322   1.00 31.48 ? 856 GLN A O   1 
ATOM   15   C  CB  . GLN A 1 3  ? -3.745  -19.936 8.095   1.00 34.47 ? 856 GLN A CB  1 
ATOM   16   C  CG  . GLN A 1 3  ? -3.711  -19.070 9.375   1.00 37.08 ? 856 GLN A CG  1 
ATOM   17   C  CD  . GLN A 1 3  ? -4.948  -19.286 10.271  1.00 39.92 ? 856 GLN A CD  1 
ATOM   18   O  OE1 . GLN A 1 3  ? -5.404  -20.423 10.472  1.00 40.67 ? 856 GLN A OE1 1 
ATOM   19   N  NE2 . GLN A 1 3  ? -5.484  -18.192 10.814  1.00 39.33 ? 856 GLN A NE2 1 
ATOM   20   N  N   . LEU A 1 4  ? -4.480  -18.072 5.734   1.00 32.29 ? 857 LEU A N   1 
ATOM   21   C  CA  . LEU A 1 4  ? -4.570  -16.772 5.086   1.00 31.97 ? 857 LEU A CA  1 
ATOM   22   C  C   . LEU A 1 4  ? -6.017  -16.423 4.656   1.00 30.89 ? 857 LEU A C   1 
ATOM   23   O  O   . LEU A 1 4  ? -6.486  -15.309 4.936   1.00 29.99 ? 857 LEU A O   1 
ATOM   24   C  CB  . LEU A 1 4  ? -3.614  -16.697 3.905   1.00 32.64 ? 857 LEU A CB  1 
ATOM   25   C  CG  . LEU A 1 4  ? -2.928  -15.388 3.458   1.00 33.99 ? 857 LEU A CG  1 
ATOM   26   C  CD1 . LEU A 1 4  ? -2.889  -15.309 1.940   1.00 34.24 ? 857 LEU A CD1 1 
ATOM   27   C  CD2 . LEU A 1 4  ? -3.517  -14.113 4.044   1.00 35.38 ? 857 LEU A CD2 1 
ATOM   28   N  N   . SER A 1 5  ? -6.722  -17.360 4.009   1.00 30.02 ? 858 SER A N   1 
ATOM   29   C  CA  . SER A 1 5  ? -8.078  -17.066 3.486   1.00 30.05 ? 858 SER A CA  1 
ATOM   30   C  C   . SER A 1 5  ? -9.096  -16.903 4.624   1.00 29.39 ? 858 SER A C   1 
ATOM   31   O  O   . SER A 1 5  ? -9.975  -16.038 4.596   1.00 28.77 ? 858 SER A O   1 
ATOM   32   C  CB  . SER A 1 5  ? -8.524  -18.085 2.424   1.00 30.30 ? 858 SER A CB  1 
ATOM   33   O  OG  . SER A 1 5  ? -8.566  -19.393 2.945   1.00 33.91 ? 858 SER A OG  1 
ATOM   34   N  N   . SER A 1 6  ? -8.928  -17.724 5.649   1.00 28.72 ? 859 SER A N   1 
ATOM   35   C  CA  . SER A 1 6  ? -9.563  -17.532 6.938   1.00 28.39 ? 859 SER A CA  1 
ATOM   36   C  C   . SER A 1 6  ? -9.375  -16.094 7.522   1.00 27.93 ? 859 SER A C   1 
ATOM   37   O  O   . SER A 1 6  ? -10.352 -15.418 7.884   1.00 26.57 ? 859 SER A O   1 
ATOM   38   C  CB  . SER A 1 6  ? -9.046  -18.639 7.876   1.00 28.64 ? 859 SER A CB  1 
ATOM   39   O  OG  . SER A 1 6  ? -9.711  -18.608 9.098   1.00 30.63 ? 859 SER A OG  1 
ATOM   40   N  N   . GLU A 1 7  ? -8.124  -15.625 7.574   1.00 27.22 ? 860 GLU A N   1 
ATOM   41   C  CA  . GLU A 1 7  ? -7.797  -14.254 7.986   1.00 27.68 ? 860 GLU A CA  1 
ATOM   42   C  C   . GLU A 1 7  ? -8.459  -13.180 7.092   1.00 26.83 ? 860 GLU A C   1 
ATOM   43   O  O   . GLU A 1 7  ? -8.911  -12.148 7.577   1.00 25.82 ? 860 GLU A O   1 
ATOM   44   C  CB  . GLU A 1 7  ? -6.279  -14.009 8.016   1.00 26.61 ? 860 GLU A CB  1 
ATOM   45   C  CG  . GLU A 1 7  ? -5.485  -15.011 8.882   1.00 32.20 ? 860 GLU A CG  1 
ATOM   46   C  CD  . GLU A 1 7  ? -5.446  -14.627 10.347  1.00 36.03 ? 860 GLU A CD  1 
ATOM   47   O  OE1 . GLU A 1 7  ? -4.550  -15.136 11.076  1.00 38.05 ? 860 GLU A OE1 1 
ATOM   48   O  OE2 . GLU A 1 7  ? -6.291  -13.784 10.770  1.00 39.12 ? 860 GLU A OE2 1 
ATOM   49   N  N   . ILE A 1 8  ? -8.474  -13.417 5.790   1.00 26.10 ? 861 ILE A N   1 
ATOM   50   C  CA  . ILE A 1 8  ? -9.093  -12.476 4.884   1.00 25.75 ? 861 ILE A CA  1 
ATOM   51   C  C   . ILE A 1 8  ? -10.622 -12.417 5.140   1.00 26.35 ? 861 ILE A C   1 
ATOM   52   O  O   . ILE A 1 8  ? -11.216 -11.340 5.104   1.00 25.45 ? 861 ILE A O   1 
ATOM   53   C  CB  . ILE A 1 8  ? -8.764  -12.798 3.359   1.00 26.13 ? 861 ILE A CB  1 
ATOM   54   C  CG1 . ILE A 1 8  ? -7.277  -12.485 3.065   1.00 25.86 ? 861 ILE A CG1 1 
ATOM   55   C  CG2 . ILE A 1 8  ? -9.695  -11.983 2.428   1.00 19.10 ? 861 ILE A CG2 1 
ATOM   56   C  CD1 . ILE A 1 8  ? -6.681  -13.150 1.764   1.00 26.67 ? 861 ILE A CD1 1 
ATOM   57   N  N   . GLU A 1 9  ? -11.249 -13.568 5.374   1.00 26.67 ? 862 GLU A N   1 
ATOM   58   C  CA  . GLU A 1 9  ? -12.695 -13.606 5.614   1.00 28.68 ? 862 GLU A CA  1 
ATOM   59   C  C   . GLU A 1 9  ? -13.007 -12.884 6.908   1.00 28.45 ? 862 GLU A C   1 
ATOM   60   O  O   . GLU A 1 9  ? -14.037 -12.209 7.020   1.00 29.58 ? 862 GLU A O   1 
ATOM   61   C  CB  . GLU A 1 9  ? -13.243 -15.051 5.670   1.00 28.42 ? 862 GLU A CB  1 
ATOM   62   C  CG  . GLU A 1 9  ? -13.313 -15.663 4.292   1.00 32.08 ? 862 GLU A CG  1 
ATOM   63   C  CD  . GLU A 1 9  ? -13.705 -17.145 4.259   1.00 32.32 ? 862 GLU A CD  1 
ATOM   64   O  OE1 . GLU A 1 9  ? -12.928 -17.980 3.702   1.00 32.96 ? 862 GLU A OE1 1 
ATOM   65   O  OE2 . GLU A 1 9  ? -14.822 -17.454 4.739   1.00 37.48 ? 862 GLU A OE2 1 
ATOM   66   N  N   . ASN A 1 10 ? -12.126 -13.003 7.894   1.00 28.18 ? 863 ASN A N   1 
ATOM   67   C  CA  . ASN A 1 10 ? -12.392 -12.334 9.152   1.00 28.81 ? 863 ASN A CA  1 
ATOM   68   C  C   . ASN A 1 10 ? -12.272 -10.841 8.978   1.00 27.84 ? 863 ASN A C   1 
ATOM   69   O  O   . ASN A 1 10 ? -13.080 -10.107 9.507   1.00 27.76 ? 863 ASN A O   1 
ATOM   70   C  CB  . ASN A 1 10 ? -11.477 -12.819 10.297  1.00 30.49 ? 863 ASN A CB  1 
ATOM   71   C  CG  . ASN A 1 10 ? -11.688 -12.027 11.574  1.00 34.67 ? 863 ASN A CG  1 
ATOM   72   O  OD1 . ASN A 1 10 ? -12.574 -12.333 12.362  1.00 39.68 ? 863 ASN A OD1 1 
ATOM   73   N  ND2 . ASN A 1 10 ? -10.881 -10.986 11.772  1.00 41.93 ? 863 ASN A ND2 1 
ATOM   74   N  N   . LEU A 1 11 ? -11.288 -10.386 8.200   1.00 26.56 ? 864 LEU A N   1 
ATOM   75   C  CA  . LEU A 1 11 ? -11.175 -8.978  7.922   1.00 25.68 ? 864 LEU A CA  1 
ATOM   76   C  C   . LEU A 1 11 ? -12.399 -8.412  7.190   1.00 26.07 ? 864 LEU A C   1 
ATOM   77   O  O   . LEU A 1 11 ? -12.823 -7.310  7.502   1.00 25.81 ? 864 LEU A O   1 
ATOM   78   C  CB  . LEU A 1 11 ? -9.852  -8.670  7.183   1.00 23.78 ? 864 LEU A CB  1 
ATOM   79   C  CG  . LEU A 1 11 ? -8.659  -8.855  8.103   1.00 25.66 ? 864 LEU A CG  1 
ATOM   80   C  CD1 . LEU A 1 11 ? -7.352  -9.010  7.278   1.00 21.30 ? 864 LEU A CD1 1 
ATOM   81   C  CD2 . LEU A 1 11 ? -8.528  -7.748  9.197   1.00 23.27 ? 864 LEU A CD2 1 
HETATM 82   N  N   . MSE A 1 12 ? -12.952 -9.152  6.238   1.00 26.84 ? 865 MSE A N   1 
HETATM 83   C  CA  . MSE A 1 12 ? -14.173 -8.693  5.525   1.00 30.59 ? 865 MSE A CA  1 
HETATM 84   C  C   . MSE A 1 12 ? -15.385 -8.591  6.430   1.00 29.49 ? 865 MSE A C   1 
HETATM 85   O  O   . MSE A 1 12 ? -16.146 -7.647  6.290   1.00 28.99 ? 865 MSE A O   1 
HETATM 86   C  CB  . MSE A 1 12 ? -14.466 -9.542  4.277   1.00 29.32 ? 865 MSE A CB  1 
HETATM 87   C  CG  . MSE A 1 12 ? -13.279 -9.548  3.239   1.00 32.24 ? 865 MSE A CG  1 
HETATM 88   SE SE  . MSE A 1 12 ? -13.767 -10.749 1.731   0.70 40.76 ? 865 MSE A SE  1 
HETATM 89   C  CE  . MSE A 1 12 ? -15.185 -9.880  1.132   1.00 25.52 ? 865 MSE A CE  1 
ATOM   90   N  N   . SER A 1 13 ? -15.529 -9.534  7.379   1.00 30.77 ? 866 SER A N   1 
ATOM   91   C  CA  . SER A 1 13 ? -16.569 -9.497  8.415   1.00 31.61 ? 866 SER A CA  1 
ATOM   92   C  C   . SER A 1 13 ? -16.476 -8.238  9.204   1.00 30.74 ? 866 SER A C   1 
ATOM   93   O  O   . SER A 1 13 ? -17.485 -7.710  9.626   1.00 29.97 ? 866 SER A O   1 
ATOM   94   C  CB  . SER A 1 13 ? -16.389 -10.612 9.459   1.00 33.46 ? 866 SER A CB  1 
ATOM   95   O  OG  . SER A 1 13 ? -16.405 -11.862 8.804   1.00 39.65 ? 866 SER A OG  1 
ATOM   96   N  N   . GLN A 1 14 ? -15.254 -7.775  9.436   1.00 29.50 ? 867 GLN A N   1 
ATOM   97   C  CA  . GLN A 1 14 ? -15.063 -6.527  10.123  1.00 29.28 ? 867 GLN A CA  1 
ATOM   98   C  C   . GLN A 1 14 ? -15.429 -5.303  9.280   1.00 29.14 ? 867 GLN A C   1 
ATOM   99   O  O   . GLN A 1 14 ? -15.427 -4.203  9.801   1.00 30.44 ? 867 GLN A O   1 
ATOM   100  C  CB  . GLN A 1 14 ? -13.608 -6.420  10.591  1.00 30.01 ? 867 GLN A CB  1 
ATOM   101  C  CG  . GLN A 1 14 ? -13.198 -7.494  11.543  1.00 31.23 ? 867 GLN A CG  1 
ATOM   102  C  CD  . GLN A 1 14 ? -11.862 -7.148  12.177  1.00 35.53 ? 867 GLN A CD  1 
ATOM   103  O  OE1 . GLN A 1 14 ? -11.660 -6.020  12.675  1.00 35.57 ? 867 GLN A OE1 1 
ATOM   104  N  NE2 . GLN A 1 14 ? -10.957 -8.101  12.183  1.00 33.60 ? 867 GLN A NE2 1 
ATOM   105  N  N   . GLY A 1 15 ? -15.697 -5.465  7.977   1.00 27.54 ? 868 GLY A N   1 
ATOM   106  C  CA  . GLY A 1 15 ? -16.085 -4.340  7.195   1.00 25.59 ? 868 GLY A CA  1 
ATOM   107  C  C   . GLY A 1 15 ? -15.029 -3.798  6.280   1.00 27.55 ? 868 GLY A C   1 
ATOM   108  O  O   . GLY A 1 15 ? -15.305 -2.852  5.566   1.00 27.65 ? 868 GLY A O   1 
ATOM   109  N  N   . TYR A 1 16 ? -13.800 -4.340  6.328   1.00 27.65 ? 869 TYR A N   1 
ATOM   110  C  CA  . TYR A 1 16 ? -12.730 -3.896  5.401   1.00 27.78 ? 869 TYR A CA  1 
ATOM   111  C  C   . TYR A 1 16 ? -12.996 -4.354  4.009   1.00 26.69 ? 869 TYR A C   1 
ATOM   112  O  O   . TYR A 1 16 ? -13.412 -5.501  3.816   1.00 27.45 ? 869 TYR A O   1 
ATOM   113  C  CB  . TYR A 1 16 ? -11.313 -4.361  5.830   1.00 25.50 ? 869 TYR A CB  1 
ATOM   114  C  CG  . TYR A 1 16 ? -10.923 -3.856  7.221   1.00 27.00 ? 869 TYR A CG  1 
ATOM   115  C  CD1 . TYR A 1 16 ? -10.832 -4.712  8.307   1.00 26.03 ? 869 TYR A CD1 1 
ATOM   116  C  CD2 . TYR A 1 16 ? -10.658 -2.512  7.432   1.00 25.02 ? 869 TYR A CD2 1 
ATOM   117  C  CE1 . TYR A 1 16 ? -10.475 -4.239  9.594   1.00 28.46 ? 869 TYR A CE1 1 
ATOM   118  C  CE2 . TYR A 1 16 ? -10.351 -2.017  8.722   1.00 28.98 ? 869 TYR A CE2 1 
ATOM   119  C  CZ  . TYR A 1 16 ? -10.220 -2.878  9.768   1.00 28.10 ? 869 TYR A CZ  1 
ATOM   120  O  OH  . TYR A 1 16 ? -9.895  -2.317  10.983  1.00 30.67 ? 869 TYR A OH  1 
ATOM   121  N  N   . SER A 1 17 ? -12.716 -3.485  3.023   1.00 26.66 ? 870 SER A N   1 
ATOM   122  C  CA  . SER A 1 17 ? -12.942 -3.875  1.620   1.00 27.05 ? 870 SER A CA  1 
ATOM   123  C  C   . SER A 1 17 ? -11.916 -4.943  1.183   1.00 26.80 ? 870 SER A C   1 
ATOM   124  O  O   . SER A 1 17 ? -10.796 -4.918  1.642   1.00 27.01 ? 870 SER A O   1 
ATOM   125  C  CB  . SER A 1 17 ? -12.900 -2.634  0.677   1.00 26.92 ? 870 SER A CB  1 
ATOM   126  O  OG  . SER A 1 17 ? -11.567 -2.140  0.566   1.00 29.73 ? 870 SER A OG  1 
ATOM   127  N  N   . TYR A 1 18 ? -12.299 -5.875  0.311   1.00 24.51 ? 871 TYR A N   1 
ATOM   128  C  CA  . TYR A 1 18 ? -11.362 -6.845  -0.236  1.00 24.64 ? 871 TYR A CA  1 
ATOM   129  C  C   . TYR A 1 18 ? -10.131 -6.171  -0.864  1.00 22.18 ? 871 TYR A C   1 
ATOM   130  O  O   . TYR A 1 18 ? -8.999  -6.631  -0.704  1.00 23.09 ? 871 TYR A O   1 
ATOM   131  C  CB  . TYR A 1 18 ? -12.085 -7.689  -1.297  1.00 25.83 ? 871 TYR A CB  1 
ATOM   132  C  CG  . TYR A 1 18 ? -11.206 -8.721  -1.994  1.00 27.53 ? 871 TYR A CG  1 
ATOM   133  C  CD1 . TYR A 1 18 ? -10.891 -9.883  -1.360  1.00 30.91 ? 871 TYR A CD1 1 
ATOM   134  C  CD2 . TYR A 1 18 ? -10.683 -8.507  -3.279  1.00 25.36 ? 871 TYR A CD2 1 
ATOM   135  C  CE1 . TYR A 1 18 ? -10.102 -10.816 -1.948  1.00 30.84 ? 871 TYR A CE1 1 
ATOM   136  C  CE2 . TYR A 1 18 ? -9.918  -9.470  -3.901  1.00 28.17 ? 871 TYR A CE2 1 
ATOM   137  C  CZ  . TYR A 1 18 ? -9.628  -10.618 -3.202  1.00 29.94 ? 871 TYR A CZ  1 
ATOM   138  O  OH  . TYR A 1 18 ? -8.845  -11.619 -3.685  1.00 30.67 ? 871 TYR A OH  1 
ATOM   139  N  N   . GLN A 1 19 ? -10.351 -5.116  -1.636  1.00 20.22 ? 872 GLN A N   1 
ATOM   140  C  CA  . GLN A 1 19 ? -9.250  -4.367  -2.201  1.00 18.78 ? 872 GLN A CA  1 
ATOM   141  C  C   . GLN A 1 19 ? -8.311  -3.764  -1.138  1.00 17.08 ? 872 GLN A C   1 
ATOM   142  O  O   . GLN A 1 19 ? -7.090  -3.859  -1.282  1.00 15.19 ? 872 GLN A O   1 
ATOM   143  C  CB  . GLN A 1 19 ? -9.753  -3.304  -3.178  1.00 19.61 ? 872 GLN A CB  1 
ATOM   144  C  CG  . GLN A 1 19 ? -8.689  -2.281  -3.558  1.00 23.58 ? 872 GLN A CG  1 
ATOM   145  C  CD  . GLN A 1 19 ? -9.201  -1.293  -4.571  1.00 31.63 ? 872 GLN A CD  1 
ATOM   146  O  OE1 . GLN A 1 19 ? -9.690  -0.215  -4.202  1.00 32.46 ? 872 GLN A OE1 1 
ATOM   147  N  NE2 . GLN A 1 19 ? -9.163  -1.682  -5.873  1.00 30.82 ? 872 GLN A NE2 1 
ATOM   148  N  N   . ASP A 1 20 ? -8.844  -3.189  -0.050  1.00 16.82 ? 873 ASP A N   1 
ATOM   149  C  CA  . ASP A 1 20 ? -7.966  -2.728  1.025   1.00 16.28 ? 873 ASP A CA  1 
ATOM   150  C  C   . ASP A 1 20 ? -7.129  -3.861  1.623   1.00 16.14 ? 873 ASP A C   1 
ATOM   151  O  O   . ASP A 1 20 ? -5.967  -3.686  1.917   1.00 16.21 ? 873 ASP A O   1 
ATOM   152  C  CB  . ASP A 1 20 ? -8.769  -1.976  2.131   1.00 15.98 ? 873 ASP A CB  1 
ATOM   153  C  CG  . ASP A 1 20 ? -9.070  -0.518  1.720   1.00 19.17 ? 873 ASP A CG  1 
ATOM   154  O  OD1 . ASP A 1 20 ? -8.622  -0.090  0.625   1.00 21.15 ? 873 ASP A OD1 1 
ATOM   155  O  OD2 . ASP A 1 20 ? -9.709  0.220   2.472   1.00 21.60 ? 873 ASP A OD2 1 
ATOM   156  N  N   . ILE A 1 21 ? -7.747  -5.010  1.824   1.00 16.14 ? 874 ILE A N   1 
ATOM   157  C  CA  . ILE A 1 21 ? -7.111  -6.152  2.443   1.00 15.57 ? 874 ILE A CA  1 
ATOM   158  C  C   . ILE A 1 21 ? -5.968  -6.631  1.538   1.00 16.30 ? 874 ILE A C   1 
ATOM   159  O  O   . ILE A 1 21 ? -4.828  -6.855  2.022   1.00 16.87 ? 874 ILE A O   1 
ATOM   160  C  CB  . ILE A 1 21 ? -8.174  -7.271  2.723   1.00 15.50 ? 874 ILE A CB  1 
ATOM   161  C  CG1 . ILE A 1 21 ? -9.167  -6.819  3.806   1.00 15.00 ? 874 ILE A CG1 1 
ATOM   162  C  CG2 . ILE A 1 21 ? -7.521  -8.681  3.009   1.00 15.01 ? 874 ILE A CG2 1 
ATOM   163  C  CD1 . ILE A 1 21 ? -10.444 -7.659  3.845   1.00 13.36 ? 874 ILE A CD1 1 
ATOM   164  N  N   . GLN A 1 22 ? -6.241  -6.776  0.235   1.00 16.55 ? 875 GLN A N   1 
ATOM   165  C  CA  . GLN A 1 22 ? -5.173  -7.125  -0.696  1.00 16.84 ? 875 GLN A CA  1 
ATOM   166  C  C   . GLN A 1 22 ? -4.077  -6.126  -0.675  1.00 16.67 ? 875 GLN A C   1 
ATOM   167  O  O   . GLN A 1 22 ? -2.935  -6.515  -0.636  1.00 17.27 ? 875 GLN A O   1 
ATOM   168  C  CB  . GLN A 1 22 ? -5.663  -7.233  -2.140  1.00 17.07 ? 875 GLN A CB  1 
ATOM   169  C  CG  . GLN A 1 22 ? -6.814  -8.097  -2.259  1.00 22.41 ? 875 GLN A CG  1 
ATOM   170  C  CD  . GLN A 1 22 ? -6.425  -9.493  -2.562  1.00 32.64 ? 875 GLN A CD  1 
ATOM   171  O  OE1 . GLN A 1 22 ? -6.207  -9.848  -3.742  1.00 35.99 ? 875 GLN A OE1 1 
ATOM   172  N  NE2 . GLN A 1 22 ? -6.392  -10.335 -1.522  1.00 34.03 ? 875 GLN A NE2 1 
ATOM   173  N  N   . LYS A 1 23 ? -4.409  -4.837  -0.728  1.00 17.19 ? 876 LYS A N   1 
ATOM   174  C  CA  . LYS A 1 23 ? -3.355  -3.800  -0.862  1.00 18.95 ? 876 LYS A CA  1 
ATOM   175  C  C   . LYS A 1 23 ? -2.445  -3.912  0.368   1.00 17.56 ? 876 LYS A C   1 
ATOM   176  O  O   . LYS A 1 23 ? -1.235  -3.748  0.256   1.00 16.66 ? 876 LYS A O   1 
ATOM   177  C  CB  . LYS A 1 23 ? -3.935  -2.378  -0.729  1.00 18.13 ? 876 LYS A CB  1 
ATOM   178  C  CG  . LYS A 1 23 ? -4.569  -1.835  -1.848  1.00 24.92 ? 876 LYS A CG  1 
ATOM   179  C  CD  . LYS A 1 23 ? -4.373  -0.343  -1.811  1.00 25.29 ? 876 LYS A CD  1 
ATOM   180  C  CE  . LYS A 1 23 ? -5.521  0.342   -1.120  1.00 20.29 ? 876 LYS A CE  1 
ATOM   181  N  NZ  . LYS A 1 23 ? -5.654  1.736   -1.786  1.00 19.39 ? 876 LYS A NZ  1 
ATOM   182  N  N   . ALA A 1 24 ? -3.098  -4.078  1.533   1.00 16.52 ? 877 ALA A N   1 
ATOM   183  C  CA  . ALA A 1 24 ? -2.435  -4.119  2.839   1.00 17.99 ? 877 ALA A CA  1 
ATOM   184  C  C   . ALA A 1 24 ? -1.506  -5.353  2.915   1.00 17.79 ? 877 ALA A C   1 
ATOM   185  O  O   . ALA A 1 24 ? -0.337  -5.221  3.310   1.00 16.09 ? 877 ALA A O   1 
ATOM   186  C  CB  . ALA A 1 24 ? -3.443  -4.042  4.015   1.00 16.85 ? 877 ALA A CB  1 
ATOM   187  N  N   . LEU A 1 25 ? -1.985  -6.508  2.460   1.00 16.91 ? 878 LEU A N   1 
ATOM   188  C  CA  . LEU A 1 25 ? -1.138  -7.678  2.418   1.00 17.65 ? 878 LEU A CA  1 
ATOM   189  C  C   . LEU A 1 25 ? 0.034   -7.508  1.466   1.00 17.38 ? 878 LEU A C   1 
ATOM   190  O  O   . LEU A 1 25 ? 1.096   -7.978  1.778   1.00 19.27 ? 878 LEU A O   1 
ATOM   191  C  CB  . LEU A 1 25 ? -1.899  -8.951  2.039   1.00 19.57 ? 878 LEU A CB  1 
ATOM   192  C  CG  . LEU A 1 25 ? -2.788  -9.459  3.176   1.00 19.19 ? 878 LEU A CG  1 
ATOM   193  C  CD1 . LEU A 1 25 ? -3.834  -10.317 2.535   1.00 18.11 ? 878 LEU A CD1 1 
ATOM   194  C  CD2 . LEU A 1 25 ? -1.983  -10.207 4.238   1.00 21.70 ? 878 LEU A CD2 1 
ATOM   195  N  N   . VAL A 1 26 ? -0.143  -6.849  0.323   1.00 17.17 ? 879 VAL A N   1 
ATOM   196  C  CA  . VAL A 1 26 ? 0.983   -6.631  -0.617  1.00 17.38 ? 879 VAL A CA  1 
ATOM   197  C  C   . VAL A 1 26 ? 2.028   -5.717  0.075   1.00 17.21 ? 879 VAL A C   1 
ATOM   198  O  O   . VAL A 1 26 ? 3.234   -6.060  0.148   1.00 16.77 ? 879 VAL A O   1 
ATOM   199  C  CB  . VAL A 1 26 ? 0.526   -5.999  -1.973  1.00 16.31 ? 879 VAL A CB  1 
ATOM   200  C  CG1 . VAL A 1 26 ? 1.783   -5.626  -2.812  1.00 17.32 ? 879 VAL A CG1 1 
ATOM   201  C  CG2 . VAL A 1 26 ? -0.327  -7.012  -2.788  1.00 20.78 ? 879 VAL A CG2 1 
ATOM   202  N  N   . ILE A 1 27 ? 1.581   -4.574  0.596   1.00 16.61 ? 880 ILE A N   1 
ATOM   203  C  CA  . ILE A 1 27 ? 2.517   -3.594  1.263   1.00 17.76 ? 880 ILE A CA  1 
ATOM   204  C  C   . ILE A 1 27 ? 3.245   -4.321  2.429   1.00 18.21 ? 880 ILE A C   1 
ATOM   205  O  O   . ILE A 1 27 ? 4.437   -4.190  2.606   1.00 18.17 ? 880 ILE A O   1 
ATOM   206  C  CB  . ILE A 1 27 ? 1.766   -2.350  1.821   1.00 18.59 ? 880 ILE A CB  1 
ATOM   207  C  CG1 . ILE A 1 27 ? 1.114   -1.585  0.683   1.00 16.85 ? 880 ILE A CG1 1 
ATOM   208  C  CG2 . ILE A 1 27 ? 2.740   -1.391  2.657   1.00 16.28 ? 880 ILE A CG2 1 
ATOM   209  C  CD1 . ILE A 1 27 ? 0.077   -0.553  1.138   1.00 17.27 ? 880 ILE A CD1 1 
ATOM   210  N  N   . ALA A 1 28 ? 2.504   -5.120  3.189   1.00 18.25 ? 881 ALA A N   1 
ATOM   211  C  CA  . ALA A 1 28 ? 3.063   -5.855  4.299   1.00 18.56 ? 881 ALA A CA  1 
ATOM   212  C  C   . ALA A 1 28 ? 3.936   -7.071  3.909   1.00 19.51 ? 881 ALA A C   1 
ATOM   213  O  O   . ALA A 1 28 ? 4.386   -7.762  4.794   1.00 18.71 ? 881 ALA A O   1 
ATOM   214  C  CB  . ALA A 1 28 ? 1.942   -6.300  5.252   1.00 17.87 ? 881 ALA A CB  1 
ATOM   215  N  N   . GLN A 1 29 ? 4.100   -7.346  2.601   1.00 20.94 ? 882 GLN A N   1 
ATOM   216  C  CA  . GLN A 1 29 ? 4.866   -8.495  2.105   1.00 23.94 ? 882 GLN A CA  1 
ATOM   217  C  C   . GLN A 1 29 ? 4.302   -9.756  2.759   1.00 23.80 ? 882 GLN A C   1 
ATOM   218  O  O   . GLN A 1 29 ? 5.056   -10.653 3.222   1.00 23.88 ? 882 GLN A O   1 
ATOM   219  C  CB  . GLN A 1 29 ? 6.394   -8.309  2.339   1.00 23.08 ? 882 GLN A CB  1 
ATOM   220  C  CG  . GLN A 1 29 ? 6.940   -6.968  1.800   1.00 24.96 ? 882 GLN A CG  1 
ATOM   221  C  CD  . GLN A 1 29 ? 8.388   -6.691  2.215   1.00 28.10 ? 882 GLN A CD  1 
ATOM   222  O  OE1 . GLN A 1 29 ? 8.946   -5.644  1.882   1.00 34.84 ? 882 GLN A OE1 1 
ATOM   223  N  NE2 . GLN A 1 29 ? 8.989   -7.609  2.966   1.00 30.72 ? 882 GLN A NE2 1 
ATOM   224  N  N   . ASN A 1 30 ? 2.965   -9.783  2.778   1.00 23.75 ? 883 ASN A N   1 
ATOM   225  C  CA  . ASN A 1 30 ? 2.111   -10.832 3.401   1.00 24.24 ? 883 ASN A CA  1 
ATOM   226  C  C   . ASN A 1 30 ? 2.315   -11.157 4.886   1.00 22.50 ? 883 ASN A C   1 
ATOM   227  O  O   . ASN A 1 30 ? 1.934   -12.228 5.336   1.00 23.24 ? 883 ASN A O   1 
ATOM   228  C  CB  . ASN A 1 30 ? 2.165   -12.126 2.583   1.00 25.96 ? 883 ASN A CB  1 
ATOM   229  C  CG  . ASN A 1 30 ? 1.292   -12.044 1.357   1.00 30.43 ? 883 ASN A CG  1 
ATOM   230  O  OD1 . ASN A 1 30 ? 1.774   -11.690 0.272   1.00 35.19 ? 883 ASN A OD1 1 
ATOM   231  N  ND2 . ASN A 1 30 ? -0.008  -12.351 1.517   1.00 31.89 ? 883 ASN A ND2 1 
ATOM   232  N  N   . ASN A 1 31 ? 2.930   -10.255 5.638   1.00 20.49 ? 884 ASN A N   1 
ATOM   233  C  CA  . ASN A 1 31 ? 2.962   -10.407 7.075   1.00 20.03 ? 884 ASN A CA  1 
ATOM   234  C  C   . ASN A 1 31 ? 1.542   -9.969  7.555   1.00 20.11 ? 884 ASN A C   1 
ATOM   235  O  O   . ASN A 1 31 ? 1.177   -8.812  7.437   1.00 18.74 ? 884 ASN A O   1 
ATOM   236  C  CB  . ASN A 1 31 ? 4.114   -9.562  7.608   1.00 19.98 ? 884 ASN A CB  1 
ATOM   237  C  CG  . ASN A 1 31 ? 4.101   -9.365  9.129   1.00 21.88 ? 884 ASN A CG  1 
ATOM   238  O  OD1 . ASN A 1 31 ? 3.088   -9.401  9.786   1.00 18.97 ? 884 ASN A OD1 1 
ATOM   239  N  ND2 . ASN A 1 31 ? 5.271   -9.068  9.670   1.00 26.93 ? 884 ASN A ND2 1 
ATOM   240  N  N   . ILE A 1 32 ? 0.762   -10.934 8.037   1.00 19.37 ? 885 ILE A N   1 
ATOM   241  C  CA  . ILE A 1 32 ? -0.637  -10.737 8.430   1.00 21.15 ? 885 ILE A CA  1 
ATOM   242  C  C   . ILE A 1 32 ? -0.823  -9.765  9.613   1.00 20.55 ? 885 ILE A C   1 
ATOM   243  O  O   . ILE A 1 32 ? -1.729  -8.972  9.600   1.00 19.57 ? 885 ILE A O   1 
ATOM   244  C  CB  . ILE A 1 32 ? -1.332  -12.128 8.736   1.00 20.28 ? 885 ILE A CB  1 
ATOM   245  C  CG1 . ILE A 1 32 ? -1.429  -12.966 7.444   1.00 22.55 ? 885 ILE A CG1 1 
ATOM   246  C  CG2 . ILE A 1 32 ? -2.765  -11.956 9.228   1.00 22.64 ? 885 ILE A CG2 1 
ATOM   247  C  CD1 . ILE A 1 32 ? -1.689  -14.506 7.703   1.00 23.99 ? 885 ILE A CD1 1 
ATOM   248  N  N   . GLU A 1 33 ? 0.006   -9.889  10.650  1.00 20.17 ? 886 GLU A N   1 
ATOM   249  C  CA  . GLU A 1 33 ? -0.049  -9.015  11.790  1.00 20.82 ? 886 GLU A CA  1 
ATOM   250  C  C   . GLU A 1 33 ? 0.174   -7.566  11.322  1.00 20.26 ? 886 GLU A C   1 
ATOM   251  O  O   . GLU A 1 33 ? -0.535  -6.651  11.751  1.00 18.63 ? 886 GLU A O   1 
ATOM   252  C  CB  . GLU A 1 33 ? 0.974   -9.459  12.843  1.00 21.16 ? 886 GLU A CB  1 
ATOM   253  C  CG  . GLU A 1 33 ? 1.266   -8.441  13.900  1.00 21.65 ? 886 GLU A CG  1 
ATOM   254  C  CD  . GLU A 1 33 ? 2.240   -8.937  14.988  1.00 25.59 ? 886 GLU A CD  1 
ATOM   255  O  OE1 . GLU A 1 33 ? 2.988   -8.079  15.537  1.00 26.32 ? 886 GLU A OE1 1 
ATOM   256  O  OE2 . GLU A 1 33 ? 2.260   -10.164 15.301  1.00 31.02 ? 886 GLU A OE2 1 
HETATM 257  N  N   . MSE A 1 34 ? 1.114   -7.376  10.408  1.00 18.86 ? 887 MSE A N   1 
HETATM 258  C  CA  . MSE A 1 34 ? 1.362   -6.059  9.867   1.00 22.25 ? 887 MSE A CA  1 
HETATM 259  C  C   . MSE A 1 34 ? 0.218   -5.494  9.016   1.00 20.66 ? 887 MSE A C   1 
HETATM 260  O  O   . MSE A 1 34 ? -0.106  -4.330  9.120   1.00 19.90 ? 887 MSE A O   1 
HETATM 261  C  CB  . MSE A 1 34 ? 2.621   -6.047  9.062   1.00 20.20 ? 887 MSE A CB  1 
HETATM 262  C  CG  . MSE A 1 34 ? 2.899   -4.670  8.578   1.00 26.64 ? 887 MSE A CG  1 
HETATM 263  SE SE  . MSE A 1 34 ? 4.556   -4.448  7.699   0.70 35.41 ? 887 MSE A SE  1 
HETATM 264  C  CE  . MSE A 1 34 ? 5.866   -4.879  9.005   1.00 26.09 ? 887 MSE A CE  1 
ATOM   265  N  N   . ALA A 1 35 ? -0.341  -6.328  8.142   1.00 18.88 ? 888 ALA A N   1 
ATOM   266  C  CA  . ALA A 1 35 ? -1.478  -5.940  7.308   1.00 18.10 ? 888 ALA A CA  1 
ATOM   267  C  C   . ALA A 1 35 ? -2.660  -5.534  8.185   1.00 17.09 ? 888 ALA A C   1 
ATOM   268  O  O   . ALA A 1 35 ? -3.364  -4.548  7.886   1.00 16.76 ? 888 ALA A O   1 
ATOM   269  C  CB  . ALA A 1 35 ? -1.864  -7.125  6.399   1.00 15.52 ? 888 ALA A CB  1 
ATOM   270  N  N   . LYS A 1 36 ? -2.920  -6.334  9.229   1.00 17.09 ? 889 LYS A N   1 
ATOM   271  C  CA  . LYS A 1 36 ? -3.951  -5.983  10.231  1.00 18.50 ? 889 LYS A CA  1 
ATOM   272  C  C   . LYS A 1 36 ? -3.741  -4.590  10.884  1.00 15.97 ? 889 LYS A C   1 
ATOM   273  O  O   . LYS A 1 36 ? -4.686  -3.817  11.067  1.00 16.64 ? 889 LYS A O   1 
ATOM   274  C  CB  . LYS A 1 36 ? -4.149  -7.104  11.277  1.00 15.43 ? 889 LYS A CB  1 
ATOM   275  C  CG  . LYS A 1 36 ? -4.668  -8.433  10.761  1.00 18.24 ? 889 LYS A CG  1 
ATOM   276  C  CD  . LYS A 1 36 ? -4.877  -9.352  12.025  1.00 21.05 ? 889 LYS A CD  1 
ATOM   277  C  CE  . LYS A 1 36 ? -5.216  -10.745 11.679  1.00 29.28 ? 889 LYS A CE  1 
ATOM   278  N  NZ  . LYS A 1 36 ? -4.925  -11.774 12.811  1.00 32.34 ? 889 LYS A NZ  1 
ATOM   279  N  N   . ASN A 1 37 ? -2.505  -4.260  11.209  1.00 16.67 ? 890 ASN A N   1 
ATOM   280  C  CA  . ASN A 1 37 ? -2.127  -2.948  11.714  1.00 17.24 ? 890 ASN A CA  1 
ATOM   281  C  C   . ASN A 1 37 ? -2.417  -1.822  10.771  1.00 17.96 ? 890 ASN A C   1 
ATOM   282  O  O   . ASN A 1 37 ? -3.053  -0.816  11.146  1.00 17.47 ? 890 ASN A O   1 
ATOM   283  C  CB  . ASN A 1 37 ? -0.630  -2.933  12.134  1.00 17.36 ? 890 ASN A CB  1 
ATOM   284  C  CG  . ASN A 1 37 ? -0.372  -3.779  13.404  1.00 18.73 ? 890 ASN A CG  1 
ATOM   285  O  OD1 . ASN A 1 37 ? -1.312  -4.184  14.089  1.00 21.06 ? 890 ASN A OD1 1 
ATOM   286  N  ND2 . ASN A 1 37 ? 0.897   -4.058  13.700  1.00 16.79 ? 890 ASN A ND2 1 
ATOM   287  N  N   . ILE A 1 38 ? -2.028  -2.024  9.523   1.00 17.42 ? 891 ILE A N   1 
ATOM   288  C  CA  . ILE A 1 38 ? -2.354  -1.076  8.476   1.00 17.26 ? 891 ILE A CA  1 
ATOM   289  C  C   . ILE A 1 38 ? -3.889  -0.835  8.392   1.00 17.69 ? 891 ILE A C   1 
ATOM   290  O  O   . ILE A 1 38 ? -4.373  0.329   8.314   1.00 19.15 ? 891 ILE A O   1 
ATOM   291  C  CB  . ILE A 1 38 ? -1.823  -1.593  7.087   1.00 17.65 ? 891 ILE A CB  1 
ATOM   292  C  CG1 . ILE A 1 38 ? -0.262  -1.676  7.031   1.00 17.51 ? 891 ILE A CG1 1 
ATOM   293  C  CG2 . ILE A 1 38 ? -2.418  -0.717  5.910   1.00 16.64 ? 891 ILE A CG2 1 
ATOM   294  C  CD1 . ILE A 1 38 ? 0.303   -2.369  5.727   1.00 13.39 ? 891 ILE A CD1 1 
ATOM   295  N  N   . LEU A 1 39 ? -4.672  -1.926  8.322   1.00 18.42 ? 892 LEU A N   1 
ATOM   296  C  CA  . LEU A 1 39 ? -6.135  -1.807  8.139   1.00 17.08 ? 892 LEU A CA  1 
ATOM   297  C  C   . LEU A 1 39 ? -6.730  -1.124  9.369   1.00 17.15 ? 892 LEU A C   1 
ATOM   298  O  O   . LEU A 1 39 ? -7.502  -0.119  9.302   1.00 15.67 ? 892 LEU A O   1 
ATOM   299  C  CB  . LEU A 1 39 ? -6.746  -3.203  7.944   1.00 16.00 ? 892 LEU A CB  1 
ATOM   300  C  CG  . LEU A 1 39 ? -6.299  -3.848  6.610   1.00 18.43 ? 892 LEU A CG  1 
ATOM   301  C  CD1 . LEU A 1 39 ? -6.668  -5.304  6.587   1.00 11.92 ? 892 LEU A CD1 1 
ATOM   302  C  CD2 . LEU A 1 39 ? -6.891  -3.155  5.378   1.00 16.33 ? 892 LEU A CD2 1 
ATOM   303  N  N   . ARG A 1 40 ? -6.341  -1.632  10.534  1.00 17.52 ? 893 ARG A N   1 
ATOM   304  C  CA  . ARG A 1 40 ? -6.881  -1.039  11.749  1.00 18.36 ? 893 ARG A CA  1 
ATOM   305  C  C   . ARG A 1 40 ? -6.620  0.479   11.821  1.00 18.49 ? 893 ARG A C   1 
ATOM   306  O  O   . ARG A 1 40 ? -7.492  1.246   12.220  1.00 19.52 ? 893 ARG A O   1 
ATOM   307  C  CB  . ARG A 1 40 ? -6.313  -1.739  12.990  1.00 16.22 ? 893 ARG A CB  1 
ATOM   308  C  CG  . ARG A 1 40 ? -7.141  -1.499  14.282  1.00 20.03 ? 893 ARG A CG  1 
ATOM   309  C  CD  . ARG A 1 40 ? -6.378  -2.131  15.496  1.00 18.82 ? 893 ARG A CD  1 
ATOM   310  N  NE  . ARG A 1 40 ? -6.092  -3.542  15.261  1.00 17.46 ? 893 ARG A NE  1 
ATOM   311  C  CZ  . ARG A 1 40 ? -4.906  -4.075  14.968  1.00 21.64 ? 893 ARG A CZ  1 
ATOM   312  N  NH1 . ARG A 1 40 ? -4.827  -5.399  14.742  1.00 19.05 ? 893 ARG A NH1 1 
ATOM   313  N  NH2 . ARG A 1 40 ? -3.795  -3.311  14.944  1.00 16.55 ? 893 ARG A NH2 1 
ATOM   314  N  N   . GLU A 1 41 ? -5.410  0.907   11.515  1.00 19.00 ? 894 GLU A N   1 
ATOM   315  C  CA  . GLU A 1 41 ? -5.027  2.298   11.759  1.00 20.10 ? 894 GLU A CA  1 
ATOM   316  C  C   . GLU A 1 41 ? -5.422  3.235   10.623  1.00 20.89 ? 894 GLU A C   1 
ATOM   317  O  O   . GLU A 1 41 ? -5.580  4.421   10.863  1.00 21.70 ? 894 GLU A O   1 
ATOM   318  C  CB  . GLU A 1 41 ? -3.500  2.438   12.016  1.00 18.68 ? 894 GLU A CB  1 
ATOM   319  C  CG  . GLU A 1 41 ? -3.047  1.921   13.395  1.00 22.74 ? 894 GLU A CG  1 
ATOM   320  C  CD  . GLU A 1 41 ? -3.868  2.478   14.560  1.00 24.10 ? 894 GLU A CD  1 
ATOM   321  O  OE1 . GLU A 1 41 ? -4.358  3.644   14.499  1.00 19.26 ? 894 GLU A OE1 1 
ATOM   322  O  OE2 . GLU A 1 41 ? -4.095  1.720   15.526  1.00 23.13 ? 894 GLU A OE2 1 
ATOM   323  N  N   . PHE A 1 42 ? -5.566  2.705   9.404   1.00 21.63 ? 895 PHE A N   1 
ATOM   324  C  CA  . PHE A 1 42 ? -5.795  3.513   8.212   1.00 22.80 ? 895 PHE A CA  1 
ATOM   325  C  C   . PHE A 1 42 ? -6.970  3.144   7.319   1.00 22.72 ? 895 PHE A C   1 
ATOM   326  O  O   . PHE A 1 42 ? -7.287  3.939   6.461   1.00 24.65 ? 895 PHE A O   1 
ATOM   327  C  CB  . PHE A 1 42 ? -4.572  3.485   7.297   1.00 22.25 ? 895 PHE A CB  1 
ATOM   328  C  CG  . PHE A 1 42 ? -3.387  4.200   7.832   1.00 23.00 ? 895 PHE A CG  1 
ATOM   329  C  CD1 . PHE A 1 42 ? -3.300  5.598   7.739   1.00 21.27 ? 895 PHE A CD1 1 
ATOM   330  C  CD2 . PHE A 1 42 ? -2.341  3.486   8.450   1.00 20.18 ? 895 PHE A CD2 1 
ATOM   331  C  CE1 . PHE A 1 42 ? -2.189  6.263   8.251   1.00 20.84 ? 895 PHE A CE1 1 
ATOM   332  C  CE2 . PHE A 1 42 ? -1.227  4.148   8.971   1.00 18.23 ? 895 PHE A CE2 1 
ATOM   333  C  CZ  . PHE A 1 42 ? -1.120  5.525   8.853   1.00 19.90 ? 895 PHE A CZ  1 
ATOM   334  N  N   . ALA A 1 43 ? -7.610  1.983   7.460   1.00 21.93 ? 896 ALA A N   1 
ATOM   335  C  CA  . ALA A 1 43 ? -8.624  1.633   6.461   1.00 22.69 ? 896 ALA A CA  1 
ATOM   336  C  C   . ALA A 1 43 ? -10.023 1.916   7.014   1.00 23.63 ? 896 ALA A C   1 
ATOM   337  O  O   . ALA A 1 43 ? -10.225 1.866   8.219   1.00 25.08 ? 896 ALA A O   1 
ATOM   338  C  CB  . ALA A 1 43 ? -8.496  0.217   6.030   1.00 21.86 ? 896 ALA A CB  1 
ATOM   339  N  N   . ALA A 1 44 ? -10.942 2.292   6.139   1.00 25.25 ? 897 ALA A N   1 
ATOM   340  C  CA  . ALA A 1 44 ? -12.359 2.475   6.469   1.00 26.27 ? 897 ALA A CA  1 
ATOM   341  C  C   . ALA A 1 44 ? -13.012 1.086   6.591   1.00 27.39 ? 897 ALA A C   1 
ATOM   342  O  O   . ALA A 1 44 ? -12.657 0.138   5.873   1.00 26.97 ? 897 ALA A O   1 
ATOM   343  C  CB  . ALA A 1 44 ? -13.035 3.273   5.337   1.00 26.41 ? 897 ALA A CB  1 
ATOM   344  N  N   . ALA A 1 45 ? -13.937 0.922   7.518   1.00 28.58 ? 898 ALA A N   1 
ATOM   345  C  CA  . ALA A 1 45 ? -14.696 -0.343  7.563   1.00 29.34 ? 898 ALA A CA  1 
ATOM   346  C  C   . ALA A 1 45 ? -16.217 -0.096  7.465   1.00 29.95 ? 898 ALA A C   1 
ATOM   347  O  O   . ALA A 1 45 ? -16.719 0.732   8.195   1.00 31.00 ? 898 ALA A O   1 
ATOM   348  C  CB  . ALA A 1 45 ? -14.312 -1.153  8.804   1.00 28.05 ? 898 ALA A CB  1 
ATOM   349  N  N   . SER A 1 46 ? -16.909 -0.759  6.512   1.00 30.76 ? 899 SER A N   1 
ATOM   350  C  CA  . SER A 1 46 ? -18.383 -0.812  6.413   1.00 31.40 ? 899 SER A CA  1 
ATOM   351  C  C   . SER A 1 46 ? -18.900 -2.253  6.301   1.00 31.25 ? 899 SER A C   1 
ATOM   352  O  O   . SER A 1 46 ? -20.088 -2.521  6.530   1.00 31.55 ? 899 SER A O   1 
ATOM   353  C  CB  . SER A 1 46 ? -18.915 0.006   5.212   1.00 32.04 ? 899 SER A CB  1 
ATOM   354  O  OG  . SER A 1 46 ? -18.870 -0.735  3.992   1.00 32.41 ? 899 SER A OG  1 
ATOM   355  N  N   . SER B 1 2  ? 18.833  17.485  6.722   1.00 34.41 ? 855 SER B N   1 
ATOM   356  C  CA  . SER B 1 2  ? 19.468  16.123  6.882   1.00 33.75 ? 855 SER B CA  1 
ATOM   357  C  C   . SER B 1 2  ? 18.543  14.979  6.420   1.00 32.77 ? 855 SER B C   1 
ATOM   358  O  O   . SER B 1 2  ? 17.375  15.210  6.189   1.00 32.65 ? 855 SER B O   1 
ATOM   359  C  CB  . SER B 1 2  ? 19.928  15.916  8.328   1.00 34.51 ? 855 SER B CB  1 
ATOM   360  O  OG  . SER B 1 2  ? 20.778  16.983  8.733   1.00 34.26 ? 855 SER B OG  1 
ATOM   361  N  N   . GLN B 1 3  ? 19.094  13.768  6.274   1.00 30.26 ? 856 GLN B N   1 
ATOM   362  C  CA  . GLN B 1 3  ? 18.454  12.644  5.568   1.00 29.76 ? 856 GLN B CA  1 
ATOM   363  C  C   . GLN B 1 3  ? 17.077  12.291  6.014   1.00 29.15 ? 856 GLN B C   1 
ATOM   364  O  O   . GLN B 1 3  ? 16.162  12.219  5.191   1.00 29.86 ? 856 GLN B O   1 
ATOM   365  C  CB  . GLN B 1 3  ? 19.345  11.370  5.628   1.00 29.55 ? 856 GLN B CB  1 
ATOM   366  C  CG  . GLN B 1 3  ? 20.549  11.527  4.790   1.00 27.71 ? 856 GLN B CG  1 
ATOM   367  C  CD  . GLN B 1 3  ? 20.185  11.693  3.345   1.00 29.33 ? 856 GLN B CD  1 
ATOM   368  O  OE1 . GLN B 1 3  ? 20.346  12.771  2.778   1.00 33.17 ? 856 GLN B OE1 1 
ATOM   369  N  NE2 . GLN B 1 3  ? 19.683  10.633  2.733   1.00 28.64 ? 856 GLN B NE2 1 
ATOM   370  N  N   . LEU B 1 4  ? 16.924  12.069  7.320   1.00 29.13 ? 857 LEU B N   1 
ATOM   371  C  CA  . LEU B 1 4  ? 15.699  11.525  7.845   1.00 28.19 ? 857 LEU B CA  1 
ATOM   372  C  C   . LEU B 1 4  ? 14.645  12.602  8.041   1.00 29.38 ? 857 LEU B C   1 
ATOM   373  O  O   . LEU B 1 4  ? 13.476  12.435  7.612   1.00 28.70 ? 857 LEU B O   1 
ATOM   374  C  CB  . LEU B 1 4  ? 15.976  10.705  9.111   1.00 28.01 ? 857 LEU B CB  1 
ATOM   375  C  CG  . LEU B 1 4  ? 16.819  9.418   8.944   1.00 24.81 ? 857 LEU B CG  1 
ATOM   376  C  CD1 . LEU B 1 4  ? 16.781  8.536   10.229  1.00 23.03 ? 857 LEU B CD1 1 
ATOM   377  C  CD2 . LEU B 1 4  ? 16.376  8.556   7.691   1.00 25.78 ? 857 LEU B CD2 1 
ATOM   378  N  N   . SER B 1 5  ? 15.056  13.746  8.572   1.00 29.17 ? 858 SER B N   1 
ATOM   379  C  CA  . SER B 1 5  ? 14.096  14.826  8.798   1.00 29.92 ? 858 SER B CA  1 
ATOM   380  C  C   . SER B 1 5  ? 13.572  15.343  7.448   1.00 30.10 ? 858 SER B C   1 
ATOM   381  O  O   . SER B 1 5  ? 12.395  15.768  7.333   1.00 28.93 ? 858 SER B O   1 
ATOM   382  C  CB  . SER B 1 5  ? 14.693  15.941  9.658   1.00 30.01 ? 858 SER B CB  1 
ATOM   383  O  OG  . SER B 1 5  ? 15.630  16.709  8.922   1.00 32.60 ? 858 SER B OG  1 
ATOM   384  N  N   . SER B 1 6  ? 14.429  15.300  6.427   1.00 29.11 ? 859 SER B N   1 
ATOM   385  C  CA  . SER B 1 6  ? 13.972  15.632  5.071   1.00 30.01 ? 859 SER B CA  1 
ATOM   386  C  C   . SER B 1 6  ? 12.848  14.713  4.602   1.00 30.14 ? 859 SER B C   1 
ATOM   387  O  O   . SER B 1 6  ? 11.931  15.166  3.870   1.00 31.13 ? 859 SER B O   1 
ATOM   388  C  CB  . SER B 1 6  ? 15.101  15.620  4.062   1.00 30.39 ? 859 SER B CB  1 
ATOM   389  O  OG  . SER B 1 6  ? 15.802  16.864  4.127   1.00 29.99 ? 859 SER B OG  1 
ATOM   390  N  N   . GLU B 1 7  ? 12.900  13.450  5.009   1.00 28.47 ? 860 GLU B N   1 
ATOM   391  C  CA  . GLU B 1 7  ? 11.841  12.524  4.584   1.00 28.92 ? 860 GLU B CA  1 
ATOM   392  C  C   . GLU B 1 7  ? 10.506  12.954  5.200   1.00 29.04 ? 860 GLU B C   1 
ATOM   393  O  O   . GLU B 1 7  ? 9.476   12.901  4.560   1.00 27.58 ? 860 GLU B O   1 
ATOM   394  C  CB  . GLU B 1 7  ? 12.143  11.063  4.969   1.00 29.95 ? 860 GLU B CB  1 
ATOM   395  C  CG  . GLU B 1 7  ? 13.369  10.453  4.305   1.00 27.79 ? 860 GLU B CG  1 
ATOM   396  C  CD  . GLU B 1 7  ? 13.091  9.988   2.859   1.00 34.21 ? 860 GLU B CD  1 
ATOM   397  O  OE1 . GLU B 1 7  ? 14.003  9.367   2.244   1.00 35.37 ? 860 GLU B OE1 1 
ATOM   398  O  OE2 . GLU B 1 7  ? 11.968  10.196  2.332   1.00 32.75 ? 860 GLU B OE2 1 
ATOM   399  N  N   . ILE B 1 8  ? 10.535  13.347  6.462   1.00 29.77 ? 861 ILE B N   1 
ATOM   400  C  CA  . ILE B 1 8  ? 9.314   13.782  7.138   1.00 30.47 ? 861 ILE B CA  1 
ATOM   401  C  C   . ILE B 1 8  ? 8.798   15.095  6.580   1.00 30.83 ? 861 ILE B C   1 
ATOM   402  O  O   . ILE B 1 8  ? 7.600   15.237  6.268   1.00 31.12 ? 861 ILE B O   1 
ATOM   403  C  CB  . ILE B 1 8  ? 9.528   13.769  8.663   1.00 30.65 ? 861 ILE B CB  1 
ATOM   404  C  CG1 . ILE B 1 8  ? 9.432   12.286  9.145   1.00 29.90 ? 861 ILE B CG1 1 
ATOM   405  C  CG2 . ILE B 1 8  ? 8.601   14.763  9.372   1.00 30.32 ? 861 ILE B CG2 1 
ATOM   406  C  CD1 . ILE B 1 8  ? 9.924   12.124  10.401  1.00 29.34 ? 861 ILE B CD1 1 
ATOM   407  N  N   . GLU B 1 9  ? 9.702   16.050  6.429   1.00 30.42 ? 862 GLU B N   1 
ATOM   408  C  CA  . GLU B 1 9  ? 9.369   17.283  5.763   1.00 31.48 ? 862 GLU B CA  1 
ATOM   409  C  C   . GLU B 1 9  ? 8.723   17.031  4.398   1.00 31.26 ? 862 GLU B C   1 
ATOM   410  O  O   . GLU B 1 9  ? 7.677   17.635  4.100   1.00 30.38 ? 862 GLU B O   1 
ATOM   411  C  CB  . GLU B 1 9  ? 10.583  18.233  5.694   1.00 30.48 ? 862 GLU B CB  1 
ATOM   412  C  CG  . GLU B 1 9  ? 10.186  19.691  5.704   1.00 34.34 ? 862 GLU B CG  1 
ATOM   413  C  CD  . GLU B 1 9  ? 11.330  20.638  5.385   1.00 35.05 ? 862 GLU B CD  1 
ATOM   414  O  OE1 . GLU B 1 9  ? 11.056  21.861  5.278   1.00 41.43 ? 862 GLU B OE1 1 
ATOM   415  O  OE2 . GLU B 1 9  ? 12.487  20.168  5.253   1.00 41.21 ? 862 GLU B OE2 1 
ATOM   416  N  N   . ASN B 1 10 ? 9.302   16.135  3.579   1.00 30.91 ? 863 ASN B N   1 
ATOM   417  C  CA  . ASN B 1 10 ? 8.749   15.904  2.211   1.00 31.34 ? 863 ASN B CA  1 
ATOM   418  C  C   . ASN B 1 10 ? 7.355   15.270  2.231   1.00 30.29 ? 863 ASN B C   1 
ATOM   419  O  O   . ASN B 1 10 ? 6.502   15.613  1.437   1.00 28.03 ? 863 ASN B O   1 
ATOM   420  C  CB  . ASN B 1 10 ? 9.685   15.084  1.318   1.00 32.86 ? 863 ASN B CB  1 
ATOM   421  C  CG  . ASN B 1 10 ? 8.954   14.475  0.115   1.00 37.68 ? 863 ASN B CG  1 
ATOM   422  O  OD1 . ASN B 1 10 ? 8.853   15.092  -0.969  1.00 40.53 ? 863 ASN B OD1 1 
ATOM   423  N  ND2 . ASN B 1 10 ? 8.384   13.278  0.317   1.00 41.87 ? 863 ASN B ND2 1 
ATOM   424  N  N   . LEU B 1 11 ? 7.137   14.330  3.147   1.00 29.29 ? 864 LEU B N   1 
ATOM   425  C  CA  . LEU B 1 11 ? 5.817   13.749  3.324   1.00 29.40 ? 864 LEU B CA  1 
ATOM   426  C  C   . LEU B 1 11 ? 4.757   14.756  3.813   1.00 30.52 ? 864 LEU B C   1 
ATOM   427  O  O   . LEU B 1 11 ? 3.632   14.781  3.329   1.00 29.20 ? 864 LEU B O   1 
ATOM   428  C  CB  . LEU B 1 11 ? 5.907   12.571  4.297   1.00 28.51 ? 864 LEU B CB  1 
ATOM   429  C  CG  . LEU B 1 11 ? 6.665   11.381  3.693   1.00 28.99 ? 864 LEU B CG  1 
ATOM   430  C  CD1 . LEU B 1 11 ? 7.097   10.391  4.810   1.00 23.60 ? 864 LEU B CD1 1 
ATOM   431  C  CD2 . LEU B 1 11 ? 5.836   10.706  2.597   1.00 22.57 ? 864 LEU B CD2 1 
HETATM 432  N  N   . MSE B 1 12 ? 5.126   15.580  4.765   1.00 31.83 ? 865 MSE B N   1 
HETATM 433  C  CA  . MSE B 1 12 ? 4.246   16.647  5.194   1.00 36.23 ? 865 MSE B CA  1 
HETATM 434  C  C   . MSE B 1 12 ? 3.902   17.658  4.130   1.00 35.42 ? 865 MSE B C   1 
HETATM 435  O  O   . MSE B 1 12 ? 2.769   18.126  4.093   1.00 35.33 ? 865 MSE B O   1 
HETATM 436  C  CB  . MSE B 1 12 ? 4.799   17.320  6.412   1.00 35.58 ? 865 MSE B CB  1 
HETATM 437  C  CG  . MSE B 1 12 ? 4.637   16.376  7.576   1.00 36.20 ? 865 MSE B CG  1 
HETATM 438  SE SE  . MSE B 1 12 ? 5.155   17.233  9.160   0.70 43.90 ? 865 MSE B SE  1 
HETATM 439  C  CE  . MSE B 1 12 ? 3.715   18.478  9.302   1.00 42.12 ? 865 MSE B CE  1 
ATOM   440  N  N   . SER B 1 13 ? 4.859   17.958  3.261   1.00 35.29 ? 866 SER B N   1 
ATOM   441  C  CA  . SER B 1 13 ? 4.630   18.805  2.097   1.00 35.69 ? 866 SER B CA  1 
ATOM   442  C  C   . SER B 1 13 ? 3.662   18.190  1.091   1.00 35.46 ? 866 SER B C   1 
ATOM   443  O  O   . SER B 1 13 ? 2.979   18.916  0.385   1.00 34.25 ? 866 SER B O   1 
ATOM   444  C  CB  . SER B 1 13 ? 5.960   19.151  1.443   1.00 36.54 ? 866 SER B CB  1 
ATOM   445  O  OG  . SER B 1 13 ? 6.656   20.040  2.317   1.00 39.77 ? 866 SER B OG  1 
ATOM   446  N  N   . GLN B 1 14 ? 3.581   16.857  1.046   1.00 35.36 ? 867 GLN B N   1 
ATOM   447  C  CA  . GLN B 1 14 ? 2.531   16.181  0.263   1.00 35.51 ? 867 GLN B CA  1 
ATOM   448  C  C   . GLN B 1 14 ? 1.187   16.197  0.990   1.00 35.18 ? 867 GLN B C   1 
ATOM   449  O  O   . GLN B 1 14 ? 0.141   15.897  0.387   1.00 35.95 ? 867 GLN B O   1 
ATOM   450  C  CB  . GLN B 1 14 ? 2.900   14.750  -0.092  1.00 35.93 ? 867 GLN B CB  1 
ATOM   451  C  CG  . GLN B 1 14 ? 4.273   14.556  -0.749  1.00 36.90 ? 867 GLN B CG  1 
ATOM   452  C  CD  . GLN B 1 14 ? 4.487   13.116  -1.175  1.00 36.26 ? 867 GLN B CD  1 
ATOM   453  O  OE1 . GLN B 1 14 ? 3.613   12.501  -1.792  1.00 37.05 ? 867 GLN B OE1 1 
ATOM   454  N  NE2 . GLN B 1 14 ? 5.631   12.575  -0.851  1.00 36.37 ? 867 GLN B NE2 1 
ATOM   455  N  N   . GLY B 1 15 ? 1.195   16.550  2.277   1.00 33.69 ? 868 GLY B N   1 
ATOM   456  C  CA  . GLY B 1 15 ? -0.064  16.840  2.948   1.00 32.22 ? 868 GLY B CA  1 
ATOM   457  C  C   . GLY B 1 15 ? -0.426  15.799  3.992   1.00 31.55 ? 868 GLY B C   1 
ATOM   458  O  O   . GLY B 1 15 ? -1.516  15.832  4.526   1.00 30.30 ? 868 GLY B O   1 
ATOM   459  N  N   . TYR B 1 16 ? 0.501   14.878  4.271   1.00 29.27 ? 869 TYR B N   1 
ATOM   460  C  CA  . TYR B 1 16 ? 0.265   13.854  5.247   1.00 28.00 ? 869 TYR B CA  1 
ATOM   461  C  C   . TYR B 1 16 ? 0.474   14.480  6.609   1.00 26.96 ? 869 TYR B C   1 
ATOM   462  O  O   . TYR B 1 16 ? 1.400   15.298  6.774   1.00 28.11 ? 869 TYR B O   1 
ATOM   463  C  CB  . TYR B 1 16 ? 1.267   12.693  5.038   1.00 28.20 ? 869 TYR B CB  1 
ATOM   464  C  CG  . TYR B 1 16 ? 1.051   11.974  3.761   1.00 26.52 ? 869 TYR B CG  1 
ATOM   465  C  CD1 . TYR B 1 16 ? 2.053   11.951  2.781   1.00 28.51 ? 869 TYR B CD1 1 
ATOM   466  C  CD2 . TYR B 1 16 ? -0.173  11.337  3.501   1.00 26.96 ? 869 TYR B CD2 1 
ATOM   467  C  CE1 . TYR B 1 16 ? 1.856   11.296  1.578   1.00 27.46 ? 869 TYR B CE1 1 
ATOM   468  C  CE2 . TYR B 1 16 ? -0.392  10.685  2.281   1.00 28.27 ? 869 TYR B CE2 1 
ATOM   469  C  CZ  . TYR B 1 16 ? 0.641   10.681  1.327   1.00 29.04 ? 869 TYR B CZ  1 
ATOM   470  O  OH  . TYR B 1 16 ? 0.459   10.022  0.139   1.00 28.19 ? 869 TYR B OH  1 
ATOM   471  N  N   . SER B 1 17 ? -0.345  14.123  7.585   1.00 24.53 ? 870 SER B N   1 
ATOM   472  C  CA  . SER B 1 17 ? -0.136  14.677  8.915   1.00 22.79 ? 870 SER B CA  1 
ATOM   473  C  C   . SER B 1 17 ? 1.080   14.050  9.543   1.00 22.88 ? 870 SER B C   1 
ATOM   474  O  O   . SER B 1 17 ? 1.452   12.889  9.204   1.00 22.11 ? 870 SER B O   1 
ATOM   475  C  CB  . SER B 1 17 ? -1.350  14.451  9.808   1.00 23.29 ? 870 SER B CB  1 
ATOM   476  O  OG  . SER B 1 17 ? -1.536  13.069  10.085  1.00 20.42 ? 870 SER B OG  1 
ATOM   477  N  N   . TYR B 1 18 ? 1.702   14.803  10.447  1.00 21.43 ? 871 TYR B N   1 
ATOM   478  C  CA  . TYR B 1 18 ? 2.805   14.300  11.232  1.00 22.84 ? 871 TYR B CA  1 
ATOM   479  C  C   . TYR B 1 18 ? 2.462   12.986  11.968  1.00 23.39 ? 871 TYR B C   1 
ATOM   480  O  O   . TYR B 1 18 ? 3.264   12.045  11.996  1.00 23.32 ? 871 TYR B O   1 
ATOM   481  C  CB  . TYR B 1 18 ? 3.295   15.356  12.211  1.00 23.36 ? 871 TYR B CB  1 
ATOM   482  C  CG  . TYR B 1 18 ? 4.530   14.927  12.952  1.00 25.50 ? 871 TYR B CG  1 
ATOM   483  C  CD1 . TYR B 1 18 ? 5.795   15.237  12.449  1.00 25.60 ? 871 TYR B CD1 1 
ATOM   484  C  CD2 . TYR B 1 18 ? 4.447   14.223  14.169  1.00 24.21 ? 871 TYR B CD2 1 
ATOM   485  C  CE1 . TYR B 1 18 ? 6.940   14.868  13.124  1.00 27.67 ? 871 TYR B CE1 1 
ATOM   486  C  CE2 . TYR B 1 18 ? 5.590   13.847  14.852  1.00 23.67 ? 871 TYR B CE2 1 
ATOM   487  C  CZ  . TYR B 1 18 ? 6.837   14.155  14.299  1.00 26.97 ? 871 TYR B CZ  1 
ATOM   488  O  OH  . TYR B 1 18 ? 7.993   13.814  14.926  1.00 26.27 ? 871 TYR B OH  1 
ATOM   489  N  N   . GLN B 1 19 ? 1.271   12.929  12.555  1.00 22.10 ? 872 GLN B N   1 
ATOM   490  C  CA  . GLN B 1 19 ? 0.801   11.722  13.233  1.00 22.41 ? 872 GLN B CA  1 
ATOM   491  C  C   . GLN B 1 19 ? 0.603   10.480  12.341  1.00 20.29 ? 872 GLN B C   1 
ATOM   492  O  O   . GLN B 1 19 ? 0.923   9.352   12.762  1.00 18.44 ? 872 GLN B O   1 
ATOM   493  C  CB  . GLN B 1 19 ? -0.504  12.027  14.004  1.00 23.09 ? 872 GLN B CB  1 
ATOM   494  C  CG  . GLN B 1 19 ? -0.945  10.880  14.937  1.00 30.38 ? 872 GLN B CG  1 
ATOM   495  C  CD  . GLN B 1 19 ? 0.003   10.636  16.138  1.00 37.61 ? 872 GLN B CD  1 
ATOM   496  O  OE1 . GLN B 1 19 ? 1.159   11.071  16.149  1.00 40.00 ? 872 GLN B OE1 1 
ATOM   497  N  NE2 . GLN B 1 19 ? -0.507  9.936   17.155  1.00 41.81 ? 872 GLN B NE2 1 
ATOM   498  N  N   . ASP B 1 20 ? 0.021   10.671  11.154  1.00 18.73 ? 873 ASP B N   1 
ATOM   499  C  CA  . ASP B 1 20 ? -0.082  9.588   10.189  1.00 18.60 ? 873 ASP B CA  1 
ATOM   500  C  C   . ASP B 1 20 ? 1.317   9.105   9.784   1.00 17.78 ? 873 ASP B C   1 
ATOM   501  O  O   . ASP B 1 20 ? 1.521   7.923   9.599   1.00 18.16 ? 873 ASP B O   1 
ATOM   502  C  CB  . ASP B 1 20 ? -0.894  9.995   8.967   1.00 18.28 ? 873 ASP B CB  1 
ATOM   503  C  CG  . ASP B 1 20 ? -2.379  9.890   9.213   1.00 19.78 ? 873 ASP B CG  1 
ATOM   504  O  OD1 . ASP B 1 20 ? -2.771  9.531   10.349  1.00 20.84 ? 873 ASP B OD1 1 
ATOM   505  O  OD2 . ASP B 1 20 ? -3.158  10.117  8.268   1.00 19.12 ? 873 ASP B OD2 1 
ATOM   506  N  N   . ILE B 1 21 ? 2.272   10.015  9.661   1.00 17.02 ? 874 ILE B N   1 
ATOM   507  C  CA  . ILE B 1 21 ? 3.620   9.633   9.220   1.00 16.60 ? 874 ILE B CA  1 
ATOM   508  C  C   . ILE B 1 21 ? 4.264   8.754   10.289  1.00 17.02 ? 874 ILE B C   1 
ATOM   509  O  O   . ILE B 1 21 ? 4.830   7.669   9.986   1.00 15.11 ? 874 ILE B O   1 
ATOM   510  C  CB  . ILE B 1 21 ? 4.513   10.860  8.870   1.00 16.80 ? 874 ILE B CB  1 
ATOM   511  C  CG1 . ILE B 1 21 ? 4.011   11.611  7.603   1.00 14.85 ? 874 ILE B CG1 1 
ATOM   512  C  CG2 . ILE B 1 21 ? 6.003   10.425  8.699   1.00 14.75 ? 874 ILE B CG2 1 
ATOM   513  C  CD1 . ILE B 1 21 ? 4.603   13.058  7.494   1.00 15.00 ? 874 ILE B CD1 1 
ATOM   514  N  N   . GLN B 1 22 ? 4.110   9.177   11.552  1.00 17.67 ? 875 GLN B N   1 
ATOM   515  C  CA  . GLN B 1 22 ? 4.617   8.402   12.676  1.00 18.42 ? 875 GLN B CA  1 
ATOM   516  C  C   . GLN B 1 22 ? 3.995   7.004   12.741  1.00 18.59 ? 875 GLN B C   1 
ATOM   517  O  O   . GLN B 1 22 ? 4.711   6.002   12.941  1.00 18.95 ? 875 GLN B O   1 
ATOM   518  C  CB  . GLN B 1 22 ? 4.382   9.126   14.017  1.00 17.72 ? 875 GLN B CB  1 
ATOM   519  C  CG  . GLN B 1 22 ? 5.204   10.417  14.175  1.00 21.13 ? 875 GLN B CG  1 
ATOM   520  C  CD  . GLN B 1 22 ? 6.704   10.169  14.045  1.00 21.15 ? 875 GLN B CD  1 
ATOM   521  O  OE1 . GLN B 1 22 ? 7.287   9.505   14.884  1.00 20.36 ? 875 GLN B OE1 1 
ATOM   522  N  NE2 . GLN B 1 22 ? 7.305   10.638  12.939  1.00 19.04 ? 875 GLN B NE2 1 
ATOM   523  N  N   . LYS B 1 23 ? 2.667   6.944   12.639  1.00 18.12 ? 876 LYS B N   1 
ATOM   524  C  CA  . LYS B 1 23 ? 1.930   5.667   12.633  1.00 19.85 ? 876 LYS B CA  1 
ATOM   525  C  C   . LYS B 1 23 ? 2.450   4.710   11.574  1.00 18.23 ? 876 LYS B C   1 
ATOM   526  O  O   . LYS B 1 23 ? 2.615   3.545   11.838  1.00 18.37 ? 876 LYS B O   1 
ATOM   527  C  CB  . LYS B 1 23 ? 0.429   5.851   12.363  1.00 19.54 ? 876 LYS B CB  1 
ATOM   528  C  CG  . LYS B 1 23 ? -0.396  5.823   13.564  1.00 25.43 ? 876 LYS B CG  1 
ATOM   529  C  CD  . LYS B 1 23 ? -1.819  5.391   13.283  1.00 28.08 ? 876 LYS B CD  1 
ATOM   530  C  CE  . LYS B 1 23 ? -2.615  6.446   12.543  1.00 22.45 ? 876 LYS B CE  1 
ATOM   531  N  NZ  . LYS B 1 23 ? -4.119  6.197   12.825  1.00 19.69 ? 876 LYS B NZ  1 
ATOM   532  N  N   . ALA B 1 24 ? 2.576   5.209   10.355  1.00 18.46 ? 877 ALA B N   1 
ATOM   533  C  CA  . ALA B 1 24 ? 3.047   4.433   9.205   1.00 18.08 ? 877 ALA B CA  1 
ATOM   534  C  C   . ALA B 1 24 ? 4.496   3.962   9.436   1.00 17.24 ? 877 ALA B C   1 
ATOM   535  O  O   . ALA B 1 24 ? 4.808   2.789   9.156   1.00 17.77 ? 877 ALA B O   1 
ATOM   536  C  CB  . ALA B 1 24 ? 2.871   5.229   7.870   1.00 16.47 ? 877 ALA B CB  1 
ATOM   537  N  N   . LEU B 1 25 ? 5.353   4.804   10.053  1.00 16.50 ? 878 LEU B N   1 
ATOM   538  C  CA  . LEU B 1 25 ? 6.716   4.350   10.377  1.00 14.44 ? 878 LEU B CA  1 
ATOM   539  C  C   . LEU B 1 25 ? 6.675   3.246   11.417  1.00 14.46 ? 878 LEU B C   1 
ATOM   540  O  O   . LEU B 1 25 ? 7.436   2.265   11.345  1.00 15.72 ? 878 LEU B O   1 
ATOM   541  C  CB  . LEU B 1 25 ? 7.624   5.530   10.822  1.00 15.10 ? 878 LEU B CB  1 
ATOM   542  C  CG  . LEU B 1 25 ? 7.923   6.508   9.650   1.00 12.75 ? 878 LEU B CG  1 
ATOM   543  C  CD1 . LEU B 1 25 ? 8.495   7.811   10.236  1.00 15.05 ? 878 LEU B CD1 1 
ATOM   544  C  CD2 . LEU B 1 25 ? 8.885   5.887   8.627   1.00 16.28 ? 878 LEU B CD2 1 
ATOM   545  N  N   . VAL B 1 26 ? 5.870   3.434   12.452  1.00 14.42 ? 879 VAL B N   1 
ATOM   546  C  CA  . VAL B 1 26 ? 5.749   2.429   13.537  1.00 16.92 ? 879 VAL B CA  1 
ATOM   547  C  C   . VAL B 1 26 ? 5.315   1.034   12.976  1.00 16.84 ? 879 VAL B C   1 
ATOM   548  O  O   . VAL B 1 26 ? 5.915   -0.003  13.288  1.00 18.10 ? 879 VAL B O   1 
ATOM   549  C  CB  . VAL B 1 26 ? 4.734   2.893   14.607  1.00 16.57 ? 879 VAL B CB  1 
ATOM   550  C  CG1 . VAL B 1 26 ? 4.518   1.795   15.620  1.00 17.56 ? 879 VAL B CG1 1 
ATOM   551  C  CG2 . VAL B 1 26 ? 5.271   4.143   15.355  1.00 19.16 ? 879 VAL B CG2 1 
ATOM   552  N  N   . ILE B 1 27 ? 4.232   1.031   12.194  1.00 16.53 ? 880 ILE B N   1 
ATOM   553  C  CA  . ILE B 1 27 ? 3.717   -0.189  11.592  1.00 16.37 ? 880 ILE B CA  1 
ATOM   554  C  C   . ILE B 1 27 ? 4.783   -0.824  10.678  1.00 15.75 ? 880 ILE B C   1 
ATOM   555  O  O   . ILE B 1 27 ? 4.934   -2.035  10.685  1.00 14.36 ? 880 ILE B O   1 
ATOM   556  C  CB  . ILE B 1 27 ? 2.430   0.126   10.771  1.00 16.88 ? 880 ILE B CB  1 
ATOM   557  C  CG1 . ILE B 1 27 ? 1.255   0.514   11.716  1.00 16.43 ? 880 ILE B CG1 1 
ATOM   558  C  CG2 . ILE B 1 27 ? 2.020   -1.092  9.889   1.00 15.58 ? 880 ILE B CG2 1 
ATOM   559  C  CD1 . ILE B 1 27 ? 0.077   1.141   10.923  1.00 17.82 ? 880 ILE B CD1 1 
ATOM   560  N  N   . ALA B 1 28 ? 5.493   -0.001  9.902   1.00 15.26 ? 881 ALA B N   1 
ATOM   561  C  CA  . ALA B 1 28 ? 6.536   -0.465  8.966   1.00 16.48 ? 881 ALA B CA  1 
ATOM   562  C  C   . ALA B 1 28 ? 7.865   -0.787  9.675   1.00 16.63 ? 881 ALA B C   1 
ATOM   563  O  O   . ALA B 1 28 ? 8.815   -1.150  9.040   1.00 16.40 ? 881 ALA B O   1 
ATOM   564  C  CB  . ALA B 1 28 ? 6.758   0.620   7.847   1.00 15.01 ? 881 ALA B CB  1 
ATOM   565  N  N   . GLN B 1 29 ? 7.928   -0.592  10.995  1.00 17.74 ? 882 GLN B N   1 
ATOM   566  C  CA  . GLN B 1 29 ? 9.175   -0.736  11.764  1.00 18.17 ? 882 GLN B CA  1 
ATOM   567  C  C   . GLN B 1 29 ? 10.319  0.094   11.191  1.00 17.60 ? 882 GLN B C   1 
ATOM   568  O  O   . GLN B 1 29 ? 11.467  -0.376  11.107  1.00 14.34 ? 882 GLN B O   1 
ATOM   569  C  CB  . GLN B 1 29 ? 9.592   -2.230  11.860  1.00 18.40 ? 882 GLN B CB  1 
ATOM   570  C  CG  . GLN B 1 29 ? 8.447   -3.164  12.286  1.00 17.32 ? 882 GLN B CG  1 
ATOM   571  C  CD  . GLN B 1 29 ? 8.807   -4.627  12.194  1.00 21.71 ? 882 GLN B CD  1 
ATOM   572  O  OE1 . GLN B 1 29 ? 8.706   -5.326  13.180  1.00 31.10 ? 882 GLN B OE1 1 
ATOM   573  N  NE2 . GLN B 1 29 ? 9.201   -5.106  11.013  1.00 26.54 ? 882 GLN B NE2 1 
ATOM   574  N  N   . ASN B 1 30 ? 9.990   1.332   10.802  1.00 17.38 ? 883 ASN B N   1 
ATOM   575  C  CA  . ASN B 1 30 ? 10.917  2.287   10.211  1.00 17.73 ? 883 ASN B CA  1 
ATOM   576  C  C   . ASN B 1 30 ? 11.505  1.903   8.846   1.00 18.45 ? 883 ASN B C   1 
ATOM   577  O  O   . ASN B 1 30 ? 12.594  2.377   8.510   1.00 18.78 ? 883 ASN B O   1 
ATOM   578  C  CB  . ASN B 1 30 ? 12.062  2.652   11.185  1.00 19.16 ? 883 ASN B CB  1 
ATOM   579  C  CG  . ASN B 1 30 ? 11.606  3.546   12.304  1.00 20.88 ? 883 ASN B CG  1 
ATOM   580  O  OD1 . ASN B 1 30 ? 12.228  3.597   13.369  1.00 24.63 ? 883 ASN B OD1 1 
ATOM   581  N  ND2 . ASN B 1 30 ? 10.517  4.246   12.087  1.00 14.74 ? 883 ASN B ND2 1 
ATOM   582  N  N   . ASN B 1 31 ? 10.825  1.009   8.108   1.00 16.93 ? 884 ASN B N   1 
ATOM   583  C  CA  . ASN B 1 31 ? 11.106  0.789   6.701   1.00 16.62 ? 884 ASN B CA  1 
ATOM   584  C  C   . ASN B 1 31 ? 10.383  1.964   6.037   1.00 16.17 ? 884 ASN B C   1 
ATOM   585  O  O   . ASN B 1 31 ? 9.175   1.925   5.848   1.00 17.12 ? 884 ASN B O   1 
ATOM   586  C  CB  . ASN B 1 31 ? 10.523  -0.553  6.272   1.00 17.09 ? 884 ASN B CB  1 
ATOM   587  C  CG  . ASN B 1 31 ? 10.845  -0.926  4.838   1.00 18.01 ? 884 ASN B CG  1 
ATOM   588  O  OD1 . ASN B 1 31 ? 10.924  -0.094  3.961   1.00 16.10 ? 884 ASN B OD1 1 
ATOM   589  N  ND2 . ASN B 1 31 ? 11.061  -2.201  4.618   1.00 16.27 ? 884 ASN B ND2 1 
ATOM   590  N  N   . ILE B 1 32 ? 11.139  2.998   5.682   1.00 15.81 ? 885 ILE B N   1 
ATOM   591  C  CA  . ILE B 1 32 ? 10.616  4.260   5.159   1.00 16.56 ? 885 ILE B CA  1 
ATOM   592  C  C   . ILE B 1 32 ? 9.908   4.014   3.811   1.00 17.07 ? 885 ILE B C   1 
ATOM   593  O  O   . ILE B 1 32 ? 8.829   4.543   3.568   1.00 14.93 ? 885 ILE B O   1 
ATOM   594  C  CB  . ILE B 1 32 ? 11.743  5.302   5.015   1.00 17.29 ? 885 ILE B CB  1 
ATOM   595  C  CG1 . ILE B 1 32 ? 12.210  5.768   6.411   1.00 19.62 ? 885 ILE B CG1 1 
ATOM   596  C  CG2 . ILE B 1 32 ? 11.349  6.465   4.100   1.00 17.83 ? 885 ILE B CG2 1 
ATOM   597  C  CD1 . ILE B 1 32 ? 13.538  6.580   6.367   1.00 17.16 ? 885 ILE B CD1 1 
ATOM   598  N  N   . GLU B 1 33 ? 10.490  3.184   2.967   1.00 16.80 ? 886 GLU B N   1 
ATOM   599  C  CA  . GLU B 1 33 ? 9.838   2.859   1.689   1.00 19.40 ? 886 GLU B CA  1 
ATOM   600  C  C   . GLU B 1 33 ? 8.430   2.247   1.876   1.00 18.50 ? 886 GLU B C   1 
ATOM   601  O  O   . GLU B 1 33 ? 7.453   2.610   1.177   1.00 16.95 ? 886 GLU B O   1 
ATOM   602  C  CB  . GLU B 1 33 ? 10.698  1.869   0.933   1.00 18.41 ? 886 GLU B CB  1 
ATOM   603  C  CG  . GLU B 1 33 ? 10.051  1.245   -0.281  1.00 23.08 ? 886 GLU B CG  1 
ATOM   604  C  CD  . GLU B 1 33 ? 11.071  0.427   -1.095  1.00 23.97 ? 886 GLU B CD  1 
ATOM   605  O  OE1 . GLU B 1 33 ? 11.019  -0.818  -1.088  1.00 31.28 ? 886 GLU B OE1 1 
ATOM   606  O  OE2 . GLU B 1 33 ? 11.947  1.041   -1.714  1.00 30.49 ? 886 GLU B OE2 1 
HETATM 607  N  N   . MSE B 1 34 ? 8.360   1.292   2.793   1.00 19.17 ? 887 MSE B N   1 
HETATM 608  C  CA  . MSE B 1 34 ? 7.109   0.683   3.178   1.00 22.60 ? 887 MSE B CA  1 
HETATM 609  C  C   . MSE B 1 34 ? 6.134   1.674   3.852   1.00 20.87 ? 887 MSE B C   1 
HETATM 610  O  O   . MSE B 1 34 ? 4.978   1.674   3.515   1.00 18.68 ? 887 MSE B O   1 
HETATM 611  C  CB  . MSE B 1 34 ? 7.345   -0.519  4.111   1.00 20.53 ? 887 MSE B CB  1 
HETATM 612  C  CG  . MSE B 1 34 ? 6.056   -1.142  4.502   1.00 24.71 ? 887 MSE B CG  1 
HETATM 613  SE SE  . MSE B 1 34 ? 6.248   -2.566  5.703   0.70 35.44 ? 887 MSE B SE  1 
HETATM 614  C  CE  . MSE B 1 34 ? 7.458   -3.666  4.772   1.00 26.55 ? 887 MSE B CE  1 
ATOM   615  N  N   . ALA B 1 35 ? 6.598   2.451   4.836   1.00 21.25 ? 888 ALA B N   1 
ATOM   616  C  CA  . ALA B 1 35 ? 5.798   3.578   5.393   1.00 22.47 ? 888 ALA B CA  1 
ATOM   617  C  C   . ALA B 1 35 ? 5.190   4.482   4.277   1.00 23.51 ? 888 ALA B C   1 
ATOM   618  O  O   . ALA B 1 35 ? 3.987   4.806   4.296   1.00 24.29 ? 888 ALA B O   1 
ATOM   619  C  CB  . ALA B 1 35 ? 6.623   4.432   6.368   1.00 20.96 ? 888 ALA B CB  1 
ATOM   620  N  N   . LYS B 1 36 ? 6.002   4.867   3.296   1.00 23.36 ? 889 LYS B N   1 
ATOM   621  C  CA  . LYS B 1 36 ? 5.493   5.709   2.173   1.00 22.94 ? 889 LYS B CA  1 
ATOM   622  C  C   . LYS B 1 36 ? 4.399   5.038   1.389   1.00 23.31 ? 889 LYS B C   1 
ATOM   623  O  O   . LYS B 1 36 ? 3.471   5.730   0.921   1.00 21.87 ? 889 LYS B O   1 
ATOM   624  C  CB  . LYS B 1 36 ? 6.624   6.086   1.171   1.00 22.36 ? 889 LYS B CB  1 
ATOM   625  C  CG  . LYS B 1 36 ? 7.592   7.067   1.737   1.00 24.69 ? 889 LYS B CG  1 
ATOM   626  C  CD  . LYS B 1 36 ? 8.783   7.250   0.832   1.00 27.72 ? 889 LYS B CD  1 
ATOM   627  C  CE  . LYS B 1 36 ? 9.611   8.384   1.286   1.00 27.08 ? 889 LYS B CE  1 
ATOM   628  N  NZ  . LYS B 1 36 ? 10.796  8.533   0.311   1.00 25.52 ? 889 LYS B NZ  1 
ATOM   629  N  N   . ASN B 1 37 ? 4.541   3.713   1.181   1.00 21.71 ? 890 ASN B N   1 
ATOM   630  C  CA  . ASN B 1 37 ? 3.473   2.928   0.562   1.00 22.87 ? 890 ASN B CA  1 
ATOM   631  C  C   . ASN B 1 37 ? 2.205   2.920   1.351   1.00 22.50 ? 890 ASN B C   1 
ATOM   632  O  O   . ASN B 1 37 ? 1.110   2.988   0.774   1.00 22.83 ? 890 ASN B O   1 
ATOM   633  C  CB  . ASN B 1 37 ? 3.897   1.453   0.323   1.00 23.33 ? 890 ASN B CB  1 
ATOM   634  C  CG  . ASN B 1 37 ? 4.983   1.322   -0.705  1.00 23.67 ? 890 ASN B CG  1 
ATOM   635  O  OD1 . ASN B 1 37 ? 5.195   2.230   -1.513  1.00 29.18 ? 890 ASN B OD1 1 
ATOM   636  N  ND2 . ASN B 1 37 ? 5.681   0.198   -0.691  1.00 23.22 ? 890 ASN B ND2 1 
ATOM   637  N  N   . ILE B 1 38 ? 2.321   2.748   2.673   1.00 22.12 ? 891 ILE B N   1 
ATOM   638  C  CA  . ILE B 1 38 ? 1.157   2.792   3.519   1.00 20.88 ? 891 ILE B CA  1 
ATOM   639  C  C   . ILE B 1 38 ? 0.482   4.129   3.350   1.00 21.97 ? 891 ILE B C   1 
ATOM   640  O  O   . ILE B 1 38 ? -0.741  4.191   3.203   1.00 22.81 ? 891 ILE B O   1 
ATOM   641  C  CB  . ILE B 1 38 ? 1.499   2.541   5.015   1.00 21.08 ? 891 ILE B CB  1 
ATOM   642  C  CG1 . ILE B 1 38 ? 2.087   1.133   5.238   1.00 18.74 ? 891 ILE B CG1 1 
ATOM   643  C  CG2 . ILE B 1 38 ? 0.289   2.843   5.889   1.00 20.28 ? 891 ILE B CG2 1 
ATOM   644  C  CD1 . ILE B 1 38 ? 2.630   0.877   6.651   1.00 19.23 ? 891 ILE B CD1 1 
ATOM   645  N  N   . LEU B 1 39 ? 1.257   5.220   3.461   1.00 22.55 ? 892 LEU B N   1 
ATOM   646  C  CA  . LEU B 1 39 ? 0.668   6.577   3.386   1.00 22.77 ? 892 LEU B CA  1 
ATOM   647  C  C   . LEU B 1 39 ? 0.014   6.810   2.002   1.00 22.91 ? 892 LEU B C   1 
ATOM   648  O  O   . LEU B 1 39 ? -1.118  7.230   1.925   1.00 22.12 ? 892 LEU B O   1 
ATOM   649  C  CB  . LEU B 1 39 ? 1.750   7.660   3.661   1.00 21.63 ? 892 LEU B CB  1 
ATOM   650  C  CG  . LEU B 1 39 ? 2.281   7.731   5.093   1.00 21.73 ? 892 LEU B CG  1 
ATOM   651  C  CD1 . LEU B 1 39 ? 3.693   8.477   5.197   1.00 17.77 ? 892 LEU B CD1 1 
ATOM   652  C  CD2 . LEU B 1 39 ? 1.267   8.286   6.107   1.00 24.93 ? 892 LEU B CD2 1 
ATOM   653  N  N   . ARG B 1 40 ? 0.725   6.497   0.918   1.00 22.55 ? 893 ARG B N   1 
ATOM   654  C  CA  . ARG B 1 40 ? 0.166   6.649   -0.413  1.00 24.61 ? 893 ARG B CA  1 
ATOM   655  C  C   . ARG B 1 40 ? -1.172  5.909   -0.635  1.00 24.10 ? 893 ARG B C   1 
ATOM   656  O  O   . ARG B 1 40 ? -2.078  6.433   -1.292  1.00 23.79 ? 893 ARG B O   1 
ATOM   657  C  CB  . ARG B 1 40 ? 1.182   6.160   -1.457  1.00 23.95 ? 893 ARG B CB  1 
ATOM   658  C  CG  . ARG B 1 40 ? 0.981   6.765   -2.835  1.00 26.92 ? 893 ARG B CG  1 
ATOM   659  C  CD  . ARG B 1 40 ? 2.017   6.193   -3.897  1.00 27.32 ? 893 ARG B CD  1 
ATOM   660  N  NE  . ARG B 1 40 ? 3.378   6.325   -3.393  1.00 30.23 ? 893 ARG B NE  1 
ATOM   661  C  CZ  . ARG B 1 40 ? 4.106   5.333   -2.887  1.00 26.98 ? 893 ARG B CZ  1 
ATOM   662  N  NH1 . ARG B 1 40 ? 5.324   5.599   -2.428  1.00 24.72 ? 893 ARG B NH1 1 
ATOM   663  N  NH2 . ARG B 1 40 ? 3.623   4.088   -2.860  1.00 24.15 ? 893 ARG B NH2 1 
ATOM   664  N  N   . GLU B 1 41 ? -1.283  4.691   -0.097  1.00 23.87 ? 894 GLU B N   1 
ATOM   665  C  CA  . GLU B 1 41 ? -2.406  3.833   -0.414  1.00 23.76 ? 894 GLU B CA  1 
ATOM   666  C  C   . GLU B 1 41 ? -3.592  4.057   0.519   1.00 25.02 ? 894 GLU B C   1 
ATOM   667  O  O   . GLU B 1 41 ? -4.742  3.706   0.171   1.00 24.71 ? 894 GLU B O   1 
ATOM   668  C  CB  . GLU B 1 41 ? -1.986  2.367   -0.387  1.00 24.30 ? 894 GLU B CB  1 
ATOM   669  C  CG  . GLU B 1 41 ? -1.112  1.938   -1.595  1.00 24.60 ? 894 GLU B CG  1 
ATOM   670  C  CD  . GLU B 1 41 ? -1.764  2.299   -2.925  1.00 28.05 ? 894 GLU B CD  1 
ATOM   671  O  OE1 . GLU B 1 41 ? -3.004  2.224   -3.026  1.00 26.51 ? 894 GLU B OE1 1 
ATOM   672  O  OE2 . GLU B 1 41 ? -1.051  2.737   -3.850  1.00 26.34 ? 894 GLU B OE2 1 
ATOM   673  N  N   . PHE B 1 42 ? -3.304  4.602   1.707   1.00 24.78 ? 895 PHE B N   1 
ATOM   674  C  CA  . PHE B 1 42 ? -4.278  4.626   2.783   1.00 25.71 ? 895 PHE B CA  1 
ATOM   675  C  C   . PHE B 1 42 ? -4.481  5.951   3.466   1.00 26.70 ? 895 PHE B C   1 
ATOM   676  O  O   . PHE B 1 42 ? -5.588  6.180   3.910   1.00 28.32 ? 895 PHE B O   1 
ATOM   677  C  CB  . PHE B 1 42 ? -3.987  3.575   3.881   1.00 22.52 ? 895 PHE B CB  1 
ATOM   678  C  CG  . PHE B 1 42 ? -4.225  2.182   3.438   1.00 23.19 ? 895 PHE B CG  1 
ATOM   679  C  CD1 . PHE B 1 42 ? -5.514  1.644   3.457   1.00 22.00 ? 895 PHE B CD1 1 
ATOM   680  C  CD2 . PHE B 1 42 ? -3.151  1.371   3.029   1.00 20.35 ? 895 PHE B CD2 1 
ATOM   681  C  CE1 . PHE B 1 42 ? -5.752  0.355   3.016   1.00 19.22 ? 895 PHE B CE1 1 
ATOM   682  C  CE2 . PHE B 1 42 ? -3.411  0.023   2.622   1.00 19.31 ? 895 PHE B CE2 1 
ATOM   683  C  CZ  . PHE B 1 42 ? -4.694  -0.448  2.623   1.00 18.77 ? 895 PHE B CZ  1 
ATOM   684  N  N   . ALA B 1 43 ? -3.437  6.787   3.603   1.00 26.39 ? 896 ALA B N   1 
ATOM   685  C  CA  . ALA B 1 43 ? -3.579  8.030   4.349   1.00 26.25 ? 896 ALA B CA  1 
ATOM   686  C  C   . ALA B 1 43 ? -4.219  9.208   3.593   1.00 26.21 ? 896 ALA B C   1 
ATOM   687  O  O   . ALA B 1 43 ? -4.030  9.377   2.404   1.00 26.28 ? 896 ALA B O   1 
ATOM   688  C  CB  . ALA B 1 43 ? -2.266  8.440   4.924   1.00 25.25 ? 896 ALA B CB  1 
ATOM   689  N  N   . ALA B 1 44 ? -4.967  10.032  4.322   1.00 27.97 ? 897 ALA B N   1 
ATOM   690  C  CA  . ALA B 1 44 ? -5.484  11.317  3.803   1.00 29.33 ? 897 ALA B CA  1 
ATOM   691  C  C   . ALA B 1 44 ? -4.314  12.302  3.612   1.00 29.86 ? 897 ALA B C   1 
ATOM   692  O  O   . ALA B 1 44 ? -3.423  12.367  4.451   1.00 29.73 ? 897 ALA B O   1 
ATOM   693  C  CB  . ALA B 1 44 ? -6.534  11.904  4.749   1.00 28.49 ? 897 ALA B CB  1 
ATOM   694  N  N   . ALA B 1 45 ? -4.311  13.049  2.504   1.00 31.10 ? 898 ALA B N   1 
ATOM   695  C  CA  . ALA B 1 45 ? -3.225  14.007  2.220   1.00 31.34 ? 898 ALA B CA  1 
ATOM   696  C  C   . ALA B 1 45 ? -3.779  15.402  1.968   1.00 31.89 ? 898 ALA B C   1 
ATOM   697  O  O   . ALA B 1 45 ? -4.974  15.556  1.753   1.00 32.45 ? 898 ALA B O   1 
ATOM   698  C  CB  . ALA B 1 45 ? -2.373  13.541  1.042   1.00 31.38 ? 898 ALA B CB  1 
ATOM   699  N  N   . SER C 1 5  ? 2.341   -10.542 -6.884  1.00 56.67 ? 858 SER C N   1 
ATOM   700  C  CA  . SER C 1 5  ? 2.245   -9.482  -5.809  1.00 57.33 ? 858 SER C CA  1 
ATOM   701  C  C   . SER C 1 5  ? 3.617   -8.953  -5.326  1.00 57.20 ? 858 SER C C   1 
ATOM   702  O  O   . SER C 1 5  ? 3.738   -7.815  -4.872  1.00 57.18 ? 858 SER C O   1 
ATOM   703  C  CB  . SER C 1 5  ? 1.323   -9.906  -4.655  1.00 57.02 ? 858 SER C CB  1 
ATOM   704  O  OG  . SER C 1 5  ? 2.019   -10.543 -3.581  1.00 58.63 ? 858 SER C OG  1 
ATOM   705  N  N   . SER C 1 6  ? 4.655   -9.769  -5.466  1.00 57.24 ? 859 SER C N   1 
ATOM   706  C  CA  . SER C 1 6  ? 6.016   -9.286  -5.302  1.00 56.87 ? 859 SER C CA  1 
ATOM   707  C  C   . SER C 1 6  ? 6.296   -8.164  -6.312  1.00 56.58 ? 859 SER C C   1 
ATOM   708  O  O   . SER C 1 6  ? 6.937   -7.154  -5.978  1.00 56.47 ? 859 SER C O   1 
ATOM   709  C  CB  . SER C 1 6  ? 7.001   -10.439 -5.465  1.00 57.10 ? 859 SER C CB  1 
ATOM   710  O  OG  . SER C 1 6  ? 8.244   -9.978  -5.966  1.00 58.16 ? 859 SER C OG  1 
ATOM   711  N  N   . GLU C 1 7  ? 5.774   -8.334  -7.530  1.00 56.06 ? 860 GLU C N   1 
ATOM   712  C  CA  . GLU C 1 7  ? 5.989   -7.384  -8.614  1.00 55.55 ? 860 GLU C CA  1 
ATOM   713  C  C   . GLU C 1 7  ? 5.236   -6.099  -8.411  1.00 54.89 ? 860 GLU C C   1 
ATOM   714  O  O   . GLU C 1 7  ? 5.707   -5.031  -8.800  1.00 53.72 ? 860 GLU C O   1 
ATOM   715  C  CB  . GLU C 1 7  ? 5.611   -8.011  -9.950  1.00 55.69 ? 860 GLU C CB  1 
ATOM   716  C  CG  . GLU C 1 7  ? 6.742   -8.836  -10.577 1.00 57.06 ? 860 GLU C CG  1 
ATOM   717  C  CD  . GLU C 1 7  ? 7.903   -7.965  -11.075 1.00 58.44 ? 860 GLU C CD  1 
ATOM   718  O  OE1 . GLU C 1 7  ? 8.530   -7.265  -10.244 1.00 59.04 ? 860 GLU C OE1 1 
ATOM   719  O  OE2 . GLU C 1 7  ? 8.187   -7.978  -12.291 1.00 57.79 ? 860 GLU C OE2 1 
ATOM   720  N  N   . ILE C 1 8  ? 4.062   -6.221  -7.792  1.00 54.97 ? 861 ILE C N   1 
ATOM   721  C  CA  . ILE C 1 8  ? 3.216   -5.075  -7.506  1.00 54.69 ? 861 ILE C CA  1 
ATOM   722  C  C   . ILE C 1 8  ? 3.826   -4.266  -6.374  1.00 54.76 ? 861 ILE C C   1 
ATOM   723  O  O   . ILE C 1 8  ? 3.933   -3.035  -6.490  1.00 55.14 ? 861 ILE C O   1 
ATOM   724  C  CB  . ILE C 1 8  ? 1.790   -5.495  -7.231  1.00 54.50 ? 861 ILE C CB  1 
ATOM   725  C  CG1 . ILE C 1 8  ? 1.256   -6.322  -8.421  1.00 54.43 ? 861 ILE C CG1 1 
ATOM   726  C  CG2 . ILE C 1 8  ? 0.912   -4.255  -6.885  1.00 56.21 ? 861 ILE C CG2 1 
ATOM   727  C  CD1 . ILE C 1 8  ? -0.187  -6.846  -8.235  1.00 54.66 ? 861 ILE C CD1 1 
ATOM   728  N  N   . GLU C 1 9  ? 4.243   -4.956  -5.303  1.00 54.78 ? 862 GLU C N   1 
ATOM   729  C  CA  . GLU C 1 9  ? 5.009   -4.350  -4.182  1.00 54.43 ? 862 GLU C CA  1 
ATOM   730  C  C   . GLU C 1 9  ? 6.060   -3.349  -4.730  1.00 54.57 ? 862 GLU C C   1 
ATOM   731  O  O   . GLU C 1 9  ? 6.072   -2.174  -4.337  1.00 54.87 ? 862 GLU C O   1 
ATOM   732  C  CB  . GLU C 1 9  ? 5.762   -5.429  -3.381  1.00 54.05 ? 862 GLU C CB  1 
ATOM   733  C  CG  . GLU C 1 9  ? 5.153   -5.881  -2.076  1.00 54.36 ? 862 GLU C CG  1 
ATOM   734  C  CD  . GLU C 1 9  ? 5.491   -7.349  -1.714  1.00 54.28 ? 862 GLU C CD  1 
ATOM   735  O  OE1 . GLU C 1 9  ? 6.659   -7.783  -1.956  1.00 55.33 ? 862 GLU C OE1 1 
ATOM   736  O  OE2 . GLU C 1 9  ? 4.592   -8.068  -1.192  1.00 47.53 ? 862 GLU C OE2 1 
ATOM   737  N  N   . ASN C 1 10 ? 6.925   -3.840  -5.620  1.00 53.46 ? 863 ASN C N   1 
ATOM   738  C  CA  . ASN C 1 10 ? 8.089   -3.092  -6.132  1.00 53.61 ? 863 ASN C CA  1 
ATOM   739  C  C   . ASN C 1 10 ? 7.715   -1.895  -7.009  1.00 53.64 ? 863 ASN C C   1 
ATOM   740  O  O   . ASN C 1 10 ? 8.364   -0.852  -6.958  1.00 54.53 ? 863 ASN C O   1 
ATOM   741  C  CB  . ASN C 1 10 ? 9.012   -4.033  -6.912  1.00 53.06 ? 863 ASN C CB  1 
ATOM   742  C  CG  . ASN C 1 10 ? 10.242  -3.320  -7.490  1.00 53.67 ? 863 ASN C CG  1 
ATOM   743  O  OD1 . ASN C 1 10 ? 11.036  -2.731  -6.753  1.00 54.54 ? 863 ASN C OD1 1 
ATOM   744  N  ND2 . ASN C 1 10 ? 10.402  -3.382  -8.806  1.00 48.99 ? 863 ASN C ND2 1 
ATOM   745  N  N   . LEU C 1 11 ? 6.687   -2.070  -7.832  1.00 53.39 ? 864 LEU C N   1 
ATOM   746  C  CA  . LEU C 1 11 ? 6.078   -0.978  -8.587  1.00 53.29 ? 864 LEU C CA  1 
ATOM   747  C  C   . LEU C 1 11 ? 5.560   0.123   -7.654  1.00 53.83 ? 864 LEU C C   1 
ATOM   748  O  O   . LEU C 1 11 ? 5.758   1.327   -7.910  1.00 52.91 ? 864 LEU C O   1 
ATOM   749  C  CB  . LEU C 1 11 ? 4.956   -1.517  -9.496  1.00 52.57 ? 864 LEU C CB  1 
ATOM   750  C  CG  . LEU C 1 11 ? 5.399   -2.182  -10.811 1.00 51.75 ? 864 LEU C CG  1 
ATOM   751  C  CD1 . LEU C 1 11 ? 4.216   -2.798  -11.563 1.00 49.92 ? 864 LEU C CD1 1 
ATOM   752  C  CD2 . LEU C 1 11 ? 6.184   -1.200  -11.705 1.00 48.59 ? 864 LEU C CD2 1 
HETATM 753  N  N   . MSE C 1 12 ? 4.930   -0.303  -6.555  1.00 54.60 ? 865 MSE C N   1 
HETATM 754  C  CA  . MSE C 1 12 ? 4.422   0.628   -5.553  1.00 56.54 ? 865 MSE C CA  1 
HETATM 755  C  C   . MSE C 1 12 ? 5.551   1.457   -4.941  1.00 54.93 ? 865 MSE C C   1 
HETATM 756  O  O   . MSE C 1 12 ? 5.434   2.679   -4.774  1.00 54.68 ? 865 MSE C O   1 
HETATM 757  C  CB  . MSE C 1 12 ? 3.634   -0.121  -4.472  1.00 56.19 ? 865 MSE C CB  1 
HETATM 758  C  CG  . MSE C 1 12 ? 2.292   -0.623  -4.959  1.00 59.13 ? 865 MSE C CG  1 
HETATM 759  SE SE  . MSE C 1 12 ? 1.064   -0.971  -3.507  0.80 63.55 ? 865 MSE C SE  1 
HETATM 760  C  CE  . MSE C 1 12 ? 1.624   0.533   -2.334  1.00 64.15 ? 865 MSE C CE  1 
ATOM   761  N  N   . SER C 1 13 ? 6.649   0.777   -4.643  1.00 53.88 ? 866 SER C N   1 
ATOM   762  C  CA  . SER C 1 13 ? 7.785   1.374   -3.980  1.00 53.28 ? 866 SER C CA  1 
ATOM   763  C  C   . SER C 1 13 ? 8.541   2.330   -4.936  1.00 53.75 ? 866 SER C C   1 
ATOM   764  O  O   . SER C 1 13 ? 9.384   3.138   -4.486  1.00 53.93 ? 866 SER C O   1 
ATOM   765  C  CB  . SER C 1 13 ? 8.689   0.268   -3.419  1.00 53.15 ? 866 SER C CB  1 
ATOM   766  O  OG  . SER C 1 13 ? 8.046   -0.526  -2.416  1.00 48.40 ? 866 SER C OG  1 
ATOM   767  N  N   . GLN C 1 14 ? 8.231   2.207   -6.233  1.00 52.82 ? 867 GLN C N   1 
ATOM   768  C  CA  . GLN C 1 14 ? 8.592   3.159   -7.294  1.00 52.67 ? 867 GLN C CA  1 
ATOM   769  C  C   . GLN C 1 14 ? 7.670   4.391   -7.364  1.00 51.18 ? 867 GLN C C   1 
ATOM   770  O  O   . GLN C 1 14 ? 7.981   5.363   -8.044  1.00 50.76 ? 867 GLN C O   1 
ATOM   771  C  CB  . GLN C 1 14 ? 8.599   2.443   -8.646  1.00 52.83 ? 867 GLN C CB  1 
ATOM   772  C  CG  . GLN C 1 14 ? 10.042  1.935   -9.068  1.00 58.02 ? 867 GLN C CG  1 
ATOM   773  C  CD  . GLN C 1 14 ? 9.862   1.218   -10.504 1.00 60.24 ? 867 GLN C CD  1 
ATOM   774  O  OE1 . GLN C 1 14 ? 9.664   1.947   -11.569 1.00 62.74 ? 867 GLN C OE1 1 
ATOM   775  N  NE2 . GLN C 1 14 ? 9.825   -0.169  -10.453 1.00 65.93 ? 867 GLN C NE2 1 
ATOM   776  N  N   . GLY C 1 15 ? 6.542   4.347   -6.648  1.00 50.49 ? 868 GLY C N   1 
ATOM   777  C  CA  . GLY C 1 15 ? 5.646   5.490   -6.515  1.00 48.20 ? 868 GLY C CA  1 
ATOM   778  C  C   . GLY C 1 15 ? 4.300   5.326   -7.211  1.00 47.12 ? 868 GLY C C   1 
ATOM   779  O  O   . GLY C 1 15 ? 3.459   6.224   -7.142  1.00 46.62 ? 868 GLY C O   1 
ATOM   780  N  N   . TYR C 1 16 ? 4.100   4.197   -7.885  1.00 45.62 ? 869 TYR C N   1 
ATOM   781  C  CA  . TYR C 1 16 ? 2.859   3.952   -8.606  1.00 45.85 ? 869 TYR C CA  1 
ATOM   782  C  C   . TYR C 1 16 ? 1.750   3.490   -7.670  1.00 45.53 ? 869 TYR C C   1 
ATOM   783  O  O   . TYR C 1 16 ? 1.993   2.663   -6.785  1.00 45.32 ? 869 TYR C O   1 
ATOM   784  C  CB  . TYR C 1 16 ? 3.070   2.891   -9.687  1.00 46.44 ? 869 TYR C CB  1 
ATOM   785  C  CG  . TYR C 1 16 ? 4.056   3.276   -10.817 1.00 46.90 ? 869 TYR C CG  1 
ATOM   786  C  CD1 . TYR C 1 16 ? 5.330   2.709   -10.885 1.00 46.77 ? 869 TYR C CD1 1 
ATOM   787  C  CD2 . TYR C 1 16 ? 3.699   4.183   -11.813 1.00 47.06 ? 869 TYR C CD2 1 
ATOM   788  C  CE1 . TYR C 1 16 ? 6.220   3.028   -11.942 1.00 46.88 ? 869 TYR C CE1 1 
ATOM   789  C  CE2 . TYR C 1 16 ? 4.570   4.511   -12.848 1.00 47.88 ? 869 TYR C CE2 1 
ATOM   790  C  CZ  . TYR C 1 16 ? 5.828   3.939   -12.905 1.00 47.69 ? 869 TYR C CZ  1 
ATOM   791  O  OH  . TYR C 1 16 ? 6.693   4.284   -13.941 1.00 50.11 ? 869 TYR C OH  1 
ATOM   792  N  N   . SER C 1 17 ? 0.535   4.001   -7.858  1.00 44.97 ? 870 SER C N   1 
ATOM   793  C  CA  . SER C 1 17 ? -0.599  3.566   -7.018  1.00 45.07 ? 870 SER C CA  1 
ATOM   794  C  C   . SER C 1 17 ? -0.967  2.101   -7.353  1.00 44.62 ? 870 SER C C   1 
ATOM   795  O  O   . SER C 1 17 ? -0.696  1.643   -8.437  1.00 44.55 ? 870 SER C O   1 
ATOM   796  C  CB  . SER C 1 17 ? -1.809  4.510   -7.148  1.00 43.93 ? 870 SER C CB  1 
ATOM   797  O  OG  . SER C 1 17 ? -2.409  4.358   -8.422  1.00 45.41 ? 870 SER C OG  1 
ATOM   798  N  N   . TYR C 1 18 ? -1.552  1.389   -6.404  1.00 44.13 ? 871 TYR C N   1 
ATOM   799  C  CA  . TYR C 1 18 ? -2.083  0.039   -6.614  1.00 44.83 ? 871 TYR C CA  1 
ATOM   800  C  C   . TYR C 1 18 ? -3.184  0.010   -7.676  1.00 46.21 ? 871 TYR C C   1 
ATOM   801  O  O   . TYR C 1 18 ? -3.218  -0.910  -8.486  1.00 48.09 ? 871 TYR C O   1 
ATOM   802  C  CB  . TYR C 1 18 ? -2.665  -0.477  -5.297  1.00 42.28 ? 871 TYR C CB  1 
ATOM   803  C  CG  . TYR C 1 18 ? -3.235  -1.886  -5.273  1.00 39.42 ? 871 TYR C CG  1 
ATOM   804  C  CD1 . TYR C 1 18 ? -2.415  -2.978  -5.006  1.00 37.34 ? 871 TYR C CD1 1 
ATOM   805  C  CD2 . TYR C 1 18 ? -4.605  -2.122  -5.447  1.00 37.25 ? 871 TYR C CD2 1 
ATOM   806  C  CE1 . TYR C 1 18 ? -2.930  -4.284  -4.920  1.00 37.31 ? 871 TYR C CE1 1 
ATOM   807  C  CE2 . TYR C 1 18 ? -5.126  -3.430  -5.372  1.00 38.31 ? 871 TYR C CE2 1 
ATOM   808  C  CZ  . TYR C 1 18 ? -4.271  -4.503  -5.117  1.00 37.13 ? 871 TYR C CZ  1 
ATOM   809  O  OH  . TYR C 1 18 ? -4.741  -5.791  -5.048  1.00 38.46 ? 871 TYR C OH  1 
ATOM   810  N  N   . GLN C 1 19 ? -4.066  1.013   -7.639  1.00 47.06 ? 872 GLN C N   1 
ATOM   811  C  CA  . GLN C 1 19 ? -5.230  1.144   -8.524  1.00 48.14 ? 872 GLN C CA  1 
ATOM   812  C  C   . GLN C 1 19 ? -4.786  1.257   -9.998  1.00 47.30 ? 872 GLN C C   1 
ATOM   813  O  O   . GLN C 1 19 ? -5.363  0.600   -10.856 1.00 48.01 ? 872 GLN C O   1 
ATOM   814  C  CB  . GLN C 1 19 ? -6.097  2.355   -8.083  1.00 47.45 ? 872 GLN C CB  1 
ATOM   815  C  CG  . GLN C 1 19 ? -7.163  2.854   -9.132  1.00 48.73 ? 872 GLN C CG  1 
ATOM   816  C  CD  . GLN C 1 19 ? -7.747  4.255   -8.778  1.00 50.48 ? 872 GLN C CD  1 
ATOM   817  O  OE1 . GLN C 1 19 ? -8.473  4.418   -7.788  1.00 52.10 ? 872 GLN C OE1 1 
ATOM   818  N  NE2 . GLN C 1 19 ? -7.420  5.251   -9.592  1.00 52.78 ? 872 GLN C NE2 1 
ATOM   819  N  N   . ASP C 1 20 ? -3.750  2.061   -10.253 1.00 47.09 ? 873 ASP C N   1 
ATOM   820  C  CA  . ASP C 1 20 ? -3.081  2.185   -11.565 1.00 46.99 ? 873 ASP C CA  1 
ATOM   821  C  C   . ASP C 1 20 ? -2.335  0.936   -12.024 1.00 47.18 ? 873 ASP C C   1 
ATOM   822  O  O   . ASP C 1 20 ? -2.406  0.554   -13.205 1.00 48.11 ? 873 ASP C O   1 
ATOM   823  C  CB  . ASP C 1 20 ? -2.084  3.340   -11.572 1.00 46.68 ? 873 ASP C CB  1 
ATOM   824  C  CG  . ASP C 1 20 ? -2.745  4.658   -11.687 1.00 48.13 ? 873 ASP C CG  1 
ATOM   825  O  OD1 . ASP C 1 20 ? -3.995  4.675   -11.762 1.00 50.33 ? 873 ASP C OD1 1 
ATOM   826  O  OD2 . ASP C 1 20 ? -2.031  5.685   -11.703 1.00 48.99 ? 873 ASP C OD2 1 
ATOM   827  N  N   . ILE C 1 21 ? -1.565  0.343   -11.118 1.00 47.23 ? 874 ILE C N   1 
ATOM   828  C  CA  . ILE C 1 21 ? -0.973  -0.961  -11.370 1.00 46.55 ? 874 ILE C CA  1 
ATOM   829  C  C   . ILE C 1 21 ? -2.073  -1.981  -11.708 1.00 46.48 ? 874 ILE C C   1 
ATOM   830  O  O   . ILE C 1 21 ? -1.878  -2.797  -12.610 1.00 47.16 ? 874 ILE C O   1 
ATOM   831  C  CB  . ILE C 1 21 ? -0.136  -1.473  -10.187 1.00 46.84 ? 874 ILE C CB  1 
ATOM   832  C  CG1 . ILE C 1 21 ? 1.120   -0.600  -9.927  1.00 47.03 ? 874 ILE C CG1 1 
ATOM   833  C  CG2 . ILE C 1 21 ? 0.229   -2.941  -10.355 1.00 46.48 ? 874 ILE C CG2 1 
ATOM   834  C  CD1 . ILE C 1 21 ? 1.591   -0.707  -8.319  1.00 44.42 ? 874 ILE C CD1 1 
ATOM   835  N  N   . GLN C 1 22 ? -3.208  -1.934  -11.010 1.00 46.04 ? 875 GLN C N   1 
ATOM   836  C  CA  . GLN C 1 22 ? -4.331  -2.837  -11.340 1.00 45.04 ? 875 GLN C CA  1 
ATOM   837  C  C   . GLN C 1 22 ? -4.736  -2.620  -12.782 1.00 43.31 ? 875 GLN C C   1 
ATOM   838  O  O   . GLN C 1 22 ? -4.561  -3.519  -13.597 1.00 42.92 ? 875 GLN C O   1 
ATOM   839  C  CB  . GLN C 1 22 ? -5.565  -2.679  -10.433 1.00 44.12 ? 875 GLN C CB  1 
ATOM   840  C  CG  . GLN C 1 22 ? -5.432  -3.216  -8.993  1.00 46.87 ? 875 GLN C CG  1 
ATOM   841  C  CD  . GLN C 1 22 ? -5.191  -4.717  -8.922  1.00 47.43 ? 875 GLN C CD  1 
ATOM   842  O  OE1 . GLN C 1 22 ? -6.122  -5.494  -8.679  1.00 47.84 ? 875 GLN C OE1 1 
ATOM   843  N  NE2 . GLN C 1 22 ? -3.934  -5.134  -9.114  1.00 46.01 ? 875 GLN C NE2 1 
ATOM   844  N  N   . LYS C 1 23 ? -5.274  -1.427  -13.071 1.00 43.14 ? 876 LYS C N   1 
ATOM   845  C  CA  . LYS C 1 23 ? -5.775  -1.050  -14.405 1.00 42.38 ? 876 LYS C CA  1 
ATOM   846  C  C   . LYS C 1 23 ? -4.828  -1.403  -15.549 1.00 41.32 ? 876 LYS C C   1 
ATOM   847  O  O   . LYS C 1 23 ? -5.271  -1.908  -16.592 1.00 41.47 ? 876 LYS C O   1 
ATOM   848  C  CB  . LYS C 1 23 ? -6.185  0.422   -14.414 1.00 43.53 ? 876 LYS C CB  1 
ATOM   849  C  CG  . LYS C 1 23 ? -7.406  0.632   -13.549 1.00 46.20 ? 876 LYS C CG  1 
ATOM   850  C  CD  . LYS C 1 23 ? -7.884  2.045   -13.399 1.00 48.18 ? 876 LYS C CD  1 
ATOM   851  C  CE  . LYS C 1 23 ? -6.809  3.086   -13.500 1.00 53.29 ? 876 LYS C CE  1 
ATOM   852  N  NZ  . LYS C 1 23 ? -7.463  4.452   -13.444 1.00 54.52 ? 876 LYS C NZ  1 
ATOM   853  N  N   . ALA C 1 24 ? -3.521  -1.209  -15.329 1.00 40.53 ? 877 ALA C N   1 
ATOM   854  C  CA  . ALA C 1 24 ? -2.497  -1.513  -16.354 1.00 38.77 ? 877 ALA C CA  1 
ATOM   855  C  C   . ALA C 1 24 ? -2.451  -3.011  -16.624 1.00 38.22 ? 877 ALA C C   1 
ATOM   856  O  O   . ALA C 1 24 ? -2.074  -3.447  -17.731 1.00 36.64 ? 877 ALA C O   1 
ATOM   857  C  CB  . ALA C 1 24 ? -1.098  -1.004  -15.895 1.00 39.13 ? 877 ALA C CB  1 
ATOM   858  N  N   . LEU C 1 25 ? -2.819  -3.799  -15.593 1.00 37.83 ? 878 LEU C N   1 
ATOM   859  C  CA  . LEU C 1 25 ? -2.911  -5.273  -15.707 1.00 36.90 ? 878 LEU C CA  1 
ATOM   860  C  C   . LEU C 1 25 ? -4.243  -5.747  -16.265 1.00 35.93 ? 878 LEU C C   1 
ATOM   861  O  O   . LEU C 1 25 ? -4.256  -6.708  -16.999 1.00 36.62 ? 878 LEU C O   1 
ATOM   862  C  CB  . LEU C 1 25 ? -2.600  -5.971  -14.367 1.00 38.09 ? 878 LEU C CB  1 
ATOM   863  C  CG  . LEU C 1 25 ? -1.230  -5.770  -13.701 1.00 37.74 ? 878 LEU C CG  1 
ATOM   864  C  CD1 . LEU C 1 25 ? -1.394  -5.898  -12.168 1.00 41.52 ? 878 LEU C CD1 1 
ATOM   865  C  CD2 . LEU C 1 25 ? -0.169  -6.723  -14.249 1.00 37.26 ? 878 LEU C CD2 1 
ATOM   866  N  N   . VAL C 1 26 ? -5.361  -5.094  -15.951 1.00 35.78 ? 879 VAL C N   1 
ATOM   867  C  CA  . VAL C 1 26 ? -6.604  -5.439  -16.658 1.00 36.58 ? 879 VAL C CA  1 
ATOM   868  C  C   . VAL C 1 26 ? -6.347  -5.279  -18.165 1.00 37.53 ? 879 VAL C C   1 
ATOM   869  O  O   . VAL C 1 26 ? -6.761  -6.117  -18.960 1.00 37.57 ? 879 VAL C O   1 
ATOM   870  C  CB  . VAL C 1 26 ? -7.792  -4.528  -16.279 1.00 36.67 ? 879 VAL C CB  1 
ATOM   871  C  CG1 . VAL C 1 26 ? -8.979  -4.782  -17.193 1.00 35.20 ? 879 VAL C CG1 1 
ATOM   872  C  CG2 . VAL C 1 26 ? -8.206  -4.691  -14.791 1.00 39.54 ? 879 VAL C CG2 1 
ATOM   873  N  N   . ILE C 1 27 ? -5.661  -4.183  -18.548 1.00 38.13 ? 880 ILE C N   1 
ATOM   874  C  CA  . ILE C 1 27 ? -5.335  -3.929  -19.961 1.00 38.86 ? 880 ILE C CA  1 
ATOM   875  C  C   . ILE C 1 27 ? -4.347  -4.952  -20.474 1.00 38.76 ? 880 ILE C C   1 
ATOM   876  O  O   . ILE C 1 27 ? -4.632  -5.644  -21.427 1.00 39.24 ? 880 ILE C O   1 
ATOM   877  C  CB  . ILE C 1 27 ? -4.814  -2.466  -20.235 1.00 38.36 ? 880 ILE C CB  1 
ATOM   878  C  CG1 . ILE C 1 27 ? -5.859  -1.440  -19.828 1.00 37.44 ? 880 ILE C CG1 1 
ATOM   879  C  CG2 . ILE C 1 27 ? -4.506  -2.274  -21.745 1.00 38.95 ? 880 ILE C CG2 1 
ATOM   880  C  CD1 . ILE C 1 27 ? -5.276  -0.092  -19.498 1.00 41.17 ? 880 ILE C CD1 1 
ATOM   881  N  N   . ALA C 1 28 ? -3.197  -5.035  -19.814 1.00 39.69 ? 881 ALA C N   1 
ATOM   882  C  CA  . ALA C 1 28 ? -2.108  -5.919  -20.210 1.00 40.40 ? 881 ALA C CA  1 
ATOM   883  C  C   . ALA C 1 28 ? -2.454  -7.419  -20.067 1.00 41.18 ? 881 ALA C C   1 
ATOM   884  O  O   . ALA C 1 28 ? -1.593  -8.283  -20.227 1.00 40.47 ? 881 ALA C O   1 
ATOM   885  C  CB  . ALA C 1 28 ? -0.832  -5.550  -19.424 1.00 39.93 ? 881 ALA C CB  1 
ATOM   886  N  N   . GLN C 1 29 ? -3.726  -7.706  -19.774 1.00 42.76 ? 882 GLN C N   1 
ATOM   887  C  CA  . GLN C 1 29 ? -4.208  -9.067  -19.492 1.00 44.26 ? 882 GLN C CA  1 
ATOM   888  C  C   . GLN C 1 29 ? -3.251  -9.793  -18.524 1.00 44.74 ? 882 GLN C C   1 
ATOM   889  O  O   . GLN C 1 29 ? -2.757  -10.877 -18.805 1.00 44.58 ? 882 GLN C O   1 
ATOM   890  C  CB  . GLN C 1 29 ? -4.425  -9.829  -20.795 1.00 44.19 ? 882 GLN C CB  1 
ATOM   891  C  CG  . GLN C 1 29 ? -5.170  -11.163 -20.649 1.00 46.84 ? 882 GLN C CG  1 
ATOM   892  C  CD  . GLN C 1 29 ? -6.658  -11.021 -20.301 1.00 48.42 ? 882 GLN C CD  1 
ATOM   893  O  OE1 . GLN C 1 29 ? -7.456  -11.926 -20.616 1.00 47.48 ? 882 GLN C OE1 1 
ATOM   894  N  NE2 . GLN C 1 29 ? -7.040  -9.893  -19.652 1.00 47.99 ? 882 GLN C NE2 1 
ATOM   895  N  N   . ASN C 1 30 ? -2.988  -9.140  -17.386 1.00 45.61 ? 883 ASN C N   1 
ATOM   896  C  CA  . ASN C 1 30 ? -1.966  -9.561  -16.404 1.00 46.20 ? 883 ASN C CA  1 
ATOM   897  C  C   . ASN C 1 30 ? -0.493  -9.707  -16.918 1.00 46.54 ? 883 ASN C C   1 
ATOM   898  O  O   . ASN C 1 30 ? 0.348   -10.270 -16.220 1.00 46.60 ? 883 ASN C O   1 
ATOM   899  C  CB  . ASN C 1 30 ? -2.447  -10.796 -15.595 1.00 46.18 ? 883 ASN C CB  1 
ATOM   900  C  CG  . ASN C 1 30 ? -3.743  -10.534 -14.773 1.00 46.22 ? 883 ASN C CG  1 
ATOM   901  O  OD1 . ASN C 1 30 ? -4.203  -9.393  -14.638 1.00 45.87 ? 883 ASN C OD1 1 
ATOM   902  N  ND2 . ASN C 1 30 ? -4.325  -11.617 -14.231 1.00 47.80 ? 883 ASN C ND2 1 
ATOM   903  N  N   . ASN C 1 31 ? -0.191  -9.180  -18.113 1.00 47.11 ? 884 ASN C N   1 
ATOM   904  C  CA  . ASN C 1 31 ? 1.172   -9.190  -18.695 1.00 47.86 ? 884 ASN C CA  1 
ATOM   905  C  C   . ASN C 1 31 ? 2.070   -8.109  -18.100 1.00 48.79 ? 884 ASN C C   1 
ATOM   906  O  O   . ASN C 1 31 ? 1.892   -6.922  -18.387 1.00 48.44 ? 884 ASN C O   1 
ATOM   907  C  CB  . ASN C 1 31 ? 1.103   -9.020  -20.222 1.00 47.79 ? 884 ASN C CB  1 
ATOM   908  C  CG  . ASN C 1 31 ? 2.412   -9.521  -20.940 1.00 47.35 ? 884 ASN C CG  1 
ATOM   909  O  OD1 . ASN C 1 31 ? 3.430   -8.727  -21.102 1.00 46.77 ? 884 ASN C OD1 1 
ATOM   910  N  ND2 . ASN C 1 31 ? 2.369   -10.853 -21.402 1.00 45.75 ? 884 ASN C ND2 1 
ATOM   911  N  N   . ILE C 1 32 ? 3.037   -8.547  -17.286 1.00 49.99 ? 885 ILE C N   1 
ATOM   912  C  CA  . ILE C 1 32 ? 3.952   -7.688  -16.489 1.00 50.82 ? 885 ILE C CA  1 
ATOM   913  C  C   . ILE C 1 32 ? 4.794   -6.690  -17.324 1.00 50.74 ? 885 ILE C C   1 
ATOM   914  O  O   . ILE C 1 32 ? 4.865   -5.502  -17.003 1.00 51.42 ? 885 ILE C O   1 
ATOM   915  C  CB  . ILE C 1 32 ? 4.915   -8.575  -15.605 1.00 50.94 ? 885 ILE C CB  1 
ATOM   916  C  CG1 . ILE C 1 32 ? 4.142   -9.352  -14.523 1.00 52.00 ? 885 ILE C CG1 1 
ATOM   917  C  CG2 . ILE C 1 32 ? 6.021   -7.739  -14.972 1.00 51.51 ? 885 ILE C CG2 1 
ATOM   918  C  CD1 . ILE C 1 32 ? 4.869   -10.602 -13.976 1.00 51.06 ? 885 ILE C CD1 1 
ATOM   919  N  N   . GLU C 1 33 ? 5.436   -7.197  -18.369 1.00 50.49 ? 886 GLU C N   1 
ATOM   920  C  CA  . GLU C 1 33 ? 6.314   -6.425  -19.269 1.00 50.39 ? 886 GLU C CA  1 
ATOM   921  C  C   . GLU C 1 33 ? 5.570   -5.280  -20.037 1.00 49.80 ? 886 GLU C C   1 
ATOM   922  O  O   . GLU C 1 33 ? 6.043   -4.000  -20.160 1.00 49.40 ? 886 GLU C O   1 
ATOM   923  C  CB  . GLU C 1 33 ? 6.940   -7.417  -20.263 1.00 50.56 ? 886 GLU C CB  1 
ATOM   924  C  CG  . GLU C 1 33 ? 8.168   -6.921  -21.029 1.00 51.89 ? 886 GLU C CG  1 
ATOM   925  C  CD  . GLU C 1 33 ? 8.272   -7.557  -22.421 1.00 53.04 ? 886 GLU C CD  1 
ATOM   926  O  OE1 . GLU C 1 33 ? 9.357   -8.067  -22.787 1.00 53.33 ? 886 GLU C OE1 1 
ATOM   927  O  OE2 . GLU C 1 33 ? 7.261   -7.554  -23.158 1.00 54.33 ? 886 GLU C OE2 1 
HETATM 928  N  N   . MSE C 1 34 ? 4.212   -5.557  -20.242 1.00 48.94 ? 887 MSE C N   1 
HETATM 929  C  CA  . MSE C 1 34 ? 3.316   -4.568  -20.834 1.00 48.97 ? 887 MSE C CA  1 
HETATM 930  C  C   . MSE C 1 34 ? 2.716   -3.611  -19.792 1.00 47.40 ? 887 MSE C C   1 
HETATM 931  O  O   . MSE C 1 34 ? 2.533   -2.402  -20.060 1.00 45.34 ? 887 MSE C O   1 
HETATM 932  C  CB  . MSE C 1 34 ? 2.175   -5.272  -21.555 1.00 48.93 ? 887 MSE C CB  1 
HETATM 933  C  CG  . MSE C 1 34 ? 1.512   -4.406  -22.620 1.00 51.01 ? 887 MSE C CG  1 
HETATM 934  SE SE  . MSE C 1 34 ? -0.235  -5.089  -23.182 0.80 53.54 ? 887 MSE C SE  1 
HETATM 935  C  CE  . MSE C 1 34 ? -1.282  -3.601  -22.583 1.00 52.53 ? 887 MSE C CE  1 
ATOM   936  N  N   . ALA C 1 35 ? 2.369   -4.177  -18.630 1.00 45.95 ? 888 ALA C N   1 
ATOM   937  C  CA  . ALA C 1 35 ? 1.871   -3.420  -17.498 1.00 45.40 ? 888 ALA C CA  1 
ATOM   938  C  C   . ALA C 1 35 ? 2.845   -2.301  -17.204 1.00 44.98 ? 888 ALA C C   1 
ATOM   939  O  O   . ALA C 1 35 ? 2.465   -1.141  -17.241 1.00 44.99 ? 888 ALA C O   1 
ATOM   940  C  CB  . ALA C 1 35 ? 1.711   -4.349  -16.241 1.00 45.77 ? 888 ALA C CB  1 
ATOM   941  N  N   . LYS C 1 36 ? 4.118   -2.657  -16.985 1.00 45.29 ? 889 LYS C N   1 
ATOM   942  C  CA  . LYS C 1 36 ? 5.161   -1.699  -16.600 1.00 46.08 ? 889 LYS C CA  1 
ATOM   943  C  C   . LYS C 1 36 ? 5.250   -0.616  -17.639 1.00 46.88 ? 889 LYS C C   1 
ATOM   944  O  O   . LYS C 1 36 ? 5.512   0.556   -17.334 1.00 47.39 ? 889 LYS C O   1 
ATOM   945  C  CB  . LYS C 1 36 ? 6.521   -2.388  -16.449 1.00 45.43 ? 889 LYS C CB  1 
ATOM   946  C  CG  . LYS C 1 36 ? 6.630   -3.234  -15.172 1.00 46.21 ? 889 LYS C CG  1 
ATOM   947  C  CD  . LYS C 1 36 ? 8.011   -3.890  -15.010 1.00 46.76 ? 889 LYS C CD  1 
ATOM   948  C  CE  . LYS C 1 36 ? 8.175   -4.421  -13.588 1.00 48.24 ? 889 LYS C CE  1 
ATOM   949  N  NZ  . LYS C 1 36 ? 9.493   -5.084  -13.363 1.00 49.16 ? 889 LYS C NZ  1 
ATOM   950  N  N   . ASN C 1 37 ? 5.010   -1.038  -18.880 1.00 47.29 ? 890 ASN C N   1 
ATOM   951  C  CA  . ASN C 1 37 ? 5.100   -0.158  -20.004 1.00 47.87 ? 890 ASN C CA  1 
ATOM   952  C  C   . ASN C 1 37 ? 4.033   0.921   -20.038 1.00 47.44 ? 890 ASN C C   1 
ATOM   953  O  O   . ASN C 1 37 ? 4.369   2.101   -20.165 1.00 47.64 ? 890 ASN C O   1 
ATOM   954  C  CB  . ASN C 1 37 ? 5.121   -0.935  -21.294 1.00 47.48 ? 890 ASN C CB  1 
ATOM   955  C  CG  . ASN C 1 37 ? 6.101   -0.385  -22.211 1.00 49.57 ? 890 ASN C CG  1 
ATOM   956  O  OD1 . ASN C 1 37 ? 7.216   -0.901  -22.292 1.00 54.46 ? 890 ASN C OD1 1 
ATOM   957  N  ND2 . ASN C 1 37 ? 5.756   0.722   -22.866 1.00 48.43 ? 890 ASN C ND2 1 
ATOM   958  N  N   . ILE C 1 38 ? 2.766   0.503   -19.935 1.00 46.91 ? 891 ILE C N   1 
ATOM   959  C  CA  . ILE C 1 38 ? 1.647   1.428   -19.723 1.00 46.48 ? 891 ILE C CA  1 
ATOM   960  C  C   . ILE C 1 38 ? 1.909   2.440   -18.583 1.00 46.62 ? 891 ILE C C   1 
ATOM   961  O  O   . ILE C 1 38 ? 1.573   3.619   -18.683 1.00 47.68 ? 891 ILE C O   1 
ATOM   962  C  CB  . ILE C 1 38 ? 0.363   0.627   -19.412 1.00 46.47 ? 891 ILE C CB  1 
ATOM   963  C  CG1 . ILE C 1 38 ? -0.021  -0.199  -20.645 1.00 43.47 ? 891 ILE C CG1 1 
ATOM   964  C  CG2 . ILE C 1 38 ? -0.771  1.536   -18.902 1.00 43.83 ? 891 ILE C CG2 1 
ATOM   965  C  CD1 . ILE C 1 38 ? -1.316  -0.927  -20.554 1.00 42.03 ? 891 ILE C CD1 1 
ATOM   966  N  N   . LEU C 1 39 ? 2.482   1.953   -17.491 1.00 46.91 ? 892 LEU C N   1 
ATOM   967  C  CA  . LEU C 1 39 ? 2.666   2.754   -16.285 1.00 46.27 ? 892 LEU C CA  1 
ATOM   968  C  C   . LEU C 1 39 ? 3.781   3.743   -16.498 1.00 47.09 ? 892 LEU C C   1 
ATOM   969  O  O   . LEU C 1 39 ? 3.688   4.896   -16.050 1.00 47.41 ? 892 LEU C O   1 
ATOM   970  C  CB  . LEU C 1 39 ? 3.013   1.849   -15.094 1.00 44.96 ? 892 LEU C CB  1 
ATOM   971  C  CG  . LEU C 1 39 ? 1.871   0.990   -14.585 1.00 42.88 ? 892 LEU C CG  1 
ATOM   972  C  CD1 . LEU C 1 39 ? 2.386   0.029   -13.552 1.00 39.48 ? 892 LEU C CD1 1 
ATOM   973  C  CD2 . LEU C 1 39 ? 0.746   1.897   -13.997 1.00 37.00 ? 892 LEU C CD2 1 
ATOM   974  N  N   . ARG C 1 40 ? 4.837   3.266   -17.174 1.00 47.49 ? 893 ARG C N   1 
ATOM   975  C  CA  . ARG C 1 40 ? 5.982   4.095   -17.508 1.00 48.37 ? 893 ARG C CA  1 
ATOM   976  C  C   . ARG C 1 40 ? 5.512   5.225   -18.428 1.00 47.91 ? 893 ARG C C   1 
ATOM   977  O  O   . ARG C 1 40 ? 5.994   6.346   -18.289 1.00 46.88 ? 893 ARG C O   1 
ATOM   978  C  CB  . ARG C 1 40 ? 7.123   3.276   -18.142 1.00 48.28 ? 893 ARG C CB  1 
ATOM   979  C  CG  . ARG C 1 40 ? 8.358   4.115   -18.538 1.00 49.64 ? 893 ARG C CG  1 
ATOM   980  C  CD  . ARG C 1 40 ? 9.480   3.289   -19.229 1.00 48.82 ? 893 ARG C CD  1 
ATOM   981  N  NE  . ARG C 1 40 ? 10.032  3.944   -20.425 1.00 46.99 ? 893 ARG C NE  1 
ATOM   982  C  CZ  . ARG C 1 40 ? 11.170  3.584   -21.046 1.00 47.43 ? 893 ARG C CZ  1 
ATOM   983  N  NH1 . ARG C 1 40 ? 11.915  2.578   -20.592 1.00 46.13 ? 893 ARG C NH1 1 
ATOM   984  N  NH2 . ARG C 1 40 ? 11.580  4.232   -22.129 1.00 44.90 ? 893 ARG C NH2 1 
ATOM   985  N  N   . GLU C 1 41 ? 4.549   4.920   -19.312 1.00 48.29 ? 894 GLU C N   1 
ATOM   986  C  CA  . GLU C 1 41 ? 4.034   5.878   -20.335 1.00 48.86 ? 894 GLU C CA  1 
ATOM   987  C  C   . GLU C 1 41 ? 2.919   6.851   -19.858 1.00 48.93 ? 894 GLU C C   1 
ATOM   988  O  O   . GLU C 1 41 ? 2.863   8.000   -20.322 1.00 48.03 ? 894 GLU C O   1 
ATOM   989  C  CB  . GLU C 1 41 ? 3.577   5.144   -21.609 1.00 48.27 ? 894 GLU C CB  1 
ATOM   990  C  CG  . GLU C 1 41 ? 4.702   4.399   -22.356 1.00 49.03 ? 894 GLU C CG  1 
ATOM   991  C  CD  . GLU C 1 41 ? 5.921   5.288   -22.686 1.00 49.64 ? 894 GLU C CD  1 
ATOM   992  O  OE1 . GLU C 1 41 ? 5.772   6.519   -22.871 1.00 48.78 ? 894 GLU C OE1 1 
ATOM   993  O  OE2 . GLU C 1 41 ? 7.042   4.743   -22.767 1.00 51.11 ? 894 GLU C OE2 1 
ATOM   994  N  N   . PHE C 1 42 ? 2.068   6.396   -18.931 1.00 48.52 ? 895 PHE C N   1 
ATOM   995  C  CA  . PHE C 1 42 ? 0.826   7.125   -18.606 1.00 49.11 ? 895 PHE C CA  1 
ATOM   996  C  C   . PHE C 1 42 ? 0.558   7.405   -17.135 1.00 49.42 ? 895 PHE C C   1 
ATOM   997  O  O   . PHE C 1 42 ? -0.324  8.213   -16.830 1.00 49.36 ? 895 PHE C O   1 
ATOM   998  C  CB  . PHE C 1 42 ? -0.389  6.338   -19.101 1.00 48.71 ? 895 PHE C CB  1 
ATOM   999  C  CG  . PHE C 1 42 ? -0.615  6.432   -20.560 1.00 49.78 ? 895 PHE C CG  1 
ATOM   1000 C  CD1 . PHE C 1 42 ? -1.128  7.603   -21.127 1.00 46.88 ? 895 PHE C CD1 1 
ATOM   1001 C  CD2 . PHE C 1 42 ? -0.302  5.358   -21.386 1.00 46.09 ? 895 PHE C CD2 1 
ATOM   1002 C  CE1 . PHE C 1 42 ? -1.331  7.692   -22.510 1.00 47.75 ? 895 PHE C CE1 1 
ATOM   1003 C  CE2 . PHE C 1 42 ? -0.511  5.447   -22.752 1.00 49.38 ? 895 PHE C CE2 1 
ATOM   1004 C  CZ  . PHE C 1 42 ? -1.016  6.617   -23.323 1.00 47.22 ? 895 PHE C CZ  1 
ATOM   1005 N  N   . ALA C 1 43 ? 1.238   6.692   -16.233 1.00 49.65 ? 896 ALA C N   1 
ATOM   1006 C  CA  . ALA C 1 43 ? 0.910   6.772   -14.792 1.00 50.17 ? 896 ALA C CA  1 
ATOM   1007 C  C   . ALA C 1 43 ? 1.787   7.740   -13.992 1.00 50.97 ? 896 ALA C C   1 
ATOM   1008 O  O   . ALA C 1 43 ? 2.960   7.958   -14.308 1.00 50.97 ? 896 ALA C O   1 
ATOM   1009 C  CB  . ALA C 1 43 ? 0.922   5.405   -14.172 1.00 49.18 ? 896 ALA C CB  1 
ATOM   1010 N  N   . ALA C 1 44 ? 1.201   8.320   -12.947 1.00 52.05 ? 897 ALA C N   1 
ATOM   1011 C  CA  . ALA C 1 44 ? 1.941   9.180   -12.038 1.00 52.80 ? 897 ALA C CA  1 
ATOM   1012 C  C   . ALA C 1 44 ? 2.749   8.299   -11.085 1.00 53.26 ? 897 ALA C C   1 
ATOM   1013 O  O   . ALA C 1 44 ? 2.354   7.159   -10.814 1.00 54.50 ? 897 ALA C O   1 
ATOM   1014 C  CB  . ALA C 1 44 ? 0.981   10.091  -11.270 1.00 53.31 ? 897 ALA C CB  1 
ATOM   1015 N  N   . ALA C 1 45 ? 3.890   8.803   -10.617 1.00 52.99 ? 898 ALA C N   1 
ATOM   1016 C  CA  . ALA C 1 45 ? 4.700   8.106   -9.615  1.00 52.59 ? 898 ALA C CA  1 
ATOM   1017 C  C   . ALA C 1 45 ? 4.978   9.047   -8.447  1.00 52.64 ? 898 ALA C C   1 
ATOM   1018 O  O   . ALA C 1 45 ? 4.378   10.119  -8.354  1.00 52.44 ? 898 ALA C O   1 
ATOM   1019 C  CB  . ALA C 1 45 ? 5.993   7.594   -10.219 1.00 52.49 ? 898 ALA C CB  1 
HETATM 1020 O  O   . HOH D 2 .  ? 4.027   -11.627 12.590  1.00 53.25 ? 4   HOH A O   1 
HETATM 1021 O  O   . HOH D 2 .  ? -4.934  5.202   16.439  1.00 28.34 ? 5   HOH A O   1 
HETATM 1022 O  O   . HOH D 2 .  ? -12.363 -17.366 1.196   1.00 29.24 ? 6   HOH A O   1 
HETATM 1023 O  O   . HOH D 2 .  ? -2.165  -6.785  14.233  1.00 27.88 ? 8   HOH A O   1 
HETATM 1024 O  O   . HOH D 2 .  ? -11.716 -0.926  3.785   1.00 31.41 ? 9   HOH A O   1 
HETATM 1025 O  O   . HOH D 2 .  ? 6.650   -7.501  6.123   1.00 39.35 ? 12  HOH A O   1 
HETATM 1026 O  O   . HOH D 2 .  ? -2.460  -9.540  -1.653  1.00 33.48 ? 16  HOH A O   1 
HETATM 1027 O  O   . HOH D 2 .  ? -7.476  -5.190  11.782  1.00 34.68 ? 19  HOH A O   1 
HETATM 1028 O  O   . HOH D 2 .  ? 1.977   -5.745  15.690  1.00 35.19 ? 20  HOH A O   1 
HETATM 1029 O  O   . HOH D 2 .  ? -7.436  2.512   0.154   1.00 42.63 ? 30  HOH A O   1 
HETATM 1030 O  O   . HOH D 2 .  ? -15.914 -1.301  2.706   1.00 45.39 ? 32  HOH A O   1 
HETATM 1031 O  O   . HOH D 2 .  ? 4.889   -8.143  12.171  1.00 40.90 ? 35  HOH A O   1 
HETATM 1032 O  O   . HOH D 2 .  ? 1.883   -12.145 11.151  1.00 41.65 ? 36  HOH A O   1 
HETATM 1033 O  O   . HOH D 2 .  ? -2.051  -9.358  14.558  1.00 47.15 ? 39  HOH A O   1 
HETATM 1034 O  O   . HOH D 2 .  ? -9.690  2.653   3.280   1.00 33.36 ? 41  HOH A O   1 
HETATM 1035 O  O   . HOH D 2 .  ? -1.989  -11.791 13.381  1.00 57.97 ? 43  HOH A O   1 
HETATM 1036 O  O   . HOH D 2 .  ? -14.955 -13.500 11.880  1.00 53.90 ? 45  HOH A O   1 
HETATM 1037 O  O   . HOH D 2 .  ? -9.746  3.517   -1.295  1.00 50.13 ? 46  HOH A O   1 
HETATM 1038 O  O   . HOH D 2 .  ? 1.908   -13.546 8.761   1.00 60.50 ? 49  HOH A O   1 
HETATM 1039 O  O   . HOH D 2 .  ? -7.531  -11.853 10.100  1.00 52.81 ? 56  HOH A O   1 
HETATM 1040 O  O   . HOH D 2 .  ? -1.918  -9.609  -4.599  1.00 53.85 ? 58  HOH A O   1 
HETATM 1041 O  O   . HOH D 2 .  ? -8.301  4.450   0.773   1.00 63.28 ? 63  HOH A O   1 
HETATM 1042 O  O   . HOH D 2 .  ? -6.856  1.319   -4.235  1.00 58.94 ? 64  HOH A O   1 
HETATM 1043 O  O   . HOH D 2 .  ? -7.933  -7.144  12.795  1.00 46.15 ? 67  HOH A O   1 
HETATM 1044 O  O   . HOH D 2 .  ? -3.345  -0.793  16.191  1.00 29.38 ? 70  HOH A O   1 
HETATM 1045 O  O   . HOH D 2 .  ? -7.069  7.189   9.532   1.00 59.08 ? 71  HOH A O   1 
HETATM 1046 O  O   . HOH D 2 .  ? -18.116 -1.848  10.171  1.00 61.71 ? 72  HOH A O   1 
HETATM 1047 O  O   . HOH E 2 .  ? 18.911  12.515  9.263   1.00 32.80 ? 1   HOH B O   1 
HETATM 1048 O  O   . HOH E 2 .  ? 14.199  2.501   5.958   0.50 34.00 ? 2   HOH B O   1 
HETATM 1049 O  O   . HOH E 2 .  ? 13.481  2.170   3.238   1.00 32.91 ? 3   HOH B O   1 
HETATM 1050 O  O   . HOH E 2 .  ? 9.245   -3.585  8.139   1.00 41.16 ? 10  HOH B O   1 
HETATM 1051 O  O   . HOH E 2 .  ? 7.411   3.623   -1.354  1.00 38.00 ? 11  HOH B O   1 
HETATM 1052 O  O   . HOH E 2 .  ? 3.351   -3.615  12.230  1.00 31.62 ? 14  HOH B O   1 
HETATM 1053 O  O   . HOH E 2 .  ? 16.426  12.526  2.802   1.00 39.46 ? 15  HOH B O   1 
HETATM 1054 O  O   . HOH E 2 .  ? -7.895  4.503   3.289   1.00 45.43 ? 17  HOH B O   1 
HETATM 1055 O  O   . HOH E 2 .  ? -4.927  7.468   10.540  1.00 41.05 ? 18  HOH B O   1 
HETATM 1056 O  O   . HOH E 2 .  ? -5.366  9.324   7.067   1.00 36.19 ? 21  HOH B O   1 
HETATM 1057 O  O   . HOH E 2 .  ? -2.485  12.242  6.915   1.00 42.11 ? 23  HOH B O   1 
HETATM 1058 O  O   . HOH E 2 .  ? 4.060   8.449   -0.025  1.00 41.87 ? 24  HOH B O   1 
HETATM 1059 O  O   . HOH E 2 .  ? 1.566   2.982   -4.093  1.00 43.82 ? 26  HOH B O   1 
HETATM 1060 O  O   . HOH E 2 .  ? -0.298  15.295  13.308  1.00 43.73 ? 28  HOH B O   1 
HETATM 1061 O  O   . HOH E 2 .  ? 6.014   12.437  11.371  1.00 45.29 ? 31  HOH B O   1 
HETATM 1062 O  O   . HOH E 2 .  ? -4.017  7.650   15.387  1.00 41.15 ? 33  HOH B O   1 
HETATM 1063 O  O   . HOH E 2 .  ? 13.346  12.948  1.095   1.00 55.67 ? 37  HOH B O   1 
HETATM 1064 O  O   . HOH E 2 .  ? -4.562  2.893   -5.169  1.00 41.41 ? 38  HOH B O   1 
HETATM 1065 O  O   . HOH E 2 .  ? 6.082   9.403   -1.126  1.00 40.90 ? 40  HOH B O   1 
HETATM 1066 O  O   . HOH E 2 .  ? 19.056  10.025  0.006   1.00 42.86 ? 42  HOH B O   1 
HETATM 1067 O  O   . HOH E 2 .  ? 12.476  5.610   0.633   1.00 45.62 ? 44  HOH B O   1 
HETATM 1068 O  O   . HOH E 2 .  ? 1.171   17.960  7.125   1.00 48.51 ? 48  HOH B O   1 
HETATM 1069 O  O   . HOH E 2 .  ? 8.207   10.976  -0.655  1.00 52.20 ? 51  HOH B O   1 
HETATM 1070 O  O   . HOH E 2 .  ? -3.397  9.777   12.786  1.00 50.15 ? 52  HOH B O   1 
HETATM 1071 O  O   . HOH E 2 .  ? -6.029  4.698   -2.315  1.00 47.84 ? 54  HOH B O   1 
HETATM 1072 O  O   . HOH E 2 .  ? 6.243   8.970   17.244  1.00 58.49 ? 55  HOH B O   1 
HETATM 1073 O  O   . HOH E 2 .  ? -3.717  12.989  11.729  1.00 47.66 ? 57  HOH B O   1 
HETATM 1074 O  O   . HOH E 2 .  ? 14.077  -0.453  9.423   1.00 51.58 ? 59  HOH B O   1 
HETATM 1075 O  O   . HOH E 2 .  ? 0.441   9.251   19.514  1.00 56.08 ? 61  HOH B O   1 
HETATM 1076 O  O   . HOH E 2 .  ? 17.726  13.685  10.186  1.00 37.58 ? 66  HOH B O   1 
HETATM 1077 O  O   . HOH E 2 .  ? 15.967  13.242  12.182  1.00 47.65 ? 68  HOH B O   1 
HETATM 1078 O  O   . HOH E 2 .  ? 17.842  16.619  11.506  1.00 56.39 ? 73  HOH B O   1 
HETATM 1079 O  O   . HOH E 2 .  ? 12.292  23.248  2.194   1.00 65.16 ? 74  HOH B O   1 
HETATM 1080 O  O   . HOH E 2 .  ? 11.031  23.222  -0.611  1.00 63.74 ? 75  HOH B O   1 
HETATM 1081 O  O   . HOH E 2 .  ? 9.840   9.842   -2.071  1.00 55.05 ? 76  HOH B O   1 
HETATM 1082 O  O   . HOH E 2 .  ? 5.450   9.436   -4.510  1.00 60.96 ? 77  HOH B O   1 
HETATM 1083 O  O   . HOH F 2 .  ? -6.197  -10.010 -23.569 1.00 65.03 ? 7   HOH C O   1 
HETATM 1084 O  O   . HOH F 2 .  ? -7.716  -1.197  -16.640 1.00 43.30 ? 13  HOH C O   1 
HETATM 1085 O  O   . HOH F 2 .  ? 3.569   -9.583  -10.975 1.00 66.55 ? 22  HOH C O   1 
HETATM 1086 O  O   . HOH F 2 .  ? 9.017   -7.472  -7.808  1.00 69.20 ? 25  HOH C O   1 
HETATM 1087 O  O   . HOH F 2 .  ? 5.067   -10.945 -8.269  1.00 68.71 ? 27  HOH C O   1 
HETATM 1088 O  O   . HOH F 2 .  ? 7.969   -4.940  -10.106 1.00 77.74 ? 47  HOH C O   1 
HETATM 1089 O  O   . HOH F 2 .  ? 11.242  0.413   -5.759  1.00 56.78 ? 53  HOH C O   1 
HETATM 1090 O  O   . HOH F 2 .  ? -7.718  -4.337  -21.128 1.00 50.58 ? 62  HOH C O   1 
HETATM 1091 O  O   . HOH F 2 .  ? -7.169  -9.641  -16.063 1.00 48.42 ? 65  HOH C O   1 
HETATM 1092 O  O   . HOH F 2 .  ? 8.118   0.410   -19.950 1.00 59.45 ? 78  HOH C O   1 
# 
